data_1PYH
#
_entry.id   1PYH
#
_cell.length_a   76.037
_cell.length_b   119.024
_cell.length_c   130.432
_cell.angle_alpha   69.32
_cell.angle_beta   72.69
_cell.angle_gamma   66.52
#
_symmetry.space_group_name_H-M   'P 1'
#
loop_
_entity.id
_entity.type
_entity.pdbx_description
1 polymer 'Reaction center protein L chain'
2 polymer 'Reaction center protein M chain'
3 polymer 'Reaction center protein H chain'
4 polymer 'Light-harvesting protein B-800/850, alpha chain'
5 polymer 'Light-harvesting protein B-800/850, beta chain'
6 non-polymer 'BACTERIOCHLOROPHYLL A'
7 non-polymer 'BACTERIOPHEOPHYTIN A'
8 non-polymer 'FE (III) ION'
#
loop_
_entity_poly.entity_id
_entity_poly.type
_entity_poly.pdbx_seq_one_letter_code
_entity_poly.pdbx_strand_id
1 'polypeptide(L)'
;(UNK)(UNK)(UNK)(UNK)(UNK)(UNK)(UNK)(UNK)(UNK)(UNK)(UNK)(UNK)(UNK)(UNK)(UNK)(UNK)
(UNK)(UNK)(UNK)(UNK)(UNK)(UNK)(UNK)(UNK)(UNK)(UNK)(UNK)(UNK)(UNK)(UNK)(UNK)(UNK)
(UNK)(UNK)(UNK)(UNK)(UNK)(UNK)(UNK)(UNK)(UNK)(UNK)(UNK)(UNK)(UNK)(UNK)(UNK)(UNK)
(UNK)(UNK)(UNK)(UNK)(UNK)(UNK)(UNK)(UNK)(UNK)(UNK)(UNK)(UNK)(UNK)(UNK)(UNK)(UNK)
(UNK)(UNK)(UNK)(UNK)(UNK)(UNK)(UNK)(UNK)(UNK)(UNK)(UNK)(UNK)(UNK)(UNK)(UNK)(UNK)
(UNK)(UNK)(UNK)(UNK)(UNK)(UNK)(UNK)(UNK)(UNK)(UNK)(UNK)(UNK)(UNK)(UNK)(UNK)(UNK)
(UNK)(UNK)(UNK)(UNK)(UNK)(UNK)(UNK)(UNK)(UNK)(UNK)(UNK)(UNK)(UNK)(UNK)(UNK)(UNK)
(UNK)(UNK)(UNK)(UNK)(UNK)(UNK)(UNK)(UNK)(UNK)(UNK)(UNK)(UNK)(UNK)(UNK)(UNK)(UNK)
(UNK)(UNK)(UNK)(UNK)(UNK)(UNK)(UNK)(UNK)(UNK)(UNK)(UNK)(UNK)(UNK)(UNK)(UNK)(UNK)
(UNK)(UNK)(UNK)(UNK)(UNK)(UNK)(UNK)(UNK)(UNK)(UNK)(UNK)(UNK)(UNK)(UNK)(UNK)(UNK)
(UNK)(UNK)(UNK)(UNK)(UNK)(UNK)(UNK)(UNK)(UNK)(UNK)(UNK)(UNK)(UNK)(UNK)(UNK)(UNK)
(UNK)(UNK)(UNK)(UNK)(UNK)(UNK)(UNK)(UNK)(UNK)(UNK)(UNK)(UNK)(UNK)(UNK)(UNK)(UNK)
(UNK)(UNK)(UNK)(UNK)(UNK)(UNK)(UNK)(UNK)(UNK)(UNK)(UNK)(UNK)(UNK)(UNK)(UNK)(UNK)
(UNK)(UNK)(UNK)(UNK)(UNK)(UNK)(UNK)(UNK)(UNK)(UNK)(UNK)(UNK)(UNK)(UNK)(UNK)(UNK)
(UNK)(UNK)(UNK)(UNK)(UNK)(UNK)(UNK)(UNK)(UNK)(UNK)(UNK)(UNK)(UNK)(UNK)(UNK)(UNK)
(UNK)(UNK)(UNK)(UNK)(UNK)(UNK)(UNK)(UNK)(UNK)(UNK)(UNK)(UNK)(UNK)(UNK)(UNK)(UNK)
(UNK)(UNK)(UNK)(UNK)(UNK)(UNK)(UNK)(UNK)(UNK)(UNK)(UNK)(UNK)(UNK)(UNK)(UNK)(UNK)
(UNK)(UNK)(UNK)(UNK)(UNK)(UNK)(UNK)(UNK)(UNK)
;
A
2 'polypeptide(L)'
;(UNK)(UNK)(UNK)(UNK)(UNK)(UNK)(UNK)(UNK)(UNK)(UNK)(UNK)(UNK)(UNK)(UNK)(UNK)(UNK)
(UNK)(UNK)(UNK)(UNK)(UNK)(UNK)(UNK)(UNK)(UNK)(UNK)(UNK)(UNK)(UNK)(UNK)(UNK)(UNK)
(UNK)(UNK)(UNK)(UNK)(UNK)(UNK)(UNK)(UNK)(UNK)(UNK)(UNK)(UNK)(UNK)(UNK)(UNK)(UNK)
(UNK)(UNK)(UNK)(UNK)(UNK)(UNK)(UNK)(UNK)(UNK)(UNK)(UNK)(UNK)(UNK)(UNK)(UNK)(UNK)
(UNK)(UNK)(UNK)(UNK)(UNK)(UNK)(UNK)(UNK)(UNK)(UNK)(UNK)(UNK)(UNK)(UNK)(UNK)(UNK)
(UNK)(UNK)(UNK)(UNK)(UNK)(UNK)(UNK)(UNK)(UNK)(UNK)(UNK)(UNK)(UNK)(UNK)(UNK)(UNK)
(UNK)(UNK)(UNK)(UNK)(UNK)(UNK)(UNK)(UNK)(UNK)(UNK)(UNK)(UNK)(UNK)(UNK)(UNK)(UNK)
(UNK)(UNK)(UNK)(UNK)(UNK)(UNK)(UNK)(UNK)(UNK)(UNK)(UNK)(UNK)(UNK)(UNK)(UNK)(UNK)
(UNK)(UNK)(UNK)(UNK)(UNK)(UNK)(UNK)(UNK)(UNK)(UNK)(UNK)(UNK)(UNK)(UNK)(UNK)(UNK)
(UNK)(UNK)(UNK)(UNK)(UNK)(UNK)(UNK)(UNK)(UNK)(UNK)(UNK)(UNK)(UNK)(UNK)(UNK)(UNK)
(UNK)(UNK)(UNK)(UNK)(UNK)(UNK)(UNK)(UNK)(UNK)(UNK)(UNK)(UNK)(UNK)(UNK)(UNK)(UNK)
(UNK)(UNK)(UNK)(UNK)(UNK)(UNK)(UNK)(UNK)(UNK)(UNK)(UNK)(UNK)(UNK)(UNK)(UNK)(UNK)
(UNK)(UNK)(UNK)(UNK)(UNK)(UNK)(UNK)(UNK)(UNK)(UNK)(UNK)(UNK)(UNK)(UNK)(UNK)(UNK)
(UNK)(UNK)(UNK)(UNK)(UNK)(UNK)(UNK)(UNK)(UNK)(UNK)(UNK)(UNK)(UNK)(UNK)(UNK)(UNK)
(UNK)(UNK)(UNK)(UNK)(UNK)(UNK)(UNK)(UNK)(UNK)(UNK)(UNK)(UNK)(UNK)(UNK)(UNK)(UNK)
(UNK)(UNK)(UNK)(UNK)(UNK)(UNK)(UNK)(UNK)(UNK)(UNK)(UNK)(UNK)(UNK)(UNK)(UNK)(UNK)
(UNK)(UNK)(UNK)(UNK)(UNK)(UNK)(UNK)(UNK)(UNK)(UNK)(UNK)(UNK)(UNK)(UNK)(UNK)(UNK)
(UNK)(UNK)(UNK)(UNK)(UNK)(UNK)(UNK)(UNK)(UNK)(UNK)(UNK)(UNK)(UNK)(UNK)(UNK)(UNK)
(UNK)(UNK)(UNK)(UNK)(UNK)(UNK)(UNK)(UNK)(UNK)(UNK)(UNK)(UNK)(UNK)(UNK)
;
B
3 'polypeptide(L)'
;(UNK)(UNK)(UNK)(UNK)(UNK)(UNK)(UNK)(UNK)(UNK)(UNK)(UNK)(UNK)(UNK)(UNK)(UNK)(UNK)
(UNK)(UNK)(UNK)(UNK)(UNK)(UNK)(UNK)(UNK)(UNK)(UNK)(UNK)(UNK)(UNK)(UNK)(UNK)(UNK)
(UNK)(UNK)(UNK)(UNK)(UNK)(UNK)(UNK)(UNK)(UNK)(UNK)(UNK)(UNK)(UNK)(UNK)(UNK)(UNK)
(UNK)(UNK)(UNK)(UNK)(UNK)(UNK)(UNK)(UNK)(UNK)(UNK)(UNK)(UNK)(UNK)(UNK)(UNK)(UNK)
(UNK)(UNK)(UNK)(UNK)(UNK)(UNK)(UNK)(UNK)(UNK)(UNK)(UNK)(UNK)(UNK)(UNK)(UNK)(UNK)
(UNK)(UNK)(UNK)(UNK)(UNK)(UNK)(UNK)(UNK)(UNK)(UNK)(UNK)(UNK)(UNK)(UNK)(UNK)(UNK)
(UNK)(UNK)(UNK)(UNK)(UNK)(UNK)(UNK)(UNK)(UNK)(UNK)(UNK)(UNK)(UNK)(UNK)(UNK)(UNK)
(UNK)(UNK)(UNK)(UNK)(UNK)(UNK)(UNK)(UNK)(UNK)(UNK)(UNK)(UNK)(UNK)(UNK)(UNK)(UNK)
(UNK)(UNK)(UNK)(UNK)(UNK)(UNK)(UNK)(UNK)(UNK)(UNK)(UNK)(UNK)(UNK)(UNK)(UNK)(UNK)
(UNK)(UNK)(UNK)(UNK)(UNK)(UNK)(UNK)(UNK)(UNK)(UNK)(UNK)(UNK)(UNK)(UNK)(UNK)(UNK)
(UNK)(UNK)(UNK)(UNK)(UNK)(UNK)(UNK)(UNK)(UNK)(UNK)(UNK)(UNK)(UNK)(UNK)(UNK)(UNK)
(UNK)(UNK)(UNK)(UNK)(UNK)(UNK)(UNK)(UNK)(UNK)(UNK)(UNK)(UNK)(UNK)(UNK)(UNK)(UNK)
(UNK)(UNK)(UNK)(UNK)(UNK)(UNK)(UNK)(UNK)(UNK)(UNK)(UNK)(UNK)(UNK)(UNK)(UNK)(UNK)
(UNK)(UNK)(UNK)(UNK)(UNK)(UNK)(UNK)(UNK)(UNK)(UNK)(UNK)(UNK)(UNK)(UNK)(UNK)(UNK)
(UNK)(UNK)(UNK)(UNK)(UNK)(UNK)(UNK)(UNK)(UNK)(UNK)(UNK)(UNK)(UNK)(UNK)(UNK)(UNK)
(UNK)
;
C
4 'polypeptide(L)'
;(UNK)(UNK)(UNK)(UNK)(UNK)(UNK)(UNK)(UNK)(UNK)(UNK)(UNK)(UNK)(UNK)(UNK)(UNK)(UNK)
(UNK)(UNK)(UNK)(UNK)(UNK)(UNK)(UNK)(UNK)(UNK)(UNK)
;
D,F,H,J,L,N,P,R,T,V,X,Z,1,3,5,7
5 'polypeptide(L)'
;(UNK)(UNK)(UNK)(UNK)(UNK)(UNK)(UNK)(UNK)(UNK)(UNK)(UNK)(UNK)(UNK)(UNK)(UNK)(UNK)
(UNK)(UNK)(UNK)(UNK)(UNK)(UNK)(UNK)(UNK)(UNK)(UNK)(UNK)(UNK)(UNK)(UNK)
;
E,G,I,K,M,O,Q,S,U,W,Y,2,4,6,8
#
# COMPACT_ATOMS: atom_id res chain seq x y z
N UNK A 1 -23.68 10.67 -18.65
CA UNK A 1 -23.27 9.34 -18.29
C UNK A 1 -21.91 8.92 -18.84
N UNK A 2 -21.33 9.56 -19.84
CA UNK A 2 -19.95 9.25 -20.21
C UNK A 2 -18.97 10.34 -19.82
N UNK A 3 -17.74 9.95 -19.51
CA UNK A 3 -16.65 10.93 -19.43
C UNK A 3 -16.45 11.53 -20.81
N UNK A 4 -15.92 12.75 -20.87
CA UNK A 4 -15.74 13.42 -22.14
C UNK A 4 -14.96 12.63 -23.17
N UNK A 5 -14.10 11.76 -22.72
CA UNK A 5 -13.27 11.01 -23.64
C UNK A 5 -13.63 9.54 -23.78
N UNK A 6 -14.82 9.17 -23.33
CA UNK A 6 -15.11 7.77 -23.15
C UNK A 6 -15.66 7.05 -24.39
N UNK A 7 -16.39 7.75 -25.23
CA UNK A 7 -17.14 7.06 -26.30
C UNK A 7 -16.25 6.16 -27.14
N UNK A 8 -15.07 6.64 -27.49
CA UNK A 8 -14.21 5.92 -28.38
C UNK A 8 -13.79 4.56 -27.83
N UNK A 9 -13.84 4.36 -26.52
CA UNK A 9 -13.50 3.10 -25.92
C UNK A 9 -14.64 2.11 -25.81
N UNK A 10 -15.87 2.59 -25.98
CA UNK A 10 -17.02 1.71 -25.80
C UNK A 10 -17.39 0.92 -27.06
N UNK A 11 -16.49 0.05 -27.49
CA UNK A 11 -16.67 -0.78 -28.67
C UNK A 11 -17.13 -2.16 -28.28
N UNK A 12 -17.70 -2.92 -29.21
CA UNK A 12 -18.07 -4.29 -28.91
C UNK A 12 -16.83 -5.18 -28.77
N UNK A 13 -16.97 -6.22 -27.99
CA UNK A 13 -15.97 -7.25 -27.88
C UNK A 13 -15.23 -7.34 -26.58
N UNK A 14 -14.48 -8.41 -26.47
CA UNK A 14 -13.63 -8.72 -25.34
C UNK A 14 -14.35 -9.63 -24.33
N UNK A 15 -15.57 -10.04 -24.60
CA UNK A 15 -16.26 -10.82 -23.59
C UNK A 15 -15.73 -12.25 -23.61
N UNK A 16 -15.85 -12.91 -22.48
CA UNK A 16 -15.39 -14.28 -22.37
C UNK A 16 -16.51 -15.26 -22.58
N UNK A 17 -17.72 -14.87 -22.21
CA UNK A 17 -18.85 -15.72 -22.32
C UNK A 17 -20.01 -14.90 -22.83
N UNK A 18 -20.75 -15.47 -23.74
CA UNK A 18 -21.98 -14.91 -24.20
C UNK A 18 -21.97 -14.04 -25.43
N UNK A 19 -20.83 -13.87 -26.07
CA UNK A 19 -20.75 -12.97 -27.22
C UNK A 19 -21.22 -11.55 -26.90
N UNK A 20 -22.20 -11.08 -27.65
CA UNK A 20 -22.68 -9.71 -27.52
C UNK A 20 -23.85 -9.55 -26.56
N UNK A 21 -24.33 -10.69 -26.08
CA UNK A 21 -25.54 -10.75 -25.28
C UNK A 21 -25.52 -9.81 -24.05
N UNK A 22 -24.44 -9.78 -23.31
CA UNK A 22 -24.37 -8.94 -22.13
C UNK A 22 -23.35 -7.81 -22.27
N UNK A 23 -22.95 -7.53 -23.50
CA UNK A 23 -21.93 -6.55 -23.78
C UNK A 23 -22.57 -5.17 -23.80
N UNK A 24 -22.77 -4.62 -22.61
CA UNK A 24 -23.38 -3.31 -22.45
C UNK A 24 -23.10 -2.72 -21.09
N UNK A 25 -23.45 -1.45 -20.94
CA UNK A 25 -23.21 -0.74 -19.69
C UNK A 25 -24.55 -0.30 -19.12
N UNK A 26 -24.55 -0.09 -17.81
CA UNK A 26 -25.65 0.50 -17.09
C UNK A 26 -25.06 1.72 -16.38
N UNK A 27 -25.37 2.92 -16.86
CA UNK A 27 -24.67 4.10 -16.36
C UNK A 27 -23.20 3.95 -16.61
N UNK A 28 -22.37 4.17 -15.60
CA UNK A 28 -20.96 3.96 -15.77
C UNK A 28 -20.53 2.51 -15.75
N UNK A 29 -21.36 1.62 -15.23
CA UNK A 29 -20.92 0.26 -15.00
C UNK A 29 -21.00 -0.66 -16.19
N UNK A 30 -19.93 -1.37 -16.46
CA UNK A 30 -19.95 -2.41 -17.48
C UNK A 30 -20.67 -3.62 -16.91
N UNK A 31 -21.43 -4.33 -17.73
CA UNK A 31 -22.13 -5.48 -17.20
C UNK A 31 -21.36 -6.77 -17.52
N UNK A 32 -21.56 -7.30 -18.71
CA UNK A 32 -21.00 -8.57 -19.13
C UNK A 32 -21.70 -9.72 -18.41
N UNK A 33 -21.41 -10.94 -18.85
CA UNK A 33 -21.99 -12.12 -18.22
C UNK A 33 -21.64 -12.19 -16.72
N UNK A 34 -20.42 -11.84 -16.39
CA UNK A 34 -19.96 -11.87 -15.01
C UNK A 34 -20.54 -10.78 -14.14
N UNK A 35 -20.99 -9.70 -14.75
CA UNK A 35 -21.72 -8.70 -14.02
C UNK A 35 -23.02 -9.28 -13.60
N UNK A 36 -23.65 -10.01 -14.53
CA UNK A 36 -24.90 -10.65 -14.20
C UNK A 36 -24.72 -11.72 -13.10
N UNK A 37 -23.67 -12.50 -13.22
CA UNK A 37 -23.40 -13.53 -12.23
C UNK A 37 -23.10 -12.92 -10.86
N UNK A 38 -22.33 -11.85 -10.81
CA UNK A 38 -22.07 -11.25 -9.52
C UNK A 38 -23.32 -10.75 -8.86
N UNK A 39 -24.22 -10.19 -9.66
CA UNK A 39 -25.47 -9.73 -9.14
C UNK A 39 -26.31 -10.86 -8.57
N UNK A 40 -26.37 -11.97 -9.29
CA UNK A 40 -27.10 -13.11 -8.87
C UNK A 40 -26.57 -13.63 -7.52
N UNK A 41 -25.27 -13.83 -7.45
CA UNK A 41 -24.67 -14.35 -6.25
C UNK A 41 -24.84 -13.40 -5.08
N UNK A 42 -24.66 -12.11 -5.30
CA UNK A 42 -24.78 -11.13 -4.23
C UNK A 42 -26.15 -11.04 -3.69
N UNK A 43 -27.13 -11.08 -4.56
CA UNK A 43 -28.46 -10.95 -4.15
C UNK A 43 -28.92 -12.19 -3.34
N UNK A 44 -28.56 -13.38 -3.80
CA UNK A 44 -28.89 -14.58 -3.09
C UNK A 44 -28.20 -14.51 -1.70
N UNK A 45 -26.93 -14.18 -1.68
CA UNK A 45 -26.22 -14.04 -0.43
C UNK A 45 -26.90 -13.13 0.58
N UNK A 46 -27.32 -11.98 0.10
CA UNK A 46 -27.88 -10.97 0.97
C UNK A 46 -29.20 -11.45 1.52
N UNK A 47 -29.96 -12.11 0.67
CA UNK A 47 -31.18 -12.67 1.07
C UNK A 47 -31.02 -13.69 2.17
N UNK A 48 -30.01 -14.52 2.03
CA UNK A 48 -29.75 -15.54 3.00
C UNK A 48 -29.30 -14.93 4.35
N UNK A 49 -28.58 -13.84 4.29
CA UNK A 49 -28.19 -13.14 5.51
C UNK A 49 -29.44 -12.63 6.23
N UNK A 50 -30.36 -12.07 5.46
CA UNK A 50 -31.61 -11.61 6.03
C UNK A 50 -32.35 -12.72 6.74
N UNK A 51 -32.42 -13.88 6.11
CA UNK A 51 -33.07 -15.03 6.66
C UNK A 51 -32.40 -15.41 7.97
N UNK A 52 -31.10 -15.37 7.98
CA UNK A 52 -30.38 -15.69 9.21
C UNK A 52 -30.73 -14.69 10.35
N UNK A 53 -30.85 -13.42 9.97
CA UNK A 53 -31.19 -12.38 10.90
C UNK A 53 -32.52 -12.65 11.51
N UNK A 54 -33.46 -13.09 10.71
CA UNK A 54 -34.72 -13.32 11.30
C UNK A 54 -34.72 -14.57 12.21
N UNK A 55 -33.92 -15.56 11.86
CA UNK A 55 -33.84 -16.74 12.71
C UNK A 55 -33.13 -16.35 14.02
N UNK A 56 -32.25 -15.38 13.99
CA UNK A 56 -31.52 -14.94 15.17
C UNK A 56 -32.40 -14.04 16.07
N UNK A 57 -33.36 -13.40 15.42
CA UNK A 57 -34.27 -12.51 16.06
C UNK A 57 -33.79 -11.08 16.22
N UNK A 58 -32.94 -10.62 15.35
CA UNK A 58 -32.53 -9.23 15.42
C UNK A 58 -32.24 -8.67 14.04
N UNK A 59 -32.49 -7.39 13.87
CA UNK A 59 -32.18 -6.69 12.63
C UNK A 59 -31.05 -5.72 12.82
N UNK A 60 -30.53 -5.63 14.04
CA UNK A 60 -29.43 -4.73 14.30
C UNK A 60 -28.13 -5.24 13.67
N UNK A 61 -27.54 -4.44 12.77
CA UNK A 61 -26.35 -4.84 12.04
C UNK A 61 -25.19 -5.08 12.92
N UNK A 62 -25.16 -4.46 14.08
CA UNK A 62 -24.09 -4.71 14.99
C UNK A 62 -24.27 -6.03 15.75
N UNK A 63 -25.43 -6.65 15.65
CA UNK A 63 -25.66 -7.91 16.32
C UNK A 63 -25.80 -9.10 15.37
N UNK A 64 -26.22 -8.87 14.14
CA UNK A 64 -26.43 -10.00 13.23
C UNK A 64 -25.15 -10.78 13.06
N UNK A 65 -25.24 -12.08 13.13
CA UNK A 65 -24.06 -12.87 12.94
C UNK A 65 -24.43 -14.25 12.42
N UNK A 66 -23.83 -14.68 11.32
CA UNK A 66 -24.09 -15.99 10.73
C UNK A 66 -22.90 -16.89 11.04
N UNK A 67 -23.13 -17.92 11.85
CA UNK A 67 -22.09 -18.83 12.30
C UNK A 67 -22.01 -20.06 11.44
N UNK A 68 -20.81 -20.57 11.29
CA UNK A 68 -20.60 -21.85 10.61
C UNK A 68 -21.12 -23.00 11.50
N UNK A 69 -21.23 -24.19 10.93
CA UNK A 69 -21.59 -25.37 11.71
C UNK A 69 -20.69 -25.61 12.91
N UNK A 70 -21.25 -26.11 13.99
CA UNK A 70 -20.48 -26.51 15.13
C UNK A 70 -19.55 -27.65 14.71
N UNK A 71 -18.50 -27.79 15.47
CA UNK A 71 -17.50 -28.80 15.18
C UNK A 71 -18.02 -30.19 15.02
N UNK A 72 -19.09 -30.52 15.70
CA UNK A 72 -19.58 -31.89 15.63
C UNK A 72 -20.08 -32.26 14.23
N UNK A 73 -20.30 -31.28 13.35
CA UNK A 73 -20.77 -31.64 12.01
C UNK A 73 -19.62 -31.98 11.08
N UNK A 74 -18.41 -31.80 11.59
CA UNK A 74 -17.27 -32.08 10.76
C UNK A 74 -17.38 -31.31 9.47
N UNK A 75 -17.13 -32.01 8.35
CA UNK A 75 -17.24 -31.40 7.06
C UNK A 75 -18.52 -31.70 6.35
N UNK A 76 -19.48 -32.21 7.08
CA UNK A 76 -20.75 -32.52 6.48
C UNK A 76 -21.61 -31.28 6.31
N UNK A 77 -22.80 -31.49 5.77
CA UNK A 77 -23.77 -30.41 5.62
C UNK A 77 -24.46 -30.25 6.96
N UNK A 78 -24.94 -29.06 7.28
CA UNK A 78 -25.60 -28.83 8.56
C UNK A 78 -26.98 -28.29 8.33
N UNK A 79 -27.82 -28.37 9.35
CA UNK A 79 -29.13 -27.77 9.22
C UNK A 79 -28.97 -26.28 9.02
N UNK A 80 -29.86 -25.70 8.23
CA UNK A 80 -29.77 -24.30 7.87
C UNK A 80 -29.58 -23.37 9.05
N UNK A 81 -30.37 -23.57 10.06
CA UNK A 81 -30.35 -22.71 11.22
C UNK A 81 -29.10 -22.94 12.03
N UNK A 82 -28.42 -24.04 11.80
CA UNK A 82 -27.25 -24.33 12.60
C UNK A 82 -26.00 -24.51 11.78
N UNK A 83 -25.81 -23.65 10.77
CA UNK A 83 -24.60 -23.69 10.00
C UNK A 83 -24.78 -23.77 8.50
N UNK A 84 -25.90 -24.35 8.07
CA UNK A 84 -26.23 -24.51 6.67
C UNK A 84 -26.30 -23.18 5.96
N UNK A 85 -26.89 -22.16 6.59
CA UNK A 85 -26.92 -20.87 5.94
C UNK A 85 -25.52 -20.37 5.70
N UNK A 86 -24.65 -20.51 6.68
CA UNK A 86 -23.29 -20.05 6.52
C UNK A 86 -22.67 -20.74 5.33
N UNK A 87 -22.92 -22.04 5.18
CA UNK A 87 -22.36 -22.81 4.09
C UNK A 87 -22.84 -22.28 2.72
N UNK A 88 -24.11 -22.00 2.56
CA UNK A 88 -24.63 -21.49 1.29
C UNK A 88 -24.16 -20.09 1.00
N UNK A 89 -24.14 -19.25 2.04
CA UNK A 89 -23.65 -17.90 1.89
C UNK A 89 -22.23 -17.91 1.45
N UNK A 90 -21.44 -18.77 2.04
CA UNK A 90 -20.05 -18.87 1.68
C UNK A 90 -19.89 -19.24 0.17
N UNK A 91 -20.70 -20.15 -0.33
CA UNK A 91 -20.70 -20.48 -1.78
C UNK A 91 -21.04 -19.23 -2.60
N UNK A 92 -22.07 -18.52 -2.19
CA UNK A 92 -22.45 -17.28 -2.84
C UNK A 92 -21.37 -16.24 -2.82
N UNK A 93 -20.73 -16.08 -1.68
CA UNK A 93 -19.68 -15.10 -1.59
C UNK A 93 -18.55 -15.44 -2.53
N UNK A 94 -18.18 -16.70 -2.58
CA UNK A 94 -17.10 -17.16 -3.44
C UNK A 94 -17.48 -16.90 -4.91
N UNK A 95 -18.69 -17.25 -5.26
CA UNK A 95 -19.24 -16.99 -6.59
C UNK A 95 -19.18 -15.53 -6.97
N UNK A 96 -19.57 -14.67 -6.04
CA UNK A 96 -19.50 -13.24 -6.27
C UNK A 96 -18.11 -12.71 -6.44
N UNK A 97 -17.17 -13.16 -5.63
CA UNK A 97 -15.85 -12.64 -5.71
C UNK A 97 -15.17 -13.08 -7.00
N UNK A 98 -15.33 -14.35 -7.36
CA UNK A 98 -14.74 -14.89 -8.56
C UNK A 98 -15.38 -14.22 -9.81
N UNK A 99 -16.69 -14.06 -9.79
CA UNK A 99 -17.39 -13.38 -10.86
C UNK A 99 -16.89 -11.94 -11.01
N UNK A 100 -16.60 -11.28 -9.88
CA UNK A 100 -16.08 -9.92 -9.91
C UNK A 100 -14.73 -9.89 -10.60
N UNK A 101 -13.89 -10.86 -10.30
CA UNK A 101 -12.63 -10.95 -10.94
C UNK A 101 -12.73 -11.20 -12.45
N UNK A 102 -13.57 -12.13 -12.87
CA UNK A 102 -13.72 -12.42 -14.29
C UNK A 102 -14.33 -11.25 -15.07
N UNK A 103 -15.20 -10.48 -14.42
CA UNK A 103 -15.73 -9.27 -14.99
C UNK A 103 -14.60 -8.25 -15.23
N UNK A 104 -13.69 -8.17 -14.29
CA UNK A 104 -12.52 -7.33 -14.46
C UNK A 104 -11.70 -7.76 -15.66
N UNK A 105 -11.57 -9.07 -15.86
CA UNK A 105 -10.87 -9.59 -17.03
C UNK A 105 -11.56 -9.14 -18.34
N UNK A 106 -12.88 -9.21 -18.39
CA UNK A 106 -13.61 -8.74 -19.58
C UNK A 106 -13.34 -7.26 -19.82
N UNK A 107 -13.32 -6.47 -18.75
CA UNK A 107 -13.02 -5.05 -18.90
C UNK A 107 -11.59 -4.79 -19.42
N UNK A 108 -10.62 -5.51 -18.85
CA UNK A 108 -9.25 -5.42 -19.33
C UNK A 108 -9.15 -5.70 -20.84
N UNK A 109 -9.84 -6.73 -21.31
CA UNK A 109 -9.78 -7.09 -22.70
C UNK A 109 -10.36 -6.02 -23.60
N UNK A 110 -11.50 -5.48 -23.22
CA UNK A 110 -12.11 -4.43 -24.02
C UNK A 110 -11.20 -3.22 -24.10
N UNK A 111 -10.53 -2.90 -23.00
CA UNK A 111 -9.66 -1.74 -22.95
C UNK A 111 -8.25 -1.97 -23.49
N UNK A 112 -7.90 -3.22 -23.79
CA UNK A 112 -6.59 -3.53 -24.26
C UNK A 112 -5.48 -3.34 -23.25
N UNK A 113 -5.76 -3.54 -21.96
CA UNK A 113 -4.78 -3.35 -20.91
C UNK A 113 -4.36 -4.66 -20.32
N UNK A 114 -3.29 -4.66 -19.54
CA UNK A 114 -2.85 -5.88 -18.91
C UNK A 114 -3.85 -6.39 -17.86
N UNK A 115 -3.65 -7.62 -17.47
CA UNK A 115 -4.52 -8.29 -16.51
C UNK A 115 -4.05 -8.22 -15.04
N UNK A 116 -3.15 -7.30 -14.73
CA UNK A 116 -2.57 -7.23 -13.39
C UNK A 116 -3.64 -7.06 -12.31
N UNK A 117 -4.65 -6.27 -12.55
CA UNK A 117 -5.64 -6.00 -11.53
C UNK A 117 -6.41 -7.23 -11.05
N UNK A 118 -7.09 -7.96 -11.91
CA UNK A 118 -7.78 -9.17 -11.47
C UNK A 118 -6.82 -10.19 -10.86
N UNK A 119 -5.62 -10.26 -11.40
CA UNK A 119 -4.62 -11.15 -10.86
C UNK A 119 -4.32 -10.78 -9.37
N UNK A 120 -4.16 -9.49 -9.09
CA UNK A 120 -3.95 -9.02 -7.76
C UNK A 120 -5.13 -9.30 -6.84
N UNK A 121 -6.34 -9.10 -7.35
CA UNK A 121 -7.50 -9.31 -6.56
C UNK A 121 -7.60 -10.81 -6.19
N UNK A 122 -7.15 -11.69 -7.06
CA UNK A 122 -7.21 -13.10 -6.79
C UNK A 122 -6.50 -13.48 -5.45
N UNK A 123 -5.50 -12.70 -5.04
CA UNK A 123 -4.81 -12.93 -3.80
C UNK A 123 -5.71 -12.68 -2.62
N UNK A 124 -6.57 -11.66 -2.72
CA UNK A 124 -7.51 -11.41 -1.66
C UNK A 124 -8.47 -12.56 -1.57
N UNK A 125 -8.94 -13.02 -2.72
CA UNK A 125 -9.83 -14.16 -2.75
C UNK A 125 -9.21 -15.43 -2.11
N UNK A 126 -7.96 -15.67 -2.41
CA UNK A 126 -7.27 -16.79 -1.84
C UNK A 126 -7.15 -16.70 -0.31
N UNK A 127 -6.96 -15.49 0.22
CA UNK A 127 -6.89 -15.30 1.65
C UNK A 127 -8.22 -15.63 2.28
N UNK A 128 -9.28 -15.13 1.68
CA UNK A 128 -10.62 -15.49 2.13
C UNK A 128 -10.85 -17.01 2.12
N UNK A 129 -10.54 -17.65 1.00
CA UNK A 129 -10.74 -19.09 0.86
C UNK A 129 -9.86 -19.87 1.85
N UNK A 130 -8.72 -19.32 2.20
CA UNK A 130 -7.89 -19.94 3.17
C UNK A 130 -8.64 -20.05 4.50
N UNK A 131 -9.29 -18.98 4.91
CA UNK A 131 -9.98 -18.95 6.18
C UNK A 131 -11.25 -19.72 6.21
N UNK A 132 -12.01 -19.73 5.12
CA UNK A 132 -13.29 -20.40 5.13
C UNK A 132 -13.32 -21.76 4.48
N UNK A 133 -12.29 -22.10 3.73
CA UNK A 133 -12.33 -23.38 3.02
C UNK A 133 -11.11 -24.24 3.26
N UNK A 134 -9.93 -23.73 2.96
CA UNK A 134 -8.76 -24.60 3.00
C UNK A 134 -8.40 -25.03 4.43
N UNK A 135 -8.31 -24.05 5.32
CA UNK A 135 -7.97 -24.39 6.72
C UNK A 135 -9.02 -25.27 7.39
N UNK A 136 -10.27 -24.91 7.34
CA UNK A 136 -11.28 -25.80 7.87
C UNK A 136 -11.26 -27.23 7.31
N UNK A 137 -11.07 -27.37 6.01
CA UNK A 137 -11.03 -28.69 5.45
C UNK A 137 -9.81 -29.45 5.98
N UNK A 138 -8.68 -28.80 6.04
CA UNK A 138 -7.52 -29.47 6.56
C UNK A 138 -7.67 -29.82 8.01
N UNK A 139 -8.34 -28.96 8.77
CA UNK A 139 -8.57 -29.24 10.18
C UNK A 139 -9.72 -30.19 10.43
N UNK A 140 -10.51 -30.50 9.42
CA UNK A 140 -11.59 -31.44 9.59
C UNK A 140 -12.97 -30.93 9.95
N UNK A 141 -13.20 -29.61 9.96
CA UNK A 141 -14.52 -29.08 10.32
C UNK A 141 -14.74 -27.65 9.85
N UNK A 142 -15.92 -27.41 9.31
CA UNK A 142 -16.31 -26.06 8.90
C UNK A 142 -16.27 -25.10 10.08
N UNK A 143 -16.48 -25.65 11.27
CA UNK A 143 -16.55 -24.86 12.48
C UNK A 143 -15.35 -24.05 12.82
N UNK A 144 -14.23 -24.33 12.19
CA UNK A 144 -13.06 -23.54 12.45
C UNK A 144 -13.06 -22.24 11.64
N UNK A 145 -14.00 -22.12 10.70
CA UNK A 145 -14.08 -20.88 9.89
C UNK A 145 -14.62 -19.72 10.73
N UNK A 146 -14.52 -18.51 10.23
CA UNK A 146 -15.01 -17.34 10.95
C UNK A 146 -16.48 -17.03 10.67
N UNK A 147 -17.17 -16.50 11.65
CA UNK A 147 -18.57 -16.14 11.47
C UNK A 147 -18.73 -14.79 10.76
N UNK A 148 -19.87 -14.61 10.10
CA UNK A 148 -20.11 -13.39 9.37
C UNK A 148 -20.92 -12.45 10.23
N UNK A 149 -20.21 -11.58 10.91
CA UNK A 149 -20.76 -10.60 11.82
C UNK A 149 -19.73 -9.55 12.09
N UNK A 150 -20.17 -8.32 12.28
CA UNK A 150 -19.26 -7.20 12.48
C UNK A 150 -18.35 -7.38 13.64
N UNK A 151 -18.92 -7.67 14.78
CA UNK A 151 -18.12 -7.80 16.01
C UNK A 151 -17.79 -9.26 16.21
N UNK A 152 -18.68 -10.18 15.84
CA UNK A 152 -18.37 -11.57 16.11
C UNK A 152 -17.14 -12.03 15.35
N UNK A 153 -16.89 -11.46 14.16
CA UNK A 153 -15.71 -11.91 13.44
C UNK A 153 -14.45 -11.48 14.15
N UNK A 154 -14.49 -10.36 14.85
CA UNK A 154 -13.36 -9.95 15.66
C UNK A 154 -13.21 -10.85 16.90
N UNK A 155 -14.33 -11.31 17.43
CA UNK A 155 -14.30 -12.23 18.55
C UNK A 155 -13.56 -13.48 18.11
N UNK A 156 -13.83 -13.92 16.87
CA UNK A 156 -13.17 -15.11 16.32
C UNK A 156 -11.67 -14.86 16.15
N UNK A 157 -11.29 -13.66 15.75
CA UNK A 157 -9.89 -13.37 15.54
C UNK A 157 -9.18 -13.47 16.90
N UNK A 158 -9.79 -12.87 17.90
CA UNK A 158 -9.27 -12.89 19.25
C UNK A 158 -9.18 -14.29 19.86
N UNK A 159 -10.27 -14.99 19.81
CA UNK A 159 -10.32 -16.32 20.33
C UNK A 159 -9.34 -17.29 19.64
N UNK A 160 -9.26 -17.19 18.31
CA UNK A 160 -8.42 -18.04 17.50
C UNK A 160 -6.96 -17.73 17.81
N UNK A 161 -6.65 -16.47 17.87
CA UNK A 161 -5.36 -16.06 18.26
C UNK A 161 -4.92 -16.61 19.60
N UNK A 162 -5.72 -16.38 20.64
CA UNK A 162 -5.30 -16.71 21.98
C UNK A 162 -5.33 -18.20 22.23
N UNK A 163 -5.92 -18.93 21.31
CA UNK A 163 -5.83 -20.38 21.35
C UNK A 163 -4.37 -20.86 21.31
N UNK A 164 -3.54 -20.08 20.59
CA UNK A 164 -2.13 -20.44 20.49
C UNK A 164 -1.26 -19.51 21.36
N UNK A 165 -1.82 -18.92 22.42
CA UNK A 165 -1.08 -17.99 23.26
C UNK A 165 -1.06 -16.61 22.61
N UNK A 166 0.06 -15.91 22.65
CA UNK A 166 0.15 -14.64 21.95
C UNK A 166 0.52 -14.96 20.49
N UNK A 167 -0.38 -14.66 19.57
CA UNK A 167 -0.24 -15.00 18.17
C UNK A 167 0.86 -14.22 17.49
N UNK A 168 1.35 -13.17 18.15
CA UNK A 168 2.45 -12.43 17.60
C UNK A 168 3.65 -13.38 17.35
N UNK A 169 3.71 -14.48 18.07
CA UNK A 169 4.84 -15.39 17.96
C UNK A 169 4.83 -16.32 16.75
N UNK A 170 3.74 -16.31 15.99
CA UNK A 170 3.67 -17.05 14.75
C UNK A 170 4.64 -16.36 13.75
N UNK A 171 5.69 -17.05 13.32
CA UNK A 171 6.72 -16.42 12.48
C UNK A 171 6.21 -15.95 11.11
N UNK A 172 5.27 -16.65 10.50
CA UNK A 172 4.74 -16.21 9.23
C UNK A 172 3.92 -14.93 9.43
N UNK A 173 3.31 -14.77 10.61
CA UNK A 173 2.51 -13.62 10.97
C UNK A 173 3.43 -12.42 11.14
N UNK A 174 4.62 -12.63 11.66
CA UNK A 174 5.59 -11.56 11.81
C UNK A 174 5.96 -10.99 10.41
N UNK A 175 6.17 -11.89 9.45
CA UNK A 175 6.48 -11.54 8.10
C UNK A 175 5.34 -10.80 7.46
N UNK A 176 4.14 -11.36 7.57
CA UNK A 176 2.98 -10.70 7.03
C UNK A 176 2.85 -9.28 7.56
N UNK A 177 3.01 -9.10 8.88
CA UNK A 177 2.91 -7.76 9.45
C UNK A 177 3.94 -6.85 8.85
N UNK A 178 5.17 -7.33 8.73
CA UNK A 178 6.20 -6.49 8.25
C UNK A 178 5.86 -5.98 6.82
N UNK A 179 5.32 -6.85 5.96
CA UNK A 179 4.89 -6.43 4.66
C UNK A 179 3.76 -5.41 4.72
N UNK A 180 2.77 -5.59 5.60
CA UNK A 180 1.71 -4.64 5.73
C UNK A 180 2.23 -3.28 6.15
N UNK A 181 3.13 -3.24 7.09
CA UNK A 181 3.64 -1.96 7.56
C UNK A 181 4.50 -1.30 6.45
N UNK A 182 5.33 -2.10 5.80
CA UNK A 182 6.19 -1.61 4.76
C UNK A 182 5.36 -1.06 3.56
N UNK A 183 4.29 -1.75 3.23
CA UNK A 183 3.41 -1.32 2.19
C UNK A 183 2.84 0.06 2.49
N UNK A 184 2.38 0.28 3.72
CA UNK A 184 1.79 1.57 4.09
C UNK A 184 2.85 2.66 4.01
N UNK A 185 4.04 2.33 4.43
CA UNK A 185 5.15 3.28 4.39
C UNK A 185 5.41 3.69 2.92
N UNK A 186 5.48 2.68 2.04
CA UNK A 186 5.75 2.89 0.62
C UNK A 186 4.63 3.66 -0.06
N UNK A 187 3.41 3.37 0.32
CA UNK A 187 2.29 4.07 -0.24
C UNK A 187 2.31 5.53 0.12
N UNK A 188 2.58 5.85 1.40
CA UNK A 188 2.73 7.25 1.82
C UNK A 188 3.81 7.96 1.03
N UNK A 189 4.97 7.33 0.91
CA UNK A 189 6.07 7.95 0.18
C UNK A 189 5.73 8.19 -1.29
N UNK A 190 5.07 7.22 -1.92
CA UNK A 190 4.73 7.34 -3.34
C UNK A 190 3.75 8.46 -3.58
N UNK A 191 2.67 8.47 -2.83
CA UNK A 191 1.72 9.53 -2.91
C UNK A 191 2.35 10.89 -2.71
N UNK A 192 3.14 11.00 -1.65
CA UNK A 192 3.75 12.24 -1.31
C UNK A 192 4.72 12.67 -2.40
N UNK A 193 5.50 11.73 -2.93
CA UNK A 193 6.52 12.11 -3.90
C UNK A 193 5.90 12.74 -5.17
N UNK A 194 4.95 12.04 -5.75
CA UNK A 194 4.26 12.51 -6.94
C UNK A 194 3.59 13.85 -6.70
N UNK A 195 2.86 13.97 -5.60
CA UNK A 195 2.21 15.23 -5.31
C UNK A 195 3.15 16.37 -5.07
N UNK A 196 4.29 16.08 -4.46
CA UNK A 196 5.27 17.11 -4.18
C UNK A 196 5.92 17.64 -5.47
N UNK A 197 5.91 16.82 -6.51
CA UNK A 197 6.45 17.21 -7.80
C UNK A 197 5.43 17.95 -8.66
N UNK A 198 4.19 17.48 -8.61
CA UNK A 198 3.10 18.09 -9.35
C UNK A 198 2.62 19.35 -8.70
N UNK A 199 2.87 19.51 -7.41
CA UNK A 199 2.44 20.70 -6.67
C UNK A 199 3.64 21.23 -5.86
N UNK A 200 4.53 21.92 -6.51
CA UNK A 200 5.73 22.42 -5.85
C UNK A 200 5.50 23.65 -5.09
N UNK A 201 6.57 24.24 -4.60
CA UNK A 201 6.46 25.51 -3.93
C UNK A 201 5.72 26.50 -4.85
N UNK A 202 4.83 27.23 -4.23
CA UNK A 202 3.97 28.15 -4.95
C UNK A 202 4.69 29.06 -5.93
N UNK A 203 4.18 29.13 -7.15
CA UNK A 203 4.80 29.97 -8.15
C UNK A 203 5.82 29.25 -8.99
N UNK A 204 6.25 28.05 -8.57
CA UNK A 204 7.24 27.32 -9.33
C UNK A 204 6.65 26.40 -10.39
N UNK A 205 7.46 26.04 -11.34
CA UNK A 205 7.08 25.08 -12.37
C UNK A 205 6.97 23.70 -11.81
N UNK A 206 6.10 22.90 -12.38
CA UNK A 206 6.00 21.50 -12.04
C UNK A 206 7.35 20.89 -12.16
N UNK A 207 7.65 20.02 -11.23
CA UNK A 207 8.88 19.28 -11.24
C UNK A 207 8.77 18.10 -12.21
N UNK A 208 9.87 17.40 -12.40
CA UNK A 208 9.96 16.25 -13.31
C UNK A 208 10.30 15.02 -12.56
N UNK A 209 10.20 13.87 -13.19
CA UNK A 209 10.63 12.65 -12.55
C UNK A 209 12.08 12.72 -12.17
N UNK A 210 12.90 13.46 -12.90
CA UNK A 210 14.28 13.63 -12.51
C UNK A 210 14.39 14.23 -11.08
N UNK A 211 13.49 15.15 -10.74
CA UNK A 211 13.47 15.74 -9.39
C UNK A 211 13.08 14.67 -8.38
N UNK A 212 12.18 13.78 -8.77
CA UNK A 212 11.73 12.70 -7.87
C UNK A 212 12.85 11.75 -7.53
N UNK A 213 13.58 11.31 -8.55
CA UNK A 213 14.76 10.49 -8.33
C UNK A 213 15.77 11.25 -7.50
N UNK A 214 16.02 12.52 -7.82
CA UNK A 214 16.97 13.29 -7.06
C UNK A 214 16.63 13.41 -5.57
N UNK A 215 15.36 13.65 -5.28
CA UNK A 215 14.90 13.80 -3.94
C UNK A 215 15.24 12.56 -3.14
N UNK A 216 14.87 11.41 -3.67
CA UNK A 216 15.17 10.16 -2.98
C UNK A 216 16.62 9.80 -2.86
N UNK A 217 17.43 10.14 -3.86
CA UNK A 217 18.83 9.86 -3.74
C UNK A 217 19.41 10.80 -2.70
N UNK A 218 19.01 12.07 -2.71
CA UNK A 218 19.52 12.99 -1.70
C UNK A 218 19.12 12.50 -0.31
N UNK A 219 17.88 12.03 -0.17
CA UNK A 219 17.38 11.61 1.13
C UNK A 219 17.99 10.30 1.66
N UNK A 220 17.93 9.21 0.88
CA UNK A 220 18.42 7.93 1.35
C UNK A 220 19.46 7.29 0.49
N UNK A 221 19.86 7.93 -0.60
CA UNK A 221 20.90 7.38 -1.42
C UNK A 221 20.42 6.43 -2.52
N UNK A 222 19.14 6.29 -2.70
CA UNK A 222 18.67 5.38 -3.73
C UNK A 222 17.29 5.79 -4.09
N UNK A 223 16.98 5.70 -5.38
CA UNK A 223 15.64 5.89 -5.86
C UNK A 223 15.25 4.63 -6.61
N UNK A 224 14.13 4.04 -6.34
CA UNK A 224 13.77 2.86 -7.09
C UNK A 224 13.24 3.19 -8.47
N UNK A 225 12.73 4.40 -8.65
CA UNK A 225 12.25 4.83 -9.95
C UNK A 225 10.76 4.70 -10.14
N UNK A 226 10.26 5.32 -11.19
CA UNK A 226 8.85 5.44 -11.40
C UNK A 226 8.19 4.14 -11.79
N UNK A 227 8.84 3.30 -12.54
CA UNK A 227 8.29 1.99 -12.84
C UNK A 227 8.44 1.06 -11.58
N UNK A 228 9.62 1.03 -11.03
CA UNK A 228 9.93 0.26 -9.86
C UNK A 228 9.00 0.45 -8.66
N UNK A 229 8.58 1.66 -8.37
CA UNK A 229 7.73 1.91 -7.23
C UNK A 229 6.39 1.22 -7.41
N UNK A 230 5.88 1.12 -8.64
CA UNK A 230 4.63 0.49 -8.89
C UNK A 230 4.73 -1.04 -8.82
N UNK A 231 5.83 -1.57 -9.30
CA UNK A 231 6.13 -2.98 -9.16
C UNK A 231 6.26 -3.31 -7.66
N UNK A 232 6.90 -2.43 -6.90
CA UNK A 232 7.14 -2.64 -5.49
C UNK A 232 5.84 -2.64 -4.69
N UNK A 233 4.95 -1.67 -4.97
CA UNK A 233 3.71 -1.61 -4.25
C UNK A 233 2.87 -2.83 -4.51
N UNK A 234 2.86 -3.32 -5.76
CA UNK A 234 2.15 -4.53 -6.06
C UNK A 234 2.71 -5.71 -5.31
N UNK A 235 4.02 -5.87 -5.34
CA UNK A 235 4.67 -6.96 -4.64
C UNK A 235 4.49 -6.94 -3.11
N UNK A 236 4.67 -5.78 -2.49
CA UNK A 236 4.52 -5.64 -1.06
C UNK A 236 3.10 -6.01 -0.62
N UNK A 237 2.12 -5.51 -1.34
CA UNK A 237 0.75 -5.76 -1.00
C UNK A 237 0.40 -7.22 -1.18
N UNK A 238 0.81 -7.82 -2.29
CA UNK A 238 0.48 -9.20 -2.51
C UNK A 238 1.23 -10.11 -1.52
N UNK A 239 2.45 -9.75 -1.20
CA UNK A 239 3.25 -10.54 -0.28
C UNK A 239 2.63 -10.51 1.12
N UNK A 240 2.15 -9.34 1.52
CA UNK A 240 1.47 -9.23 2.80
C UNK A 240 0.33 -10.25 2.95
N UNK A 241 -0.48 -10.34 1.91
CA UNK A 241 -1.59 -11.25 1.87
C UNK A 241 -1.20 -12.70 1.71
N UNK A 242 -0.19 -12.96 0.88
CA UNK A 242 0.30 -14.29 0.74
C UNK A 242 0.78 -14.84 2.12
N UNK A 243 1.58 -14.07 2.83
CA UNK A 243 2.06 -14.52 4.10
C UNK A 243 0.98 -14.58 5.17
N UNK A 244 -0.07 -13.79 5.02
CA UNK A 244 -1.20 -13.86 5.91
C UNK A 244 -1.84 -15.22 5.76
N UNK A 245 -2.13 -15.58 4.51
CA UNK A 245 -2.72 -16.90 4.23
C UNK A 245 -1.87 -18.03 4.75
N UNK A 246 -0.58 -17.92 4.54
CA UNK A 246 0.34 -18.94 4.98
C UNK A 246 0.33 -19.05 6.53
N UNK A 247 0.26 -17.90 7.22
CA UNK A 247 0.36 -17.91 8.67
C UNK A 247 -0.84 -18.63 9.30
N UNK A 248 -1.96 -18.58 8.60
CA UNK A 248 -3.16 -19.23 9.06
C UNK A 248 -3.27 -20.69 8.63
N UNK A 249 -2.78 -20.99 7.43
CA UNK A 249 -2.92 -22.35 6.93
C UNK A 249 -2.09 -23.35 7.73
N UNK A 250 -1.02 -22.88 8.35
CA UNK A 250 -0.17 -23.73 9.15
C UNK A 250 -0.63 -23.84 10.61
N UNK A 251 -1.57 -22.99 11.00
CA UNK A 251 -2.00 -22.88 12.37
C UNK A 251 -3.17 -23.76 12.61
N UNK A 252 -2.97 -24.75 13.43
CA UNK A 252 -3.99 -25.73 13.71
C UNK A 252 -3.83 -26.95 12.85
N UNK A 253 -2.87 -26.95 11.95
CA UNK A 253 -2.62 -28.09 11.06
C UNK A 253 -1.27 -28.65 11.35
N UNK A 254 -0.23 -27.98 10.94
CA UNK A 254 1.05 -28.51 11.27
C UNK A 254 1.53 -28.06 12.65
N UNK A 255 1.09 -26.90 13.11
CA UNK A 255 1.45 -26.41 14.42
C UNK A 255 0.20 -26.08 15.17
N UNK A 256 -0.01 -26.71 16.32
CA UNK A 256 -1.19 -26.43 17.11
C UNK A 256 -0.92 -26.19 18.59
N UNK A 257 0.33 -26.11 18.98
CA UNK A 257 0.68 -25.81 20.36
C UNK A 257 0.85 -24.28 20.47
N UNK A 258 1.38 -23.77 21.56
CA UNK A 258 1.54 -22.32 21.70
C UNK A 258 2.62 -21.83 20.79
N UNK A 259 2.37 -20.78 20.05
CA UNK A 259 3.40 -20.29 19.15
C UNK A 259 4.65 -19.83 19.86
N UNK A 260 4.55 -19.36 21.08
CA UNK A 260 5.75 -18.93 21.75
C UNK A 260 6.72 -20.08 21.90
N UNK A 261 6.20 -21.28 22.08
CA UNK A 261 7.05 -22.43 22.26
C UNK A 261 7.77 -22.91 21.00
N UNK A 262 7.28 -22.54 19.83
CA UNK A 262 7.98 -22.90 18.62
C UNK A 262 9.41 -22.40 18.65
N UNK A 263 9.63 -21.22 19.22
CA UNK A 263 10.93 -20.60 19.21
C UNK A 263 11.97 -21.35 19.99
N UNK A 264 11.56 -22.37 20.72
CA UNK A 264 12.51 -23.14 21.50
C UNK A 264 13.48 -23.89 20.59
N UNK A 265 13.11 -24.12 19.33
CA UNK A 265 14.05 -24.81 18.43
C UNK A 265 15.35 -24.05 18.34
N UNK A 266 15.24 -22.75 18.19
CA UNK A 266 16.37 -21.89 18.08
C UNK A 266 17.17 -21.91 19.36
N UNK A 267 16.51 -21.75 20.48
CA UNK A 267 17.27 -21.66 21.71
C UNK A 267 17.87 -23.01 22.15
N UNK A 268 17.33 -24.12 21.64
CA UNK A 268 17.83 -25.44 22.01
C UNK A 268 18.89 -25.98 21.07
N UNK A 269 19.39 -25.15 20.18
CA UNK A 269 20.45 -25.62 19.31
C UNK A 269 21.62 -26.04 20.22
N UNK A 270 22.15 -27.22 19.95
CA UNK A 270 23.17 -27.82 20.81
C UNK A 270 24.39 -26.94 21.08
N UNK A 271 24.83 -26.25 20.04
CA UNK A 271 25.95 -25.35 20.13
C UNK A 271 25.85 -24.41 21.31
N UNK A 272 24.64 -23.97 21.65
CA UNK A 272 24.47 -23.03 22.75
C UNK A 272 23.39 -23.38 23.78
N UNK A 273 22.64 -24.44 23.53
CA UNK A 273 21.57 -24.81 24.41
C UNK A 273 21.95 -24.82 25.89
N UNK A 274 23.08 -25.35 26.25
CA UNK A 274 23.40 -25.48 27.67
C UNK A 274 24.37 -24.45 28.20
N UNK A 275 24.72 -23.49 27.38
CA UNK A 275 25.58 -22.42 27.82
C UNK A 275 24.78 -21.57 28.80
N UNK A 276 25.34 -21.29 29.96
CA UNK A 276 24.63 -20.55 31.00
C UNK A 276 24.62 -19.04 30.74
N UNK A 277 23.81 -18.33 31.50
CA UNK A 277 23.69 -16.90 31.35
C UNK A 277 22.61 -16.52 30.34
N UNK A 278 22.46 -15.24 30.13
CA UNK A 278 21.48 -14.72 29.20
C UNK A 278 20.10 -14.80 29.80
N UNK A 279 19.12 -14.99 28.93
CA UNK A 279 17.75 -15.08 29.37
C UNK A 279 17.33 -16.54 29.54
N UNK A 280 17.80 -17.43 28.68
CA UNK A 280 17.39 -18.83 28.67
C UNK A 280 18.43 -19.83 29.21
N UNK A 281 19.21 -19.39 30.18
CA UNK A 281 20.25 -20.22 30.73
C UNK A 281 20.53 -19.75 32.14
N UNK B 1 3.72 -16.65 -23.51
CA UNK B 1 2.71 -15.70 -22.98
C UNK B 1 3.14 -14.23 -23.20
N UNK B 2 2.27 -13.30 -22.82
CA UNK B 2 2.61 -11.90 -22.85
C UNK B 2 3.55 -11.51 -21.69
N UNK B 3 4.44 -10.60 -22.00
CA UNK B 3 5.27 -9.97 -21.01
C UNK B 3 4.43 -9.20 -20.02
N UNK B 4 4.70 -9.34 -18.72
CA UNK B 4 3.92 -8.65 -17.70
C UNK B 4 4.57 -7.43 -17.05
N UNK B 5 5.83 -7.18 -17.41
CA UNK B 5 6.50 -6.00 -16.91
C UNK B 5 6.71 -5.96 -15.42
N UNK B 6 6.87 -7.13 -14.79
CA UNK B 6 7.26 -7.19 -13.40
C UNK B 6 8.76 -7.08 -13.24
N UNK B 7 9.48 -7.76 -14.10
CA UNK B 7 10.92 -7.58 -14.19
C UNK B 7 11.27 -7.09 -15.58
N UNK B 8 12.31 -6.31 -15.69
CA UNK B 8 12.76 -5.81 -16.99
C UNK B 8 13.38 -6.95 -17.79
N UNK B 9 13.29 -6.89 -19.11
CA UNK B 9 13.83 -7.92 -19.96
C UNK B 9 15.22 -7.53 -20.39
N UNK B 10 15.45 -6.25 -20.58
CA UNK B 10 16.75 -5.77 -20.99
C UNK B 10 17.11 -4.59 -20.11
N UNK B 11 18.33 -4.51 -19.62
CA UNK B 11 18.75 -3.32 -18.90
C UNK B 11 19.66 -2.51 -19.83
N UNK B 12 19.60 -1.20 -19.66
CA UNK B 12 20.38 -0.24 -20.43
C UNK B 12 21.01 0.68 -19.35
N UNK B 13 22.22 1.13 -19.55
CA UNK B 13 22.88 1.95 -18.58
C UNK B 13 23.59 3.07 -19.33
N UNK B 14 23.65 4.24 -18.72
CA UNK B 14 24.38 5.35 -19.29
C UNK B 14 25.28 5.91 -18.21
N UNK B 15 25.80 7.10 -18.44
CA UNK B 15 26.63 7.77 -17.45
C UNK B 15 25.88 7.99 -16.15
N UNK B 16 26.55 7.85 -15.03
CA UNK B 16 25.95 8.04 -13.73
C UNK B 16 25.24 9.39 -13.72
N UNK B 17 24.05 9.38 -13.19
CA UNK B 17 23.24 10.57 -13.16
C UNK B 17 23.47 11.31 -11.84
N UNK B 18 24.01 12.49 -11.95
CA UNK B 18 24.33 13.29 -10.78
C UNK B 18 23.13 14.08 -10.24
N UNK B 19 22.04 14.09 -10.99
CA UNK B 19 20.81 14.64 -10.51
C UNK B 19 20.59 16.13 -10.72
N UNK B 20 19.39 16.59 -10.42
CA UNK B 20 19.04 17.99 -10.52
C UNK B 20 19.78 18.78 -9.45
N UNK B 21 20.01 20.02 -9.75
CA UNK B 21 20.73 20.92 -8.88
C UNK B 21 19.83 21.85 -8.07
N UNK B 22 19.00 22.62 -8.76
CA UNK B 22 18.12 23.63 -8.14
C UNK B 22 18.90 24.39 -7.07
N UNK B 23 18.44 24.43 -5.84
CA UNK B 23 19.18 25.14 -4.80
C UNK B 23 19.96 24.27 -3.86
N UNK B 24 20.25 23.05 -4.27
CA UNK B 24 20.95 22.11 -3.44
C UNK B 24 22.40 22.56 -3.31
N UNK B 25 22.96 22.40 -2.12
CA UNK B 25 24.35 22.72 -1.96
C UNK B 25 25.13 21.50 -2.39
N UNK B 26 25.63 21.55 -3.62
CA UNK B 26 26.32 20.42 -4.23
C UNK B 26 27.53 19.95 -3.47
N UNK B 27 28.11 20.82 -2.66
CA UNK B 27 29.24 20.41 -1.88
C UNK B 27 28.87 19.32 -0.88
N UNK B 28 27.61 19.19 -0.55
CA UNK B 28 27.22 18.20 0.42
C UNK B 28 26.74 16.91 -0.17
N UNK B 29 26.87 16.73 -1.47
CA UNK B 29 26.48 15.46 -2.08
C UNK B 29 27.67 14.57 -2.19
N UNK B 30 27.46 13.27 -2.02
CA UNK B 30 28.52 12.30 -2.17
C UNK B 30 28.76 12.11 -3.65
N UNK B 31 29.72 11.27 -3.99
CA UNK B 31 29.87 10.82 -5.36
C UNK B 31 28.83 9.71 -5.55
N UNK B 32 28.72 9.22 -6.77
CA UNK B 32 27.81 8.15 -7.09
C UNK B 32 28.38 6.83 -6.64
N UNK B 33 27.53 5.89 -6.28
CA UNK B 33 27.97 4.59 -5.82
C UNK B 33 28.00 3.70 -7.03
N UNK B 34 28.06 2.41 -6.85
CA UNK B 34 28.07 1.49 -7.98
C UNK B 34 26.66 1.24 -8.50
N UNK B 35 26.59 0.57 -9.64
CA UNK B 35 25.36 0.21 -10.24
C UNK B 35 25.11 -1.23 -9.82
N UNK B 36 23.89 -1.55 -9.53
CA UNK B 36 23.53 -2.92 -9.22
C UNK B 36 22.62 -3.51 -10.29
N UNK B 37 23.16 -4.43 -11.05
CA UNK B 37 22.41 -5.17 -12.02
C UNK B 37 21.26 -5.93 -11.38
N UNK B 38 21.49 -6.43 -10.17
CA UNK B 38 20.45 -7.09 -9.44
C UNK B 38 19.28 -6.20 -9.21
N UNK B 39 19.51 -5.03 -8.64
CA UNK B 39 18.40 -4.11 -8.42
C UNK B 39 17.79 -3.66 -9.76
N UNK B 40 18.61 -3.61 -10.80
CA UNK B 40 18.20 -3.14 -12.11
C UNK B 40 17.15 -3.96 -12.79
N UNK B 41 16.96 -5.23 -12.38
CA UNK B 41 15.92 -6.06 -12.95
C UNK B 41 14.60 -5.57 -12.51
N UNK B 42 14.58 -4.81 -11.42
CA UNK B 42 13.29 -4.48 -10.85
C UNK B 42 13.07 -2.97 -10.77
N UNK B 43 14.12 -2.23 -10.55
CA UNK B 43 14.04 -0.77 -10.56
C UNK B 43 15.28 -0.20 -11.14
N UNK B 44 15.68 0.97 -10.61
CA UNK B 44 16.88 1.64 -11.03
C UNK B 44 18.09 0.89 -10.49
N UNK B 45 19.14 0.85 -11.29
CA UNK B 45 20.35 0.20 -10.92
C UNK B 45 21.30 1.12 -10.14
N UNK B 46 21.15 2.42 -10.31
CA UNK B 46 22.11 3.34 -9.72
C UNK B 46 21.99 3.50 -8.22
N UNK B 47 23.09 3.43 -7.54
CA UNK B 47 23.15 3.73 -6.13
C UNK B 47 23.84 5.07 -5.92
N UNK B 48 23.28 5.91 -5.05
CA UNK B 48 23.82 7.24 -4.80
C UNK B 48 23.58 8.19 -5.96
N UNK B 49 24.03 9.44 -5.85
CA UNK B 49 24.72 9.96 -4.67
C UNK B 49 23.75 10.21 -3.55
N UNK B 50 24.29 10.42 -2.36
CA UNK B 50 23.49 10.80 -1.24
C UNK B 50 23.87 12.19 -0.76
N UNK B 51 22.92 12.89 -0.15
CA UNK B 51 23.17 14.20 0.45
C UNK B 51 23.50 14.06 1.95
N UNK B 52 24.58 14.65 2.36
CA UNK B 52 25.00 14.52 3.74
C UNK B 52 24.42 15.65 4.54
N UNK B 53 25.14 16.73 4.74
CA UNK B 53 24.60 17.83 5.51
C UNK B 53 24.62 17.64 7.04
N UNK B 54 24.50 18.75 7.74
CA UNK B 54 24.52 18.75 9.20
C UNK B 54 23.45 17.92 9.85
N UNK B 55 22.26 18.00 9.32
CA UNK B 55 21.16 17.30 9.92
C UNK B 55 21.28 15.81 9.68
N UNK B 56 21.78 15.43 8.52
CA UNK B 56 21.97 14.04 8.23
C UNK B 56 23.04 13.45 9.11
N UNK B 57 24.10 14.19 9.34
CA UNK B 57 25.14 13.69 10.17
C UNK B 57 24.63 13.54 11.59
N UNK B 58 23.97 14.57 12.08
CA UNK B 58 23.43 14.52 13.42
C UNK B 58 22.47 13.32 13.58
N UNK B 59 21.61 13.12 12.60
CA UNK B 59 20.62 12.08 12.68
C UNK B 59 21.26 10.70 12.66
N UNK B 60 22.20 10.51 11.77
CA UNK B 60 22.88 9.23 11.69
C UNK B 60 23.66 8.91 12.99
N UNK B 61 24.39 9.89 13.48
CA UNK B 61 25.14 9.71 14.71
C UNK B 61 24.25 9.40 15.90
N UNK B 62 23.17 10.16 16.07
CA UNK B 62 22.24 9.91 17.17
C UNK B 62 21.63 8.56 17.01
N UNK B 63 21.28 8.24 15.78
CA UNK B 63 20.63 6.99 15.46
C UNK B 63 21.46 5.79 15.81
N UNK B 64 22.73 5.86 15.46
CA UNK B 64 23.68 4.81 15.79
C UNK B 64 23.85 4.69 17.28
N UNK B 65 23.91 5.82 17.98
CA UNK B 65 24.06 5.79 19.41
C UNK B 65 22.87 5.14 20.11
N UNK B 66 21.68 5.37 19.58
CA UNK B 66 20.51 4.74 20.13
C UNK B 66 20.68 3.23 19.98
N UNK B 67 20.99 2.82 18.77
CA UNK B 67 21.16 1.41 18.44
C UNK B 67 22.25 0.74 19.26
N UNK B 68 23.38 1.43 19.39
CA UNK B 68 24.48 0.89 20.15
C UNK B 68 24.21 0.84 21.64
N UNK B 69 23.46 1.81 22.14
CA UNK B 69 23.14 1.83 23.55
C UNK B 69 22.32 0.59 23.91
N UNK B 70 21.38 0.26 23.05
CA UNK B 70 20.58 -0.93 23.26
C UNK B 70 21.47 -2.15 23.16
N UNK B 71 22.31 -2.15 22.14
CA UNK B 71 23.22 -3.24 21.88
C UNK B 71 24.10 -3.55 23.06
N UNK B 72 24.63 -2.52 23.69
CA UNK B 72 25.49 -2.69 24.83
C UNK B 72 24.71 -3.32 25.96
N UNK B 73 23.48 -2.91 26.10
CA UNK B 73 22.70 -3.47 27.16
C UNK B 73 22.53 -4.96 26.88
N UNK B 74 22.26 -5.30 25.63
CA UNK B 74 22.06 -6.69 25.29
C UNK B 74 23.29 -7.52 25.66
N UNK B 75 24.46 -7.05 25.24
CA UNK B 75 25.72 -7.75 25.52
C UNK B 75 25.87 -7.97 26.99
N UNK B 76 25.56 -6.94 27.74
CA UNK B 76 25.64 -7.04 29.16
C UNK B 76 24.64 -8.05 29.69
N UNK B 77 23.46 -8.11 29.13
CA UNK B 77 22.49 -9.11 29.57
C UNK B 77 22.97 -10.49 29.18
N UNK B 78 23.76 -10.56 28.11
CA UNK B 78 24.30 -11.83 27.62
C UNK B 78 25.56 -12.26 28.35
N UNK B 79 25.94 -11.55 29.40
CA UNK B 79 27.16 -11.86 30.10
C UNK B 79 28.34 -11.80 29.17
N UNK B 80 28.26 -10.93 28.19
CA UNK B 80 29.34 -10.70 27.24
C UNK B 80 29.73 -11.94 26.46
N UNK B 81 28.79 -12.85 26.25
CA UNK B 81 29.06 -14.10 25.58
C UNK B 81 28.30 -14.20 24.25
N UNK B 82 29.03 -14.23 23.15
CA UNK B 82 28.45 -14.18 21.81
C UNK B 82 27.54 -15.32 21.46
N UNK B 83 27.76 -16.50 22.00
CA UNK B 83 26.88 -17.62 21.72
C UNK B 83 25.54 -17.32 22.38
N UNK B 84 25.59 -16.81 23.61
CA UNK B 84 24.41 -16.45 24.35
C UNK B 84 23.73 -15.22 23.73
N UNK B 85 24.53 -14.30 23.23
CA UNK B 85 24.03 -13.12 22.59
C UNK B 85 23.18 -13.50 21.40
N UNK B 86 23.66 -14.43 20.58
CA UNK B 86 22.89 -14.86 19.41
C UNK B 86 21.70 -15.70 19.84
N UNK B 87 21.91 -16.61 20.77
CA UNK B 87 20.85 -17.48 21.23
C UNK B 87 19.62 -16.69 21.71
N UNK B 88 19.86 -15.76 22.63
CA UNK B 88 18.82 -15.02 23.31
C UNK B 88 18.53 -13.61 22.76
N UNK B 89 19.02 -13.31 21.57
CA UNK B 89 18.88 -12.03 20.95
C UNK B 89 17.45 -11.43 20.98
N UNK B 90 16.49 -12.26 20.60
CA UNK B 90 15.11 -11.85 20.51
C UNK B 90 14.47 -11.65 21.89
N UNK B 91 15.13 -12.12 22.93
CA UNK B 91 14.64 -12.09 24.29
C UNK B 91 15.17 -10.95 25.15
N UNK B 92 16.27 -10.34 24.76
CA UNK B 92 16.83 -9.27 25.58
C UNK B 92 15.92 -8.08 25.45
N UNK B 93 15.96 -7.23 26.47
CA UNK B 93 15.11 -6.08 26.50
C UNK B 93 15.70 -4.97 27.34
N UNK B 94 15.67 -3.76 26.82
CA UNK B 94 16.09 -2.58 27.56
C UNK B 94 14.79 -1.94 27.99
N UNK B 95 14.52 -2.00 29.28
CA UNK B 95 13.24 -1.62 29.85
C UNK B 95 13.20 -0.19 30.41
N UNK B 96 12.07 0.49 30.38
CA UNK B 96 11.98 1.83 30.96
C UNK B 96 12.08 1.76 32.48
N UNK B 97 12.25 2.89 33.13
CA UNK B 97 12.26 2.95 34.59
C UNK B 97 10.98 2.42 35.18
N UNK B 98 11.11 1.93 36.40
CA UNK B 98 10.00 1.40 37.16
C UNK B 98 9.13 2.56 37.57
N UNK B 99 7.89 2.22 37.82
CA UNK B 99 6.88 3.21 38.14
C UNK B 99 7.30 4.12 39.28
N UNK B 100 8.12 3.61 40.18
CA UNK B 100 8.55 4.34 41.36
C UNK B 100 9.24 5.63 40.99
N UNK B 101 9.93 5.65 39.85
CA UNK B 101 10.70 6.82 39.48
C UNK B 101 9.90 7.91 38.81
N UNK B 102 8.62 7.65 38.61
CA UNK B 102 7.77 8.61 37.97
C UNK B 102 8.34 9.07 36.64
N UNK B 103 8.35 10.37 36.45
CA UNK B 103 8.94 11.01 35.29
C UNK B 103 10.33 11.56 35.58
N UNK B 104 10.94 11.17 36.69
CA UNK B 104 12.25 11.71 37.01
C UNK B 104 13.33 11.07 36.18
N UNK B 105 14.40 11.81 36.02
CA UNK B 105 15.58 11.29 35.35
C UNK B 105 16.58 10.71 36.35
N UNK B 106 16.15 10.43 37.57
CA UNK B 106 17.08 9.94 38.58
C UNK B 106 17.19 8.41 38.65
N UNK B 107 16.52 7.67 37.78
CA UNK B 107 16.61 6.21 37.75
C UNK B 107 18.04 5.78 37.50
N UNK B 108 18.51 4.78 38.22
CA UNK B 108 19.85 4.26 37.99
C UNK B 108 20.00 3.65 36.60
N UNK B 109 21.21 3.67 36.08
CA UNK B 109 21.49 3.14 34.77
C UNK B 109 20.86 1.82 34.49
N UNK B 110 21.11 0.87 35.36
CA UNK B 110 20.62 -0.49 35.18
C UNK B 110 19.15 -0.59 35.41
N UNK B 111 18.54 0.44 35.96
CA UNK B 111 17.14 0.36 36.26
C UNK B 111 16.31 1.39 35.54
N UNK B 112 16.68 1.77 34.33
CA UNK B 112 15.88 2.69 33.57
C UNK B 112 16.66 3.85 33.01
N UNK B 113 17.76 4.18 33.66
CA UNK B 113 18.57 5.27 33.23
C UNK B 113 19.04 5.11 31.80
N UNK B 114 19.42 3.88 31.45
CA UNK B 114 19.92 3.59 30.14
C UNK B 114 18.82 3.72 29.10
N UNK B 115 17.63 3.34 29.50
CA UNK B 115 16.48 3.46 28.63
C UNK B 115 16.29 4.94 28.29
N UNK B 116 16.49 5.82 29.26
CA UNK B 116 16.28 7.26 29.03
C UNK B 116 17.31 7.84 28.11
N UNK B 117 18.54 7.39 28.25
CA UNK B 117 19.59 7.83 27.38
C UNK B 117 19.31 7.39 25.93
N UNK B 118 18.97 6.13 25.77
CA UNK B 118 18.68 5.61 24.43
C UNK B 118 17.53 6.37 23.79
N UNK B 119 16.48 6.58 24.56
CA UNK B 119 15.33 7.29 24.07
C UNK B 119 15.69 8.72 23.66
N UNK B 120 16.60 9.33 24.40
CA UNK B 120 17.04 10.68 24.09
C UNK B 120 17.69 10.70 22.71
N UNK B 121 18.58 9.74 22.47
CA UNK B 121 19.22 9.63 21.17
C UNK B 121 18.20 9.36 20.04
N UNK B 122 17.24 8.50 20.31
CA UNK B 122 16.25 8.21 19.29
C UNK B 122 15.46 9.47 18.97
N UNK B 123 15.14 10.22 20.01
CA UNK B 123 14.38 11.45 19.87
C UNK B 123 15.11 12.40 18.93
N UNK B 124 16.37 12.60 19.19
CA UNK B 124 17.18 13.46 18.33
C UNK B 124 17.27 12.93 16.90
N UNK B 125 17.48 11.64 16.73
CA UNK B 125 17.59 11.07 15.39
C UNK B 125 16.37 11.25 14.54
N UNK B 126 15.22 10.95 15.09
CA UNK B 126 14.00 11.01 14.31
C UNK B 126 13.65 12.43 13.96
N UNK B 127 13.76 13.36 14.91
CA UNK B 127 13.38 14.73 14.62
C UNK B 127 14.35 15.39 13.65
N UNK B 128 15.64 15.09 13.74
CA UNK B 128 16.56 15.67 12.79
C UNK B 128 16.28 15.09 11.40
N UNK B 129 15.88 13.83 11.34
CA UNK B 129 15.56 13.20 10.08
C UNK B 129 14.34 13.85 9.48
N UNK B 130 13.39 14.21 10.33
CA UNK B 130 12.24 14.93 9.86
C UNK B 130 12.63 16.27 9.21
N UNK B 131 13.53 16.98 9.85
CA UNK B 131 13.98 18.25 9.36
C UNK B 131 14.67 18.09 8.00
N UNK B 132 15.40 16.99 7.87
CA UNK B 132 16.05 16.63 6.61
C UNK B 132 15.02 16.35 5.49
N UNK B 133 13.93 15.68 5.79
CA UNK B 133 12.96 15.42 4.75
C UNK B 133 12.37 16.72 4.27
N UNK B 134 12.21 17.69 5.17
CA UNK B 134 11.68 18.99 4.80
C UNK B 134 12.66 19.76 3.94
N UNK B 135 13.87 19.87 4.44
CA UNK B 135 14.85 20.64 3.77
C UNK B 135 15.26 20.11 2.42
N UNK B 136 15.33 18.80 2.24
CA UNK B 136 15.73 18.24 0.94
C UNK B 136 14.70 18.54 -0.13
N UNK B 137 13.45 18.60 0.26
CA UNK B 137 12.37 19.00 -0.65
C UNK B 137 12.47 20.48 -0.96
N UNK B 138 12.77 21.27 0.07
CA UNK B 138 12.84 22.71 -0.12
C UNK B 138 13.97 23.09 -1.09
N UNK B 139 15.09 22.42 -0.96
CA UNK B 139 16.20 22.71 -1.83
C UNK B 139 15.89 22.40 -3.29
N UNK B 140 14.94 21.52 -3.54
CA UNK B 140 14.54 21.14 -4.88
C UNK B 140 13.25 21.84 -5.35
N UNK B 141 12.75 22.77 -4.53
CA UNK B 141 11.56 23.52 -4.85
C UNK B 141 10.31 22.69 -4.83
N UNK B 142 10.38 21.53 -4.19
CA UNK B 142 9.23 20.64 -4.15
C UNK B 142 8.30 20.96 -3.00
N UNK B 143 7.08 20.50 -3.13
CA UNK B 143 6.14 20.62 -2.02
C UNK B 143 6.61 19.78 -0.85
N UNK B 144 6.02 20.01 0.32
CA UNK B 144 6.48 19.39 1.54
C UNK B 144 5.71 18.17 1.97
N UNK B 145 5.05 17.54 1.02
CA UNK B 145 4.17 16.42 1.31
C UNK B 145 4.86 15.30 2.04
N UNK B 146 6.10 15.02 1.70
CA UNK B 146 6.80 13.95 2.34
C UNK B 146 7.01 14.21 3.84
N UNK B 147 7.45 15.40 4.18
CA UNK B 147 7.67 15.75 5.56
C UNK B 147 6.37 15.71 6.35
N UNK B 148 5.30 16.19 5.74
CA UNK B 148 4.02 16.18 6.45
C UNK B 148 3.49 14.76 6.63
N UNK B 149 3.64 13.91 5.63
CA UNK B 149 3.26 12.54 5.78
C UNK B 149 4.10 11.83 6.86
N UNK B 150 5.39 12.08 6.86
CA UNK B 150 6.28 11.49 7.86
C UNK B 150 5.84 11.90 9.30
N UNK B 151 5.35 13.10 9.44
CA UNK B 151 4.89 13.59 10.71
C UNK B 151 3.75 12.73 11.31
N UNK B 152 2.92 12.16 10.45
CA UNK B 152 1.88 11.31 10.90
C UNK B 152 2.50 10.08 11.59
N UNK B 153 3.53 9.49 11.00
CA UNK B 153 4.22 8.37 11.65
C UNK B 153 4.89 8.77 12.98
N UNK B 154 5.51 9.93 12.97
CA UNK B 154 6.13 10.49 14.16
C UNK B 154 5.09 10.68 15.28
N UNK B 155 3.88 11.03 14.92
CA UNK B 155 2.84 11.24 15.90
C UNK B 155 2.59 9.96 16.69
N UNK B 156 2.48 8.83 16.03
CA UNK B 156 2.27 7.58 16.75
C UNK B 156 3.45 7.20 17.64
N UNK B 157 4.62 7.33 17.08
CA UNK B 157 5.83 7.07 17.84
C UNK B 157 5.94 7.97 19.06
N UNK B 158 5.68 9.25 18.88
CA UNK B 158 5.72 10.19 20.01
C UNK B 158 4.68 9.88 21.09
N UNK B 159 3.53 9.49 20.65
CA UNK B 159 2.48 9.17 21.61
C UNK B 159 2.91 7.98 22.45
N UNK B 160 3.43 6.95 21.79
CA UNK B 160 3.79 5.72 22.47
C UNK B 160 4.88 5.91 23.49
N UNK B 161 5.92 6.62 23.11
CA UNK B 161 7.09 6.74 23.94
C UNK B 161 7.26 8.02 24.74
N UNK B 162 6.47 9.04 24.44
CA UNK B 162 6.66 10.33 25.09
C UNK B 162 5.43 10.99 25.67
N UNK B 163 4.46 11.28 24.82
CA UNK B 163 3.30 12.03 25.23
C UNK B 163 2.42 11.24 26.19
N UNK B 164 2.09 10.00 25.84
CA UNK B 164 1.26 9.22 26.74
C UNK B 164 1.95 8.98 28.11
N UNK B 165 3.19 8.54 28.12
CA UNK B 165 3.88 8.38 29.41
C UNK B 165 3.86 9.66 30.27
N UNK B 166 4.14 10.80 29.67
CA UNK B 166 4.11 12.03 30.42
C UNK B 166 2.74 12.27 31.00
N UNK B 167 1.71 12.05 30.19
CA UNK B 167 0.38 12.25 30.71
C UNK B 167 0.02 11.21 31.75
N UNK B 168 0.55 9.99 31.69
CA UNK B 168 0.24 8.97 32.68
C UNK B 168 1.04 9.21 34.00
N UNK B 169 2.05 10.03 33.93
CA UNK B 169 2.89 10.31 35.08
C UNK B 169 4.09 9.42 35.26
N UNK B 170 4.38 8.50 34.34
CA UNK B 170 5.60 7.73 34.48
C UNK B 170 6.17 7.14 33.19
N UNK B 171 7.49 7.12 33.11
CA UNK B 171 8.18 6.56 31.97
C UNK B 171 7.91 5.07 31.87
N UNK B 172 7.51 4.46 32.99
CA UNK B 172 7.26 3.04 33.00
C UNK B 172 6.18 2.64 32.00
N UNK B 173 5.42 3.60 31.53
CA UNK B 173 4.36 3.32 30.58
C UNK B 173 4.83 3.19 29.14
N UNK B 174 6.06 3.58 28.89
CA UNK B 174 6.60 3.58 27.53
C UNK B 174 6.98 2.17 27.07
N UNK B 175 7.41 2.07 25.82
CA UNK B 175 7.71 0.77 25.18
C UNK B 175 9.16 0.40 25.40
N UNK B 176 9.44 -0.86 25.76
CA UNK B 176 10.82 -1.32 25.88
C UNK B 176 11.44 -1.60 24.52
N UNK B 177 12.75 -1.54 24.48
CA UNK B 177 13.49 -1.81 23.26
C UNK B 177 13.87 -3.26 23.31
N UNK B 178 13.14 -4.09 22.59
CA UNK B 178 13.35 -5.52 22.54
C UNK B 178 12.44 -6.10 21.48
N UNK B 179 12.86 -7.18 20.84
CA UNK B 179 12.09 -7.79 19.78
C UNK B 179 10.85 -8.41 20.38
N UNK B 180 11.01 -9.46 21.17
CA UNK B 180 9.87 -10.08 21.80
C UNK B 180 9.23 -9.17 22.86
N UNK B 181 10.04 -8.45 23.64
CA UNK B 181 9.46 -7.69 24.74
C UNK B 181 8.47 -6.61 24.22
N UNK B 182 8.70 -6.05 23.05
CA UNK B 182 7.78 -5.05 22.56
C UNK B 182 6.49 -5.66 22.02
N UNK B 183 6.55 -6.90 21.60
CA UNK B 183 5.35 -7.63 21.24
C UNK B 183 4.58 -7.94 22.53
N UNK B 184 5.25 -8.41 23.55
CA UNK B 184 4.59 -8.66 24.83
C UNK B 184 3.91 -7.35 25.38
N UNK B 185 4.57 -6.23 25.25
CA UNK B 185 4.05 -4.95 25.70
C UNK B 185 2.77 -4.63 24.94
N UNK B 186 2.79 -4.91 23.63
CA UNK B 186 1.65 -4.65 22.77
C UNK B 186 0.44 -5.47 23.20
N UNK B 187 0.66 -6.76 23.42
CA UNK B 187 -0.38 -7.66 23.86
C UNK B 187 -0.93 -7.19 25.24
N UNK B 188 -0.02 -6.93 26.15
CA UNK B 188 -0.40 -6.47 27.47
C UNK B 188 -1.18 -5.13 27.44
N UNK B 189 -0.78 -4.21 26.57
CA UNK B 189 -1.48 -2.95 26.49
C UNK B 189 -2.97 -3.17 26.17
N UNK B 190 -3.26 -4.09 25.25
CA UNK B 190 -4.64 -4.38 24.88
C UNK B 190 -5.35 -5.02 26.07
N UNK B 191 -4.73 -6.00 26.72
CA UNK B 191 -5.36 -6.68 27.85
C UNK B 191 -5.70 -5.71 28.96
N UNK B 192 -4.78 -4.84 29.28
CA UNK B 192 -4.92 -3.92 30.36
C UNK B 192 -5.95 -2.82 30.03
N UNK B 193 -6.18 -2.49 28.76
CA UNK B 193 -7.18 -1.47 28.45
C UNK B 193 -8.49 -2.05 27.97
N UNK B 194 -8.73 -3.30 28.28
CA UNK B 194 -10.00 -3.91 28.05
C UNK B 194 -10.31 -4.34 26.62
N UNK B 195 -9.26 -4.64 25.86
CA UNK B 195 -9.32 -5.20 24.50
C UNK B 195 -9.45 -4.08 23.47
N UNK B 196 -8.36 -3.84 22.78
CA UNK B 196 -8.25 -2.75 21.82
C UNK B 196 -9.17 -2.90 20.62
N UNK B 197 -9.68 -4.10 20.37
CA UNK B 197 -10.65 -4.24 19.31
C UNK B 197 -11.88 -3.39 19.63
N UNK B 198 -12.07 -2.99 20.88
CA UNK B 198 -13.20 -2.10 21.16
C UNK B 198 -12.88 -0.62 21.05
N UNK B 199 -11.65 -0.27 20.73
CA UNK B 199 -11.24 1.11 20.64
C UNK B 199 -11.54 1.52 19.16
N UNK B 200 -12.45 2.44 18.93
CA UNK B 200 -12.88 2.75 17.55
C UNK B 200 -11.76 3.29 16.69
N UNK B 201 -10.81 3.99 17.30
CA UNK B 201 -9.66 4.45 16.57
C UNK B 201 -8.77 3.33 16.14
N UNK B 202 -8.72 2.24 16.92
CA UNK B 202 -7.96 1.07 16.53
C UNK B 202 -8.64 0.44 15.30
N UNK B 203 -9.94 0.34 15.32
CA UNK B 203 -10.67 -0.22 14.20
C UNK B 203 -10.45 0.60 12.91
N UNK B 204 -10.46 1.91 13.05
CA UNK B 204 -10.23 2.80 11.92
C UNK B 204 -8.83 2.62 11.38
N UNK B 205 -7.87 2.58 12.30
CA UNK B 205 -6.49 2.40 11.91
C UNK B 205 -6.30 1.09 11.11
N UNK B 206 -6.97 0.02 11.54
CA UNK B 206 -6.95 -1.22 10.79
C UNK B 206 -7.59 -1.06 9.41
N UNK B 207 -8.73 -0.39 9.34
CA UNK B 207 -9.33 -0.12 8.03
C UNK B 207 -8.36 0.57 7.04
N UNK B 208 -7.60 1.56 7.52
CA UNK B 208 -6.64 2.26 6.70
C UNK B 208 -5.42 1.43 6.42
N UNK B 209 -5.05 0.53 7.33
CA UNK B 209 -3.92 -0.34 7.08
C UNK B 209 -4.28 -1.37 5.98
N UNK B 210 -5.42 -2.00 6.14
CA UNK B 210 -5.94 -2.90 5.12
C UNK B 210 -6.16 -2.12 3.78
N UNK B 211 -6.73 -0.94 3.89
CA UNK B 211 -7.01 -0.10 2.76
C UNK B 211 -5.78 0.34 2.01
N UNK B 212 -4.69 0.53 2.72
CA UNK B 212 -3.42 0.84 2.13
C UNK B 212 -2.93 -0.29 1.24
N UNK B 213 -3.11 -1.50 1.69
CA UNK B 213 -2.73 -2.67 0.89
C UNK B 213 -3.70 -2.84 -0.30
N UNK B 214 -4.95 -2.63 -0.09
CA UNK B 214 -5.89 -2.69 -1.18
C UNK B 214 -5.51 -1.62 -2.26
N UNK B 215 -5.21 -0.40 -1.80
CA UNK B 215 -4.94 0.66 -2.72
C UNK B 215 -3.63 0.51 -3.43
N UNK B 216 -2.58 0.08 -2.74
CA UNK B 216 -1.36 -0.09 -3.45
C UNK B 216 -1.45 -1.26 -4.42
N UNK B 217 -2.16 -2.31 -4.06
CA UNK B 217 -2.37 -3.39 -5.01
C UNK B 217 -3.12 -2.89 -6.29
N UNK B 218 -4.19 -2.16 -6.09
CA UNK B 218 -4.93 -1.57 -7.18
C UNK B 218 -4.05 -0.65 -8.05
N UNK B 219 -3.35 0.27 -7.41
CA UNK B 219 -2.60 1.30 -8.08
C UNK B 219 -1.38 0.72 -8.81
N UNK B 220 -0.63 -0.12 -8.12
CA UNK B 220 0.49 -0.77 -8.67
C UNK B 220 0.06 -1.58 -9.91
N UNK B 221 -0.98 -2.35 -9.75
CA UNK B 221 -1.49 -3.18 -10.84
C UNK B 221 -2.01 -2.31 -12.04
N UNK B 222 -2.69 -1.23 -11.74
CA UNK B 222 -3.31 -0.41 -12.73
C UNK B 222 -2.19 0.21 -13.61
N UNK B 223 -1.19 0.78 -12.94
CA UNK B 223 -0.11 1.40 -13.63
C UNK B 223 0.68 0.37 -14.44
N UNK B 224 0.91 -0.82 -13.92
CA UNK B 224 1.56 -1.81 -14.73
C UNK B 224 0.70 -2.21 -15.95
N UNK B 225 -0.57 -2.29 -15.74
CA UNK B 225 -1.48 -2.65 -16.81
C UNK B 225 -1.54 -1.61 -17.96
N UNK B 226 -1.26 -0.34 -17.67
CA UNK B 226 -1.21 0.69 -18.67
C UNK B 226 0.18 1.19 -18.98
N UNK B 227 1.17 0.44 -18.54
CA UNK B 227 2.55 0.78 -18.79
C UNK B 227 2.87 0.62 -20.28
N UNK B 228 2.11 -0.20 -21.00
CA UNK B 228 2.20 -0.35 -22.44
C UNK B 228 1.83 0.95 -23.20
N UNK B 229 1.29 1.96 -22.49
CA UNK B 229 0.98 3.28 -23.04
C UNK B 229 1.71 4.38 -22.26
N UNK B 230 2.78 4.02 -21.60
CA UNK B 230 3.59 4.95 -20.83
C UNK B 230 2.99 5.44 -19.54
N UNK B 231 2.14 4.64 -18.97
CA UNK B 231 1.41 5.01 -17.78
C UNK B 231 2.21 5.44 -16.56
N UNK B 232 3.42 4.93 -16.38
CA UNK B 232 4.18 5.25 -15.18
C UNK B 232 4.80 6.63 -15.21
N UNK B 233 4.74 7.27 -16.38
CA UNK B 233 5.18 8.65 -16.51
C UNK B 233 4.07 9.55 -16.03
N UNK B 234 3.81 9.45 -14.75
CA UNK B 234 2.62 10.01 -14.14
C UNK B 234 2.58 11.52 -14.18
N UNK B 235 3.73 12.15 -14.05
CA UNK B 235 3.73 13.59 -14.08
C UNK B 235 3.27 14.16 -15.43
N UNK B 236 3.78 13.62 -16.52
CA UNK B 236 3.39 14.14 -17.82
C UNK B 236 1.97 13.75 -18.18
N UNK B 237 1.50 12.62 -17.66
CA UNK B 237 0.11 12.23 -17.81
C UNK B 237 -0.80 13.21 -17.06
N UNK B 238 -0.31 13.81 -15.99
CA UNK B 238 -1.06 14.79 -15.26
C UNK B 238 -1.09 16.07 -16.07
N UNK B 239 0.03 16.40 -16.69
CA UNK B 239 0.13 17.63 -17.46
C UNK B 239 -0.57 17.56 -18.82
N UNK B 240 -0.71 16.36 -19.37
CA UNK B 240 -1.18 16.18 -20.75
C UNK B 240 -1.73 14.74 -20.84
N UNK B 241 -2.95 14.59 -20.40
CA UNK B 241 -3.59 13.28 -20.29
C UNK B 241 -3.46 12.45 -21.56
N UNK B 242 -3.02 11.21 -21.43
CA UNK B 242 -2.89 10.30 -22.54
C UNK B 242 -3.83 9.13 -22.45
N UNK B 243 -3.73 8.22 -23.40
CA UNK B 243 -4.60 7.05 -23.39
C UNK B 243 -4.36 6.20 -22.15
N UNK B 244 -3.13 6.19 -21.63
CA UNK B 244 -2.91 5.47 -20.35
C UNK B 244 -3.83 5.92 -19.22
N UNK B 245 -3.90 7.25 -19.01
CA UNK B 245 -4.72 7.82 -17.96
C UNK B 245 -6.19 7.60 -18.28
N UNK B 246 -6.57 7.70 -19.55
CA UNK B 246 -7.95 7.48 -19.92
C UNK B 246 -8.39 6.04 -19.63
N UNK B 247 -7.53 5.08 -19.98
CA UNK B 247 -7.89 3.68 -19.81
C UNK B 247 -7.93 3.26 -18.32
N UNK B 248 -7.03 3.83 -17.54
CA UNK B 248 -7.00 3.59 -16.09
C UNK B 248 -8.28 4.14 -15.50
N UNK B 249 -8.63 5.37 -15.87
CA UNK B 249 -9.83 5.96 -15.36
C UNK B 249 -11.04 5.08 -15.72
N UNK B 250 -11.10 4.63 -16.97
CA UNK B 250 -12.24 3.86 -17.41
C UNK B 250 -12.31 2.47 -16.79
N UNK B 251 -11.18 1.85 -16.53
CA UNK B 251 -11.20 0.58 -15.83
C UNK B 251 -11.95 0.74 -14.48
N UNK B 252 -11.61 1.77 -13.71
CA UNK B 252 -12.20 1.97 -12.41
C UNK B 252 -13.64 2.49 -12.48
N UNK B 253 -13.92 3.29 -13.50
CA UNK B 253 -15.25 3.79 -13.71
C UNK B 253 -16.15 2.60 -14.09
N UNK B 254 -15.73 1.80 -15.05
CA UNK B 254 -16.56 0.69 -15.47
C UNK B 254 -16.70 -0.43 -14.43
N UNK B 255 -15.67 -0.64 -13.64
CA UNK B 255 -15.68 -1.67 -12.58
C UNK B 255 -16.54 -1.25 -11.41
N UNK B 256 -16.37 -0.04 -10.91
CA UNK B 256 -17.06 0.38 -9.70
C UNK B 256 -17.57 1.81 -9.62
N UNK B 257 -17.62 2.47 -10.76
CA UNK B 257 -18.19 3.80 -10.80
C UNK B 257 -17.32 4.85 -10.08
N UNK B 258 -16.06 4.62 -9.91
CA UNK B 258 -15.18 5.48 -9.12
C UNK B 258 -14.55 6.60 -10.01
N UNK B 259 -14.52 7.82 -9.49
CA UNK B 259 -13.84 8.90 -10.13
C UNK B 259 -12.36 8.70 -9.96
N UNK B 260 -11.62 8.89 -11.02
CA UNK B 260 -10.20 8.66 -10.99
C UNK B 260 -9.48 9.61 -11.94
N UNK B 261 -8.47 10.27 -11.44
CA UNK B 261 -7.50 10.99 -12.27
C UNK B 261 -6.13 10.57 -11.83
N UNK B 262 -5.16 10.84 -12.70
CA UNK B 262 -3.83 10.48 -12.41
C UNK B 262 -3.31 11.21 -11.17
N UNK B 263 -3.59 12.50 -11.02
CA UNK B 263 -3.14 13.21 -9.84
C UNK B 263 -3.98 12.76 -8.60
N UNK B 264 -5.26 12.65 -8.82
CA UNK B 264 -6.20 12.35 -7.76
C UNK B 264 -5.96 11.01 -7.03
N UNK B 265 -5.55 9.96 -7.74
CA UNK B 265 -5.29 8.68 -7.11
C UNK B 265 -4.12 8.80 -6.12
N UNK B 266 -3.21 9.72 -6.39
CA UNK B 266 -2.08 9.96 -5.48
C UNK B 266 -2.53 10.69 -4.21
N UNK B 267 -3.62 11.46 -4.28
CA UNK B 267 -4.19 12.06 -3.10
C UNK B 267 -4.84 11.00 -2.20
N UNK B 268 -5.55 10.06 -2.84
CA UNK B 268 -6.07 8.92 -2.13
C UNK B 268 -4.93 8.17 -1.47
N UNK B 269 -3.87 7.93 -2.22
CA UNK B 269 -2.72 7.25 -1.71
C UNK B 269 -2.10 7.87 -0.45
N UNK B 270 -1.85 9.17 -0.47
CA UNK B 270 -1.20 9.79 0.64
C UNK B 270 -2.11 9.77 1.90
N UNK B 271 -3.38 9.99 1.69
CA UNK B 271 -4.30 10.06 2.79
C UNK B 271 -4.60 8.68 3.41
N UNK B 272 -4.75 7.66 2.59
CA UNK B 272 -5.01 6.32 3.08
C UNK B 272 -3.91 5.88 4.04
N UNK B 273 -2.68 6.09 3.66
CA UNK B 273 -1.53 5.75 4.47
C UNK B 273 -1.38 6.59 5.74
N UNK B 274 -1.45 7.90 5.58
CA UNK B 274 -1.28 8.84 6.69
C UNK B 274 -2.32 8.62 7.80
N UNK B 275 -3.51 8.21 7.40
CA UNK B 275 -4.57 8.04 8.36
C UNK B 275 -4.34 6.82 9.23
N UNK B 276 -3.50 5.88 8.79
CA UNK B 276 -3.15 4.74 9.60
C UNK B 276 -2.61 5.18 10.98
N UNK B 277 -1.59 6.01 10.99
CA UNK B 277 -0.93 6.41 12.22
C UNK B 277 -1.57 7.62 12.86
N UNK B 278 -2.24 8.42 12.07
CA UNK B 278 -2.97 9.55 12.62
C UNK B 278 -4.07 9.06 13.57
N UNK B 279 -4.91 8.18 13.05
CA UNK B 279 -5.95 7.58 13.87
C UNK B 279 -5.38 6.72 14.98
N UNK B 280 -4.35 5.96 14.67
CA UNK B 280 -3.78 5.08 15.65
C UNK B 280 -3.27 5.85 16.88
N UNK B 281 -2.59 6.94 16.60
CA UNK B 281 -2.03 7.77 17.64
C UNK B 281 -3.08 8.31 18.58
N UNK B 282 -4.20 8.70 18.02
CA UNK B 282 -5.27 9.23 18.84
C UNK B 282 -5.80 8.10 19.75
N UNK B 283 -5.99 6.95 19.17
CA UNK B 283 -6.48 5.80 19.88
C UNK B 283 -5.62 5.39 21.07
N UNK B 284 -4.32 5.44 20.90
CA UNK B 284 -3.39 5.10 21.97
C UNK B 284 -3.36 6.20 23.03
N UNK B 285 -3.36 7.45 22.58
CA UNK B 285 -3.32 8.58 23.51
C UNK B 285 -4.44 8.62 24.51
N UNK B 286 -5.62 8.23 24.07
CA UNK B 286 -6.81 8.23 24.88
C UNK B 286 -6.87 7.02 25.81
N UNK B 287 -6.09 6.01 25.51
CA UNK B 287 -6.06 4.80 26.32
C UNK B 287 -5.32 5.02 27.64
N UNK B 288 -6.03 4.85 28.73
CA UNK B 288 -5.43 4.99 30.04
C UNK B 288 -5.43 6.42 30.59
N UNK B 289 -5.45 7.41 29.72
CA UNK B 289 -5.52 8.80 30.14
C UNK B 289 -6.97 9.19 30.32
N UNK B 290 -7.80 8.79 29.36
CA UNK B 290 -9.19 9.17 29.35
C UNK B 290 -10.10 7.96 29.46
N UNK B 291 -9.74 6.87 28.80
CA UNK B 291 -10.51 5.65 28.81
C UNK B 291 -9.65 4.53 29.40
N UNK B 292 -10.07 3.98 30.53
CA UNK B 292 -9.34 2.89 31.15
C UNK B 292 -9.69 1.55 30.55
N UNK B 293 -10.87 1.41 29.97
CA UNK B 293 -11.33 0.09 29.52
C UNK B 293 -12.27 0.26 28.36
N UNK B 294 -11.85 -0.15 27.18
CA UNK B 294 -12.60 0.10 25.97
C UNK B 294 -13.90 -0.68 25.90
N UNK B 295 -13.94 -1.88 26.50
CA UNK B 295 -15.15 -2.61 26.51
C UNK B 295 -16.18 -1.82 27.33
N UNK B 296 -15.77 -1.33 28.47
CA UNK B 296 -16.66 -0.59 29.31
C UNK B 296 -17.16 0.68 28.57
N UNK B 297 -16.24 1.38 27.94
CA UNK B 297 -16.54 2.61 27.20
C UNK B 297 -17.53 2.32 26.08
N UNK B 298 -17.28 1.26 25.35
CA UNK B 298 -18.15 0.82 24.30
C UNK B 298 -19.55 0.49 24.72
N UNK B 299 -19.72 0.01 25.96
CA UNK B 299 -21.02 -0.35 26.43
C UNK B 299 -21.81 0.90 26.65
N UNK B 300 -21.14 1.97 27.00
CA UNK B 300 -21.75 3.25 27.23
C UNK B 300 -21.58 4.23 26.08
N UNK B 301 -20.44 4.13 25.43
CA UNK B 301 -19.88 5.18 24.58
C UNK B 301 -19.59 6.42 25.46
N UNK B 302 -19.01 6.23 26.64
CA UNK B 302 -18.80 7.38 27.52
C UNK B 302 -18.37 7.05 28.94
N UNK C 1 -20.16 13.63 24.76
CA UNK C 1 -20.18 13.39 26.25
C UNK C 1 -18.77 13.34 26.85
N UNK C 2 -18.08 12.24 26.78
CA UNK C 2 -16.71 12.20 27.21
C UNK C 2 -15.81 12.60 26.04
N UNK C 3 -14.59 12.88 26.39
CA UNK C 3 -13.60 13.27 25.44
C UNK C 3 -13.41 12.32 24.27
N UNK C 4 -13.38 11.01 24.54
CA UNK C 4 -13.20 10.04 23.49
C UNK C 4 -14.37 10.12 22.50
N UNK C 5 -15.57 10.27 23.04
CA UNK C 5 -16.73 10.43 22.20
C UNK C 5 -16.55 11.67 21.33
N UNK C 6 -16.07 12.74 21.94
CA UNK C 6 -15.86 13.99 21.22
C UNK C 6 -14.87 13.77 20.09
N UNK C 7 -13.83 13.03 20.39
CA UNK C 7 -12.80 12.78 19.43
C UNK C 7 -13.30 11.97 18.23
N UNK C 8 -14.05 10.93 18.51
CA UNK C 8 -14.51 10.07 17.42
C UNK C 8 -15.52 10.78 16.50
N UNK C 9 -16.43 11.55 17.06
CA UNK C 9 -17.39 12.27 16.24
C UNK C 9 -16.73 13.30 15.39
N UNK C 10 -15.78 13.98 15.97
CA UNK C 10 -15.10 15.01 15.28
C UNK C 10 -14.22 14.44 14.15
N UNK C 11 -13.68 13.24 14.36
CA UNK C 11 -12.91 12.56 13.36
C UNK C 11 -13.79 12.16 12.16
N UNK C 12 -15.01 11.71 12.42
CA UNK C 12 -15.89 11.36 11.32
C UNK C 12 -16.24 12.58 10.48
N UNK C 13 -16.35 13.73 11.12
CA UNK C 13 -16.62 14.93 10.41
C UNK C 13 -15.46 15.28 9.51
N UNK C 14 -14.27 15.24 10.07
CA UNK C 14 -13.08 15.41 9.27
C UNK C 14 -13.05 14.45 8.07
N UNK C 15 -13.33 13.19 8.30
CA UNK C 15 -13.26 12.20 7.24
C UNK C 15 -14.24 12.46 6.12
N UNK C 16 -15.44 12.92 6.48
CA UNK C 16 -16.41 13.25 5.48
C UNK C 16 -15.95 14.44 4.63
N UNK C 17 -15.33 15.43 5.24
CA UNK C 17 -14.78 16.52 4.49
C UNK C 17 -13.66 16.06 3.55
N UNK C 18 -12.83 15.17 4.05
CA UNK C 18 -11.72 14.64 3.29
C UNK C 18 -12.19 13.87 2.06
N UNK C 19 -13.21 13.05 2.26
CA UNK C 19 -13.71 12.28 1.15
C UNK C 19 -14.32 13.19 0.08
N UNK C 20 -15.02 14.22 0.52
CA UNK C 20 -15.54 15.20 -0.38
C UNK C 20 -14.42 15.85 -1.22
N UNK C 21 -13.38 16.27 -0.54
CA UNK C 21 -12.22 16.81 -1.18
C UNK C 21 -11.62 15.82 -2.22
N UNK C 22 -11.40 14.58 -1.83
CA UNK C 22 -10.81 13.58 -2.69
C UNK C 22 -11.62 13.31 -3.94
N UNK C 23 -12.91 13.21 -3.74
CA UNK C 23 -13.81 12.96 -4.83
C UNK C 23 -13.79 14.08 -5.86
N UNK C 24 -13.86 15.33 -5.42
CA UNK C 24 -13.86 16.41 -6.36
C UNK C 24 -12.51 16.58 -7.05
N UNK C 25 -11.40 16.26 -6.37
CA UNK C 25 -10.10 16.33 -6.99
C UNK C 25 -10.00 15.35 -8.13
N UNK C 26 -10.70 14.22 -8.01
CA UNK C 26 -10.68 13.22 -9.04
C UNK C 26 -11.69 13.48 -10.16
N UNK C 27 -12.24 14.68 -10.17
CA UNK C 27 -13.11 15.10 -11.26
C UNK C 27 -12.43 16.13 -12.18
N UNK C 28 -11.13 16.33 -12.03
CA UNK C 28 -10.50 17.40 -12.81
C UNK C 28 -10.29 17.08 -14.28
N UNK C 29 -10.43 15.82 -14.66
CA UNK C 29 -10.34 15.41 -16.07
C UNK C 29 -11.60 14.62 -16.41
N UNK C 30 -12.21 14.89 -17.55
CA UNK C 30 -13.29 14.04 -17.99
C UNK C 30 -14.70 14.54 -17.78
N UNK C 31 -14.82 15.64 -17.03
CA UNK C 31 -16.10 16.22 -16.64
C UNK C 31 -16.14 17.54 -17.32
N UNK C 32 -17.30 18.09 -17.61
CA UNK C 32 -18.59 17.47 -17.30
C UNK C 32 -18.90 16.19 -18.11
N UNK C 33 -19.78 15.38 -17.54
CA UNK C 33 -20.24 14.15 -18.17
C UNK C 33 -21.10 14.51 -19.37
N UNK C 34 -21.10 13.62 -20.35
CA UNK C 34 -21.80 13.80 -21.60
C UNK C 34 -22.73 12.64 -21.94
N UNK C 35 -23.71 12.96 -22.74
CA UNK C 35 -24.51 11.95 -23.37
C UNK C 35 -23.66 11.33 -24.50
N UNK C 36 -24.18 10.26 -25.10
CA UNK C 36 -23.48 9.55 -26.16
C UNK C 36 -23.29 10.40 -27.38
N UNK C 37 -24.11 11.41 -27.55
CA UNK C 37 -23.94 12.26 -28.70
C UNK C 37 -23.07 13.46 -28.44
N UNK C 38 -22.39 13.50 -27.30
CA UNK C 38 -21.49 14.60 -27.04
C UNK C 38 -22.09 15.81 -26.31
N UNK C 39 -23.37 15.81 -26.06
CA UNK C 39 -23.94 16.94 -25.35
C UNK C 39 -23.81 16.67 -23.85
N UNK C 40 -23.87 17.72 -23.05
CA UNK C 40 -23.71 17.59 -21.59
C UNK C 40 -24.82 16.81 -20.97
N UNK C 41 -24.51 15.89 -20.08
CA UNK C 41 -25.53 15.10 -19.46
C UNK C 41 -26.26 15.93 -18.40
N UNK C 42 -27.52 15.59 -18.25
CA UNK C 42 -28.36 16.30 -17.32
C UNK C 42 -27.91 16.00 -15.89
N UNK C 43 -27.53 14.77 -15.63
CA UNK C 43 -27.07 14.42 -14.30
C UNK C 43 -25.55 14.34 -14.22
N UNK C 44 -24.95 15.29 -13.50
CA UNK C 44 -23.51 15.37 -13.32
C UNK C 44 -23.03 14.71 -12.05
N UNK C 45 -23.91 14.06 -11.31
CA UNK C 45 -23.50 13.41 -10.09
C UNK C 45 -23.69 14.33 -8.90
N UNK C 46 -23.37 13.84 -7.71
CA UNK C 46 -23.57 14.57 -6.45
C UNK C 46 -22.54 15.65 -6.13
N UNK C 47 -21.36 15.61 -6.74
CA UNK C 47 -20.36 16.60 -6.46
C UNK C 47 -20.22 17.67 -7.55
N UNK C 48 -20.00 18.91 -7.15
CA UNK C 48 -19.74 19.99 -8.09
C UNK C 48 -18.31 19.93 -8.58
N UNK C 49 -18.05 20.45 -9.75
CA UNK C 49 -16.71 20.51 -10.28
C UNK C 49 -15.86 21.37 -9.37
N UNK C 50 -14.65 20.97 -9.14
CA UNK C 50 -13.75 21.78 -8.31
C UNK C 50 -13.35 23.06 -9.02
N UNK C 51 -12.94 24.06 -8.26
CA UNK C 51 -12.41 25.27 -8.85
C UNK C 51 -11.12 24.92 -9.59
N UNK C 52 -10.87 25.56 -10.72
CA UNK C 52 -9.69 25.25 -11.53
C UNK C 52 -8.38 25.47 -10.78
N UNK C 53 -7.41 24.64 -11.10
CA UNK C 53 -6.06 24.81 -10.60
C UNK C 53 -5.23 24.95 -11.87
N UNK C 54 -4.12 25.61 -11.75
CA UNK C 54 -3.25 25.83 -12.92
C UNK C 54 -1.87 25.28 -12.63
N UNK C 55 -1.38 24.39 -13.49
CA UNK C 55 -0.04 23.92 -13.41
C UNK C 55 0.81 24.78 -14.32
N UNK C 56 1.98 25.19 -13.86
CA UNK C 56 2.93 25.90 -14.68
C UNK C 56 3.87 24.83 -15.19
N UNK C 57 3.98 24.69 -16.50
CA UNK C 57 4.77 23.63 -17.07
C UNK C 57 6.18 24.09 -17.24
N UNK C 58 7.12 23.20 -17.08
CA UNK C 58 8.54 23.53 -17.24
C UNK C 58 8.93 23.84 -18.68
N UNK C 59 10.05 24.49 -18.81
CA UNK C 59 10.67 24.72 -20.10
C UNK C 59 9.86 25.60 -21.04
N UNK C 60 9.09 26.52 -20.47
CA UNK C 60 8.37 27.49 -21.29
C UNK C 60 7.22 26.86 -22.02
N UNK C 61 6.78 25.69 -21.60
CA UNK C 61 5.67 25.10 -22.30
C UNK C 61 4.30 25.62 -21.93
N UNK C 62 4.20 26.64 -21.09
CA UNK C 62 2.92 27.22 -20.77
C UNK C 62 2.26 26.72 -19.51
N UNK C 63 0.94 26.70 -19.51
CA UNK C 63 0.18 26.27 -18.36
C UNK C 63 -0.88 25.30 -18.77
N UNK C 64 -1.38 24.60 -17.77
CA UNK C 64 -2.56 23.73 -17.89
C UNK C 64 -3.50 24.11 -16.80
N UNK C 65 -4.74 24.40 -17.16
CA UNK C 65 -5.74 24.72 -16.19
C UNK C 65 -6.83 23.64 -16.22
N UNK C 66 -7.05 22.95 -15.11
CA UNK C 66 -8.06 21.87 -15.07
C UNK C 66 -8.93 22.06 -13.83
N UNK C 67 -10.21 21.84 -13.95
CA UNK C 67 -10.88 21.42 -15.18
C UNK C 67 -10.92 22.54 -16.16
N UNK C 68 -11.01 22.19 -17.43
CA UNK C 68 -11.12 23.14 -18.53
C UNK C 68 -11.84 22.52 -19.71
N UNK C 69 -12.07 23.29 -20.76
CA UNK C 69 -12.76 22.80 -21.97
C UNK C 69 -12.21 21.49 -22.45
N UNK C 70 -13.03 20.47 -22.56
CA UNK C 70 -12.59 19.16 -23.06
C UNK C 70 -13.06 19.02 -24.49
N UNK C 71 -12.21 18.47 -25.34
CA UNK C 71 -12.56 18.19 -26.72
C UNK C 71 -11.64 17.07 -27.15
N UNK C 72 -12.17 16.10 -27.90
CA UNK C 72 -11.37 15.00 -28.37
C UNK C 72 -10.34 15.47 -29.39
N UNK C 73 -10.70 16.51 -30.16
CA UNK C 73 -9.82 17.09 -31.16
C UNK C 73 -9.38 16.04 -32.18
N UNK C 74 -10.28 15.12 -32.54
CA UNK C 74 -10.04 14.11 -33.57
C UNK C 74 -11.37 13.52 -33.95
N UNK C 75 -11.46 12.96 -35.15
CA UNK C 75 -12.68 12.33 -35.64
C UNK C 75 -12.78 10.96 -34.98
N UNK C 76 -13.97 10.51 -34.68
CA UNK C 76 -14.19 9.24 -34.02
C UNK C 76 -15.12 8.43 -34.93
N UNK C 77 -14.57 7.43 -35.59
CA UNK C 77 -15.30 6.65 -36.57
C UNK C 77 -16.03 5.48 -35.93
N UNK C 78 -17.14 5.80 -35.30
CA UNK C 78 -17.94 4.83 -34.60
C UNK C 78 -19.37 5.13 -34.87
N UNK C 79 -20.24 4.14 -34.75
CA UNK C 79 -21.66 4.34 -34.90
C UNK C 79 -22.37 3.52 -33.87
N UNK C 80 -23.50 4.04 -33.44
CA UNK C 80 -24.33 3.35 -32.51
C UNK C 80 -24.81 1.98 -33.07
N UNK C 81 -24.95 1.00 -32.20
CA UNK C 81 -25.53 -0.29 -32.57
C UNK C 81 -26.93 -0.52 -32.01
N UNK C 82 -27.45 0.40 -31.22
CA UNK C 82 -28.75 0.22 -30.64
C UNK C 82 -29.44 1.58 -30.64
N UNK C 83 -30.72 1.58 -30.38
CA UNK C 83 -31.47 2.81 -30.37
C UNK C 83 -31.52 3.39 -28.98
N UNK C 84 -30.92 2.76 -28.02
CA UNK C 84 -30.96 3.32 -26.71
C UNK C 84 -29.57 3.34 -26.12
N UNK C 85 -29.45 4.06 -25.02
CA UNK C 85 -28.18 4.31 -24.39
C UNK C 85 -27.58 3.07 -23.73
N UNK C 86 -26.28 3.01 -23.71
CA UNK C 86 -25.60 1.96 -22.96
C UNK C 86 -25.00 0.80 -23.72
N UNK C 87 -25.13 0.82 -25.04
CA UNK C 87 -24.63 -0.23 -25.88
C UNK C 87 -23.35 0.17 -26.55
N UNK C 88 -22.61 -0.82 -27.08
CA UNK C 88 -21.39 -0.54 -27.79
C UNK C 88 -21.60 0.23 -29.05
N UNK C 89 -20.54 0.86 -29.48
CA UNK C 89 -20.49 1.67 -30.71
C UNK C 89 -19.52 0.95 -31.61
N UNK C 90 -19.99 0.60 -32.79
CA UNK C 90 -19.22 -0.17 -33.75
C UNK C 90 -18.35 0.71 -34.63
N UNK C 91 -17.13 0.31 -34.84
CA UNK C 91 -16.26 0.96 -35.82
C UNK C 91 -16.90 0.97 -37.17
N UNK C 92 -16.82 2.08 -37.86
CA UNK C 92 -17.37 2.14 -39.18
C UNK C 92 -16.35 1.85 -40.26
N UNK C 93 -15.10 1.75 -39.90
CA UNK C 93 -14.05 1.49 -40.90
C UNK C 93 -13.14 0.43 -40.30
N UNK C 94 -11.85 0.64 -40.39
CA UNK C 94 -10.89 -0.28 -39.79
C UNK C 94 -10.47 0.29 -38.44
N UNK C 95 -10.81 -0.36 -37.34
CA UNK C 95 -10.60 0.27 -36.04
C UNK C 95 -9.14 0.48 -35.69
N UNK C 96 -8.27 -0.34 -36.24
CA UNK C 96 -6.84 -0.11 -36.03
C UNK C 96 -6.40 1.14 -36.72
N UNK C 97 -6.79 1.29 -37.99
CA UNK C 97 -6.43 2.50 -38.69
C UNK C 97 -7.11 3.75 -38.13
N UNK C 98 -8.36 3.61 -37.74
CA UNK C 98 -9.13 4.74 -37.25
C UNK C 98 -8.84 5.11 -35.79
N UNK C 99 -8.18 4.25 -35.06
CA UNK C 99 -7.80 4.61 -33.71
C UNK C 99 -8.96 4.66 -32.73
N UNK C 100 -9.75 3.60 -32.69
CA UNK C 100 -10.85 3.49 -31.77
C UNK C 100 -10.77 2.18 -31.03
N UNK C 101 -11.59 2.07 -30.00
CA UNK C 101 -11.55 0.91 -29.14
C UNK C 101 -10.24 0.79 -28.45
N UNK C 102 -9.74 -0.44 -28.31
CA UNK C 102 -8.46 -0.62 -27.69
C UNK C 102 -7.30 -0.12 -28.56
N UNK C 103 -7.57 0.25 -29.79
CA UNK C 103 -6.61 0.91 -30.63
C UNK C 103 -6.60 2.44 -30.44
N UNK C 104 -7.34 2.95 -29.47
CA UNK C 104 -7.46 4.41 -29.31
C UNK C 104 -6.19 5.15 -28.94
N UNK C 105 -6.11 6.37 -29.40
CA UNK C 105 -5.04 7.26 -28.98
C UNK C 105 -5.66 8.60 -28.61
N UNK C 106 -4.92 9.39 -27.86
CA UNK C 106 -5.36 10.69 -27.40
C UNK C 106 -4.53 11.73 -28.07
N UNK C 107 -5.14 12.85 -28.37
CA UNK C 107 -4.44 13.97 -29.00
C UNK C 107 -3.59 14.76 -27.99
N UNK C 108 -2.52 14.11 -27.53
CA UNK C 108 -1.55 14.76 -26.68
C UNK C 108 -0.78 15.76 -27.51
N UNK C 109 0.05 16.57 -26.86
CA UNK C 109 0.83 17.50 -27.62
C UNK C 109 1.78 16.77 -28.55
N UNK C 110 1.99 17.38 -29.71
CA UNK C 110 2.86 16.87 -30.73
C UNK C 110 4.26 17.42 -30.51
N UNK C 111 4.74 17.23 -29.29
CA UNK C 111 6.05 17.58 -28.86
C UNK C 111 6.59 16.43 -28.02
N UNK C 112 7.88 16.26 -27.98
CA UNK C 112 8.46 15.22 -27.11
C UNK C 112 8.41 15.58 -25.62
N UNK C 113 8.31 14.57 -24.79
CA UNK C 113 8.51 14.78 -23.39
C UNK C 113 9.97 15.16 -23.16
N UNK C 114 10.19 16.10 -22.26
CA UNK C 114 11.49 16.58 -21.92
C UNK C 114 11.90 16.21 -20.52
N UNK C 115 13.21 16.08 -20.33
CA UNK C 115 13.75 15.79 -19.03
C UNK C 115 13.90 17.06 -18.21
N UNK C 116 14.49 16.93 -17.03
CA UNK C 116 14.67 18.03 -16.11
C UNK C 116 15.51 19.14 -16.66
N UNK C 117 16.36 18.85 -17.62
CA UNK C 117 17.18 19.88 -18.22
C UNK C 117 16.65 20.44 -19.49
N UNK C 118 15.52 20.00 -19.97
CA UNK C 118 14.98 20.56 -21.17
C UNK C 118 15.37 19.81 -22.43
N UNK C 119 15.96 18.64 -22.30
CA UNK C 119 16.33 17.81 -23.44
C UNK C 119 15.33 16.70 -23.65
N UNK C 120 15.28 16.15 -24.86
CA UNK C 120 14.36 15.07 -25.17
C UNK C 120 14.56 13.89 -24.23
N UNK C 121 13.49 13.42 -23.65
CA UNK C 121 13.56 12.36 -22.67
C UNK C 121 13.92 11.01 -23.31
N UNK C 122 13.35 10.76 -24.48
CA UNK C 122 13.54 9.48 -25.15
C UNK C 122 14.34 9.67 -26.43
N UNK C 123 15.40 8.91 -26.59
CA UNK C 123 16.22 8.98 -27.81
C UNK C 123 16.62 7.59 -28.28
N UNK C 124 16.87 7.42 -29.57
CA UNK C 124 17.47 6.18 -30.05
C UNK C 124 18.84 6.03 -29.39
N UNK C 125 19.19 4.80 -29.05
CA UNK C 125 20.42 4.57 -28.34
C UNK C 125 21.60 4.98 -29.14
N UNK C 126 21.51 4.92 -30.47
CA UNK C 126 22.61 5.36 -31.29
C UNK C 126 22.96 6.85 -31.09
N UNK C 127 22.04 7.66 -30.60
CA UNK C 127 22.29 9.08 -30.35
C UNK C 127 22.40 9.36 -28.86
N UNK C 128 22.40 8.34 -28.03
CA UNK C 128 22.48 8.54 -26.58
C UNK C 128 23.83 8.11 -26.08
N UNK C 129 24.67 9.10 -26.02
CA UNK C 129 26.06 8.90 -25.67
C UNK C 129 26.28 8.16 -24.40
N UNK C 130 27.10 7.11 -24.48
CA UNK C 130 27.45 6.31 -23.32
C UNK C 130 26.44 5.28 -22.92
N UNK C 131 25.30 5.26 -23.60
CA UNK C 131 24.30 4.28 -23.27
C UNK C 131 24.60 2.96 -23.97
N UNK C 132 24.32 1.88 -23.26
CA UNK C 132 24.59 0.55 -23.80
C UNK C 132 23.71 -0.44 -23.05
N UNK C 133 23.58 -1.64 -23.61
CA UNK C 133 22.86 -2.70 -22.96
C UNK C 133 23.74 -3.23 -21.87
N UNK C 134 23.28 -3.23 -20.62
CA UNK C 134 24.12 -3.65 -19.52
C UNK C 134 23.76 -5.03 -18.96
N UNK C 135 22.60 -5.56 -19.27
CA UNK C 135 22.24 -6.90 -18.84
C UNK C 135 21.04 -7.38 -19.64
N UNK C 136 20.95 -8.70 -19.85
CA UNK C 136 19.84 -9.30 -20.58
C UNK C 136 20.25 -9.51 -22.02
N UNK C 137 19.40 -10.06 -22.86
CA UNK C 137 19.77 -10.30 -24.24
C UNK C 137 19.65 -8.96 -25.00
N UNK C 138 20.66 -8.58 -25.72
CA UNK C 138 20.62 -7.38 -26.55
C UNK C 138 19.73 -7.69 -27.75
N UNK C 139 18.61 -7.03 -27.90
CA UNK C 139 17.71 -7.35 -28.99
C UNK C 139 18.12 -6.83 -30.35
N UNK C 140 19.16 -5.99 -30.43
CA UNK C 140 19.49 -5.39 -31.71
C UNK C 140 20.00 -6.45 -32.62
N UNK C 141 19.47 -6.50 -33.83
CA UNK C 141 19.81 -7.52 -34.79
C UNK C 141 18.90 -8.74 -34.82
N UNK C 142 18.05 -8.90 -33.84
CA UNK C 142 17.13 -10.02 -33.86
C UNK C 142 15.98 -9.79 -34.81
N UNK C 143 15.54 -10.88 -35.42
CA UNK C 143 14.33 -10.87 -36.24
C UNK C 143 13.13 -10.69 -35.36
N UNK C 144 12.10 -10.10 -35.95
CA UNK C 144 10.89 -9.84 -35.22
C UNK C 144 9.76 -10.64 -35.82
N UNK C 145 9.13 -11.43 -34.96
CA UNK C 145 8.09 -12.36 -35.37
C UNK C 145 6.73 -11.88 -34.86
N UNK C 146 5.78 -11.88 -35.75
CA UNK C 146 4.41 -11.57 -35.39
C UNK C 146 3.62 -12.78 -34.91
N UNK C 147 2.39 -12.58 -34.50
CA UNK C 147 1.59 -13.67 -33.92
C UNK C 147 1.21 -14.73 -34.95
N UNK C 148 1.32 -14.43 -36.23
CA UNK C 148 1.12 -15.43 -37.28
C UNK C 148 2.40 -16.22 -37.52
N UNK C 149 3.38 -16.02 -36.64
CA UNK C 149 4.66 -16.73 -36.70
C UNK C 149 5.45 -16.45 -37.93
N UNK C 150 5.21 -15.35 -38.59
CA UNK C 150 5.96 -14.95 -39.76
C UNK C 150 6.90 -13.77 -39.36
N UNK C 151 8.06 -13.67 -39.98
CA UNK C 151 9.03 -12.64 -39.64
C UNK C 151 8.61 -11.32 -40.26
N UNK C 152 8.47 -10.29 -39.45
CA UNK C 152 8.08 -8.97 -39.98
C UNK C 152 9.21 -8.01 -40.17
N UNK C 153 10.35 -8.25 -39.56
CA UNK C 153 11.47 -7.37 -39.75
C UNK C 153 12.60 -7.68 -38.77
N UNK C 154 13.49 -6.72 -38.55
CA UNK C 154 14.59 -6.91 -37.60
C UNK C 154 14.76 -5.70 -36.71
N UNK C 155 15.23 -5.92 -35.48
CA UNK C 155 15.49 -4.83 -34.56
C UNK C 155 16.77 -4.11 -34.98
N UNK C 156 16.70 -2.79 -35.14
CA UNK C 156 17.85 -1.99 -35.54
C UNK C 156 18.26 -0.99 -34.45
N UNK C 157 17.44 -0.80 -33.44
CA UNK C 157 17.88 0.02 -32.29
C UNK C 157 16.94 -0.12 -31.16
N UNK C 158 17.41 0.36 -30.03
CA UNK C 158 16.61 0.50 -28.85
C UNK C 158 16.42 1.98 -28.57
N UNK C 159 15.21 2.40 -28.24
CA UNK C 159 14.99 3.78 -27.85
C UNK C 159 14.93 3.85 -26.33
N UNK C 160 15.79 4.67 -25.77
CA UNK C 160 16.00 4.73 -24.33
C UNK C 160 15.51 6.02 -23.66
N UNK C 161 15.03 5.86 -22.44
CA UNK C 161 14.70 6.98 -21.61
C UNK C 161 16.01 7.37 -20.91
N UNK C 162 16.54 8.53 -21.25
CA UNK C 162 17.82 9.00 -20.69
C UNK C 162 17.79 9.19 -19.16
N UNK C 163 16.96 10.08 -18.64
CA UNK C 163 16.91 10.31 -17.18
C UNK C 163 16.56 9.10 -16.36
N UNK C 164 15.71 8.21 -16.86
CA UNK C 164 15.37 7.05 -16.09
C UNK C 164 16.10 5.77 -16.46
N UNK C 165 17.02 5.86 -17.39
CA UNK C 165 17.87 4.74 -17.84
C UNK C 165 17.08 3.47 -18.06
N UNK C 166 16.16 3.56 -19.01
CA UNK C 166 15.26 2.46 -19.30
C UNK C 166 15.02 2.29 -20.77
N UNK C 167 14.83 1.06 -21.23
CA UNK C 167 14.48 0.80 -22.61
C UNK C 167 13.00 1.02 -22.77
N UNK C 168 12.60 1.82 -23.76
CA UNK C 168 11.20 2.11 -23.95
C UNK C 168 10.59 1.63 -25.26
N UNK C 169 11.34 1.63 -26.34
CA UNK C 169 10.84 1.08 -27.60
C UNK C 169 11.94 0.33 -28.27
N UNK C 170 11.59 -0.60 -29.15
CA UNK C 170 12.46 -1.18 -30.11
C UNK C 170 12.16 -0.54 -31.45
N UNK C 171 13.19 -0.20 -32.19
CA UNK C 171 13.00 0.29 -33.54
C UNK C 171 13.20 -0.91 -34.43
N UNK C 172 12.23 -1.16 -35.28
CA UNK C 172 12.23 -2.34 -36.15
C UNK C 172 12.17 -1.96 -37.59
N UNK C 173 13.04 -2.56 -38.38
CA UNK C 173 13.08 -2.30 -39.78
C UNK C 173 12.24 -3.35 -40.55
N UNK C 174 11.39 -2.86 -41.44
CA UNK C 174 10.51 -3.73 -42.20
C UNK C 174 11.12 -4.08 -43.53
N UNK C 175 10.45 -4.98 -44.25
CA UNK C 175 10.97 -5.49 -45.52
C UNK C 175 11.27 -4.37 -46.53
N UNK C 176 10.54 -3.25 -46.37
CA UNK C 176 10.68 -2.16 -47.34
C UNK C 176 11.74 -1.14 -46.93
N UNK C 177 12.45 -1.36 -45.83
CA UNK C 177 13.51 -0.46 -45.49
C UNK C 177 13.11 0.65 -44.54
N UNK C 178 11.82 0.81 -44.33
CA UNK C 178 11.35 1.79 -43.36
C UNK C 178 11.34 1.16 -41.96
N UNK C 179 11.23 1.98 -40.91
CA UNK C 179 11.17 1.47 -39.57
C UNK C 179 9.94 1.91 -38.82
N UNK C 180 9.66 1.18 -37.76
CA UNK C 180 8.60 1.49 -36.85
C UNK C 180 9.12 1.26 -35.43
N UNK C 181 8.47 1.90 -34.49
CA UNK C 181 8.72 1.68 -33.10
C UNK C 181 7.73 0.71 -32.50
N UNK C 182 8.19 -0.14 -31.60
CA UNK C 182 7.34 -1.04 -30.86
C UNK C 182 7.60 -0.80 -29.40
N UNK C 183 6.57 -0.68 -28.60
CA UNK C 183 6.72 -0.50 -27.16
C UNK C 183 7.32 -1.74 -26.50
N UNK C 184 8.27 -1.52 -25.61
CA UNK C 184 9.01 -2.59 -24.94
C UNK C 184 8.10 -3.48 -24.14
N UNK C 185 7.01 -2.90 -23.65
CA UNK C 185 6.12 -3.64 -22.81
C UNK C 185 5.25 -4.58 -23.64
N UNK C 186 5.37 -4.60 -24.96
CA UNK C 186 4.52 -5.44 -25.79
C UNK C 186 5.31 -6.42 -26.62
N UNK C 187 6.58 -6.62 -26.27
CA UNK C 187 7.35 -7.60 -26.99
C UNK C 187 7.97 -8.55 -26.01
N UNK C 188 8.32 -9.71 -26.52
CA UNK C 188 9.02 -10.71 -25.74
C UNK C 188 10.36 -10.97 -26.38
N UNK C 189 11.42 -10.67 -25.66
CA UNK C 189 12.74 -10.88 -26.18
C UNK C 189 13.14 -12.30 -25.90
N UNK C 190 13.38 -13.08 -26.92
CA UNK C 190 13.82 -14.46 -26.74
C UNK C 190 15.25 -14.56 -27.21
N UNK C 191 15.80 -15.75 -27.14
CA UNK C 191 17.20 -15.92 -27.39
C UNK C 191 17.51 -15.66 -28.83
N UNK C 192 16.59 -15.99 -29.70
CA UNK C 192 16.88 -15.87 -31.10
C UNK C 192 15.85 -15.05 -31.82
N UNK C 193 14.98 -14.36 -31.11
CA UNK C 193 14.02 -13.56 -31.80
C UNK C 193 13.30 -12.67 -30.86
N UNK C 194 12.53 -11.76 -31.41
CA UNK C 194 11.63 -10.95 -30.64
C UNK C 194 10.27 -11.34 -31.14
N UNK C 195 9.40 -11.69 -30.21
CA UNK C 195 8.08 -12.14 -30.57
C UNK C 195 7.04 -11.11 -30.16
N UNK C 196 6.14 -10.78 -31.09
CA UNK C 196 5.12 -9.81 -30.81
C UNK C 196 3.75 -10.45 -30.92
N UNK C 197 3.16 -10.76 -29.80
CA UNK C 197 1.85 -11.39 -29.78
C UNK C 197 0.74 -10.53 -30.33
N UNK C 198 0.81 -9.23 -30.14
CA UNK C 198 -0.26 -8.35 -30.46
C UNK C 198 -0.52 -8.16 -31.95
N UNK C 199 0.50 -8.33 -32.78
CA UNK C 199 0.35 -8.07 -34.20
C UNK C 199 0.80 -9.22 -35.08
N UNK C 200 0.10 -9.39 -36.19
CA UNK C 200 0.54 -10.34 -37.19
C UNK C 200 1.46 -9.57 -38.11
N UNK C 201 2.26 -10.28 -38.88
CA UNK C 201 3.23 -9.66 -39.75
C UNK C 201 2.71 -8.63 -40.72
N UNK C 202 1.54 -8.89 -41.27
CA UNK C 202 0.95 -8.01 -42.24
C UNK C 202 0.46 -6.70 -41.62
N UNK C 203 0.44 -6.60 -40.30
CA UNK C 203 0.01 -5.37 -39.65
C UNK C 203 1.14 -4.42 -39.19
N UNK C 204 2.40 -4.81 -39.40
CA UNK C 204 3.50 -3.96 -38.95
C UNK C 204 3.60 -2.71 -39.77
N UNK C 205 3.32 -2.82 -41.06
CA UNK C 205 3.40 -1.66 -41.91
C UNK C 205 2.43 -0.56 -41.54
N UNK C 206 1.29 -0.91 -40.94
CA UNK C 206 0.31 0.08 -40.52
C UNK C 206 0.67 0.77 -39.21
N UNK C 207 1.69 0.31 -38.48
CA UNK C 207 2.06 1.05 -37.27
C UNK C 207 2.38 2.48 -37.73
N UNK C 208 1.86 3.48 -37.04
CA UNK C 208 2.09 4.88 -37.40
C UNK C 208 3.54 5.24 -37.33
N UNK C 209 3.96 6.05 -38.27
CA UNK C 209 5.34 6.40 -38.37
C UNK C 209 5.59 7.69 -37.60
N UNK C 210 6.84 7.95 -37.28
CA UNK C 210 7.17 9.18 -36.59
C UNK C 210 7.69 10.15 -37.62
N UNK C 211 7.61 11.44 -37.32
CA UNK C 211 8.00 12.38 -38.35
C UNK C 211 9.45 12.68 -38.36
N UNK C 212 10.15 12.50 -37.26
CA UNK C 212 11.54 12.73 -37.28
C UNK C 212 12.23 11.49 -36.79
N UNK C 213 13.30 11.09 -37.42
CA UNK C 213 13.93 9.84 -37.05
C UNK C 213 14.60 9.85 -35.74
N UNK C 214 14.86 10.97 -35.09
CA UNK C 214 15.57 10.96 -33.83
C UNK C 214 14.75 11.37 -32.62
N UNK C 215 13.45 11.52 -32.76
CA UNK C 215 12.65 11.82 -31.57
C UNK C 215 11.25 11.34 -31.80
N UNK C 216 10.51 11.19 -30.71
CA UNK C 216 9.13 10.81 -30.79
C UNK C 216 8.36 11.79 -29.96
N UNK C 217 7.21 12.16 -30.45
CA UNK C 217 6.39 13.10 -29.71
C UNK C 217 5.38 12.34 -28.88
N UNK C 218 4.79 13.04 -27.92
CA UNK C 218 3.80 12.40 -27.08
C UNK C 218 2.60 11.90 -27.90
N UNK C 219 2.19 12.70 -28.87
CA UNK C 219 1.11 12.31 -29.77
C UNK C 219 1.48 11.01 -30.52
N UNK C 220 2.67 10.97 -31.07
CA UNK C 220 3.17 9.79 -31.79
C UNK C 220 3.21 8.59 -30.88
N UNK C 221 3.71 8.76 -29.65
CA UNK C 221 3.73 7.64 -28.72
C UNK C 221 2.36 7.09 -28.48
N UNK C 222 1.41 7.98 -28.29
CA UNK C 222 0.07 7.46 -28.06
C UNK C 222 -0.48 6.71 -29.28
N UNK C 223 -0.25 7.23 -30.48
CA UNK C 223 -0.77 6.55 -31.68
C UNK C 223 -0.11 5.19 -31.85
N UNK C 224 1.18 5.14 -31.60
CA UNK C 224 1.88 3.88 -31.73
C UNK C 224 1.43 2.86 -30.69
N UNK C 225 1.43 3.26 -29.43
CA UNK C 225 1.06 2.32 -28.39
C UNK C 225 -0.39 1.87 -28.48
N UNK C 226 -1.27 2.78 -28.89
CA UNK C 226 -2.65 2.44 -29.06
C UNK C 226 -2.84 1.43 -30.17
N UNK C 227 -2.16 1.66 -31.29
CA UNK C 227 -2.24 0.73 -32.45
C UNK C 227 -1.81 -0.69 -32.06
N UNK C 228 -0.65 -0.79 -31.40
CA UNK C 228 -0.12 -2.09 -31.06
C UNK C 228 -1.04 -2.84 -30.09
N UNK C 229 -1.49 -2.17 -29.04
CA UNK C 229 -2.41 -2.79 -28.10
C UNK C 229 -3.72 -3.22 -28.77
N UNK C 230 -4.15 -2.45 -29.76
CA UNK C 230 -5.37 -2.76 -30.47
C UNK C 230 -5.35 -4.11 -31.18
N UNK C 231 -4.15 -4.54 -31.58
CA UNK C 231 -4.00 -5.83 -32.24
C UNK C 231 -4.41 -6.99 -31.34
N UNK C 232 -4.33 -6.84 -30.04
CA UNK C 232 -4.78 -7.92 -29.17
C UNK C 232 -6.22 -8.28 -29.50
N UNK C 233 -7.06 -7.30 -29.76
CA UNK C 233 -8.43 -7.59 -30.09
C UNK C 233 -8.61 -7.77 -31.59
N UNK C 234 -7.99 -6.93 -32.38
CA UNK C 234 -8.31 -6.90 -33.80
C UNK C 234 -7.45 -7.73 -34.74
N UNK C 235 -6.33 -8.26 -34.25
CA UNK C 235 -5.56 -9.17 -35.07
C UNK C 235 -5.87 -10.59 -34.66
N UNK C 236 -6.68 -10.78 -33.63
CA UNK C 236 -6.95 -12.13 -33.14
C UNK C 236 -7.23 -13.17 -34.26
N UNK C 237 -7.96 -12.83 -35.33
CA UNK C 237 -8.16 -13.75 -36.46
C UNK C 237 -6.87 -14.34 -37.03
N UNK C 238 -5.83 -13.51 -37.15
CA UNK C 238 -4.57 -13.96 -37.72
C UNK C 238 -3.61 -14.58 -36.70
N UNK C 239 -3.98 -14.59 -35.44
CA UNK C 239 -3.16 -15.15 -34.40
C UNK C 239 -3.47 -16.65 -34.28
N UNK C 240 -2.47 -17.52 -34.33
CA UNK C 240 -2.73 -18.98 -34.41
C UNK C 240 -2.49 -19.86 -33.15
N UNK C 241 -1.23 -20.17 -32.86
CA UNK C 241 -0.87 -21.05 -31.74
C UNK C 241 -1.99 -22.06 -31.39
N UNK D 1 -35.32 9.94 -18.80
CA UNK D 1 -36.36 9.04 -18.33
C UNK D 1 -36.09 7.59 -18.60
N UNK D 2 -35.18 7.30 -19.48
CA UNK D 2 -34.91 5.89 -19.80
C UNK D 2 -34.20 5.21 -18.64
N UNK D 3 -33.54 5.97 -17.82
CA UNK D 3 -32.87 5.41 -16.63
C UNK D 3 -33.72 5.78 -15.39
N UNK D 4 -34.18 7.00 -15.37
CA UNK D 4 -35.01 7.53 -14.29
C UNK D 4 -36.21 6.64 -14.03
N UNK D 5 -37.06 6.30 -14.98
CA UNK D 5 -38.23 5.48 -14.69
C UNK D 5 -37.89 4.14 -14.10
N UNK D 6 -37.02 3.34 -14.68
CA UNK D 6 -36.71 2.06 -14.04
C UNK D 6 -36.01 2.29 -12.71
N UNK D 7 -35.09 3.23 -12.56
CA UNK D 7 -34.41 3.49 -11.29
C UNK D 7 -35.43 3.82 -10.21
N UNK D 8 -36.41 4.61 -10.51
CA UNK D 8 -37.47 4.96 -9.55
C UNK D 8 -38.27 3.73 -9.16
N UNK D 9 -38.75 2.97 -10.13
CA UNK D 9 -39.56 1.79 -9.89
C UNK D 9 -38.78 0.71 -9.15
N UNK D 10 -37.54 0.52 -9.48
CA UNK D 10 -36.73 -0.51 -8.84
C UNK D 10 -36.41 -0.10 -7.42
N UNK D 11 -36.16 1.18 -7.22
CA UNK D 11 -35.87 1.76 -5.91
C UNK D 11 -37.02 1.56 -4.94
N UNK D 12 -38.18 1.82 -5.43
CA UNK D 12 -39.38 1.66 -4.60
C UNK D 12 -39.64 0.21 -4.30
N UNK D 13 -39.33 -0.75 -5.15
CA UNK D 13 -39.56 -2.18 -4.81
C UNK D 13 -38.60 -2.56 -3.67
N UNK D 14 -37.36 -2.15 -3.82
CA UNK D 14 -36.30 -2.39 -2.83
C UNK D 14 -36.70 -1.80 -1.48
N UNK D 15 -37.24 -0.60 -1.44
CA UNK D 15 -37.66 -0.09 -0.11
C UNK D 15 -38.81 -0.93 0.39
N UNK D 16 -39.75 -1.32 -0.44
CA UNK D 16 -40.86 -2.15 -0.01
C UNK D 16 -40.38 -3.48 0.52
N UNK D 17 -39.36 -4.06 -0.05
CA UNK D 17 -38.86 -5.35 0.48
C UNK D 17 -38.17 -5.15 1.82
N UNK D 18 -37.34 -4.15 2.07
CA UNK D 18 -36.70 -3.83 3.34
C UNK D 18 -37.78 -3.70 4.44
N UNK D 19 -38.74 -2.82 4.23
CA UNK D 19 -39.83 -2.64 5.18
C UNK D 19 -40.47 -3.94 5.55
N UNK D 20 -40.63 -4.90 4.65
CA UNK D 20 -41.20 -6.20 5.01
C UNK D 20 -40.24 -6.99 5.89
N UNK D 21 -39.02 -7.08 5.43
CA UNK D 21 -37.99 -7.78 6.18
C UNK D 21 -37.77 -7.14 7.55
N UNK D 22 -37.77 -5.85 7.73
CA UNK D 22 -37.59 -5.28 9.08
C UNK D 22 -38.72 -5.67 9.99
N UNK D 23 -39.95 -5.50 9.57
CA UNK D 23 -41.10 -5.86 10.38
C UNK D 23 -41.06 -7.35 10.71
N UNK D 24 -40.77 -8.17 9.74
CA UNK D 24 -40.68 -9.63 9.88
C UNK D 24 -39.72 -9.99 11.02
N UNK D 25 -38.68 -9.23 11.15
CA UNK D 25 -37.61 -9.38 12.11
C UNK D 25 -37.89 -8.66 13.43
N UNK D 26 -38.72 -7.66 13.54
CA UNK D 26 -38.87 -6.98 14.83
C UNK D 26 -40.26 -7.17 15.39
N UNK E 1 -47.00 18.15 -25.44
CA UNK E 1 -48.04 17.28 -26.00
C UNK E 1 -47.74 15.83 -25.67
N UNK E 2 -46.55 15.35 -25.97
CA UNK E 2 -46.23 13.96 -25.68
C UNK E 2 -45.90 13.75 -24.22
N UNK E 3 -45.36 14.72 -23.52
CA UNK E 3 -45.00 14.63 -22.10
C UNK E 3 -46.27 14.39 -21.28
N UNK E 4 -47.26 15.15 -21.66
CA UNK E 4 -48.55 15.13 -21.01
C UNK E 4 -49.31 13.86 -21.24
N UNK E 5 -49.21 13.18 -22.37
CA UNK E 5 -49.96 11.93 -22.63
C UNK E 5 -49.35 10.79 -21.82
N UNK E 6 -48.05 10.79 -21.87
CA UNK E 6 -47.20 9.80 -21.16
C UNK E 6 -47.47 9.97 -19.65
N UNK E 7 -47.47 11.22 -19.19
CA UNK E 7 -47.73 11.53 -17.80
C UNK E 7 -49.05 11.01 -17.31
N UNK E 8 -49.99 10.85 -18.21
CA UNK E 8 -51.31 10.38 -17.79
C UNK E 8 -51.26 8.91 -17.39
N UNK E 9 -50.34 8.16 -17.94
CA UNK E 9 -50.24 6.72 -17.62
C UNK E 9 -49.55 6.52 -16.27
N UNK E 10 -48.61 7.40 -16.05
CA UNK E 10 -47.80 7.45 -14.83
C UNK E 10 -48.64 7.79 -13.62
N UNK E 11 -49.61 8.66 -13.78
CA UNK E 11 -50.54 9.05 -12.73
C UNK E 11 -51.56 7.96 -12.46
N UNK E 12 -51.88 7.22 -13.50
CA UNK E 12 -52.85 6.12 -13.33
C UNK E 12 -52.14 4.91 -12.76
N UNK E 13 -50.86 4.83 -13.10
CA UNK E 13 -50.08 3.72 -12.52
C UNK E 13 -50.01 4.00 -11.00
N UNK E 14 -49.70 5.23 -10.61
CA UNK E 14 -49.61 5.66 -9.21
C UNK E 14 -50.88 5.33 -8.46
N UNK E 15 -52.00 5.47 -9.12
CA UNK E 15 -53.30 5.22 -8.53
C UNK E 15 -53.63 3.77 -8.43
N UNK E 16 -53.04 2.94 -9.28
CA UNK E 16 -53.34 1.48 -9.09
C UNK E 16 -52.53 1.02 -7.89
N UNK E 17 -51.31 1.53 -7.80
CA UNK E 17 -50.43 1.23 -6.66
C UNK E 17 -51.16 1.69 -5.38
N UNK E 18 -51.64 2.91 -5.39
CA UNK E 18 -52.37 3.51 -4.26
C UNK E 18 -53.61 2.71 -3.91
N UNK E 19 -54.36 2.29 -4.91
CA UNK E 19 -55.58 1.53 -4.61
C UNK E 19 -55.21 0.21 -3.94
N UNK E 20 -54.21 -0.42 -4.51
CA UNK E 20 -53.64 -1.70 -4.03
C UNK E 20 -53.10 -1.46 -2.58
N UNK E 21 -52.39 -0.37 -2.38
CA UNK E 21 -51.79 0.02 -1.10
C UNK E 21 -52.89 0.10 -0.04
N UNK E 22 -53.96 0.81 -0.28
CA UNK E 22 -55.07 0.88 0.67
C UNK E 22 -55.62 -0.51 0.98
N UNK E 23 -55.79 -1.38 0.01
CA UNK E 23 -56.33 -2.73 0.32
C UNK E 23 -55.34 -3.48 1.19
N UNK E 24 -54.08 -3.41 0.84
CA UNK E 24 -53.00 -4.05 1.61
C UNK E 24 -53.06 -3.53 3.06
N UNK E 25 -53.13 -2.23 3.18
CA UNK E 25 -53.19 -1.53 4.46
C UNK E 25 -54.46 -1.86 5.20
N UNK E 26 -55.45 -2.28 4.45
CA UNK E 26 -56.70 -2.54 5.18
C UNK E 26 -56.61 -3.87 5.90
N UNK E 27 -56.16 -4.84 5.12
CA UNK E 27 -55.98 -6.20 5.65
C UNK E 27 -54.93 -6.19 6.77
N UNK E 28 -53.90 -5.39 6.59
CA UNK E 28 -52.85 -5.31 7.61
C UNK E 28 -53.40 -4.68 8.89
N UNK E 29 -54.21 -3.66 8.74
CA UNK E 29 -54.78 -3.02 9.93
C UNK E 29 -55.72 -4.01 10.63
N UNK E 30 -56.46 -4.71 9.80
CA UNK E 30 -57.38 -5.74 10.24
C UNK E 30 -56.67 -6.83 11.02
N UNK F 1 -28.41 20.03 -11.14
CA UNK F 1 -29.70 19.60 -10.65
C UNK F 1 -30.03 18.17 -10.96
N UNK F 2 -29.32 17.57 -11.89
CA UNK F 2 -29.64 16.17 -12.24
C UNK F 2 -29.22 15.24 -11.13
N UNK F 3 -28.28 15.65 -10.31
CA UNK F 3 -27.86 14.83 -9.16
C UNK F 3 -28.46 15.45 -7.88
N UNK F 4 -28.40 16.77 -7.82
CA UNK F 4 -28.94 17.54 -6.71
C UNK F 4 -30.38 17.19 -6.41
N UNK F 5 -31.34 17.23 -7.33
CA UNK F 5 -32.72 16.94 -7.01
C UNK F 5 -32.90 15.55 -6.46
N UNK F 6 -32.44 14.49 -7.09
CA UNK F 6 -32.63 13.16 -6.49
C UNK F 6 -31.85 13.05 -5.19
N UNK F 7 -30.64 13.55 -5.06
CA UNK F 7 -29.88 13.48 -3.81
C UNK F 7 -30.66 14.14 -2.68
N UNK F 8 -31.27 15.28 -2.93
CA UNK F 8 -32.08 15.99 -1.92
C UNK F 8 -33.29 15.16 -1.52
N UNK F 9 -34.04 14.68 -2.48
CA UNK F 9 -35.24 13.90 -2.23
C UNK F 9 -34.92 12.58 -1.55
N UNK F 10 -33.87 11.92 -1.94
CA UNK F 10 -33.50 10.63 -1.35
C UNK F 10 -33.01 10.84 0.07
N UNK F 11 -32.29 11.92 0.28
CA UNK F 11 -31.74 12.29 1.58
C UNK F 11 -32.85 12.51 2.60
N UNK F 12 -33.84 13.25 2.16
CA UNK F 12 -34.99 13.54 3.03
C UNK F 12 -35.78 12.29 3.32
N UNK F 13 -35.90 11.30 2.44
CA UNK F 13 -36.64 10.07 2.77
C UNK F 13 -35.88 9.31 3.85
N UNK F 14 -34.58 9.20 3.65
CA UNK F 14 -33.68 8.54 4.60
C UNK F 14 -33.77 9.18 5.97
N UNK F 15 -33.80 10.50 6.06
CA UNK F 15 -33.95 11.09 7.41
C UNK F 15 -35.34 10.75 7.95
N UNK F 16 -36.37 10.79 7.15
CA UNK F 16 -37.71 10.45 7.60
C UNK F 16 -37.77 9.01 8.10
N UNK F 17 -37.08 8.11 7.48
CA UNK F 17 -37.08 6.70 7.95
C UNK F 17 -36.35 6.58 9.26
N UNK F 18 -35.20 7.15 9.50
CA UNK F 18 -34.43 7.15 10.75
C UNK F 18 -35.35 7.67 11.90
N UNK F 19 -35.90 8.85 11.74
CA UNK F 19 -36.80 9.42 12.74
C UNK F 19 -37.89 8.46 13.11
N UNK F 20 -38.44 7.67 12.19
CA UNK F 20 -39.47 6.69 12.55
C UNK F 20 -38.85 5.55 13.38
N UNK F 21 -37.79 5.00 12.87
CA UNK F 21 -37.08 3.93 13.55
C UNK F 21 -36.61 4.38 14.94
N UNK F 22 -36.09 5.57 15.15
CA UNK F 22 -35.65 5.98 16.49
C UNK F 22 -36.84 6.04 17.44
N UNK F 23 -37.91 6.68 17.07
CA UNK F 23 -39.09 6.78 17.92
C UNK F 23 -39.62 5.39 18.22
N UNK F 24 -39.70 4.54 17.22
CA UNK F 24 -40.19 3.16 17.34
C UNK F 24 -39.41 2.41 18.42
N UNK F 25 -38.14 2.70 18.52
CA UNK F 25 -37.20 2.12 19.44
C UNK F 25 -37.14 2.83 20.78
N UNK F 26 -37.69 4.05 20.87
CA UNK F 26 -37.77 4.86 22.08
C UNK F 26 -39.19 5.14 22.49
N UNK G 1 -38.62 32.36 -17.82
CA UNK G 1 -39.95 31.87 -18.22
C UNK G 1 -40.09 30.41 -17.86
N UNK G 2 -39.16 29.55 -18.25
CA UNK G 2 -39.29 28.13 -17.92
C UNK G 2 -38.89 27.85 -16.49
N UNK G 3 -37.99 28.60 -15.90
CA UNK G 3 -37.54 28.41 -14.51
C UNK G 3 -38.72 28.62 -13.57
N UNK G 4 -39.44 29.68 -13.88
CA UNK G 4 -40.59 30.09 -13.11
C UNK G 4 -41.75 29.15 -13.20
N UNK G 5 -41.99 28.45 -14.29
CA UNK G 5 -43.13 27.53 -14.42
C UNK G 5 -42.84 26.25 -13.62
N UNK G 6 -41.62 25.82 -13.80
CA UNK G 6 -41.08 24.61 -13.13
C UNK G 6 -41.12 24.89 -11.61
N UNK G 7 -40.67 26.07 -11.20
CA UNK G 7 -40.66 26.47 -9.81
C UNK G 7 -42.02 26.43 -9.18
N UNK G 8 -43.05 26.59 -9.97
CA UNK G 8 -44.40 26.59 -9.40
C UNK G 8 -44.78 25.19 -8.95
N UNK G 9 -44.22 24.16 -9.54
CA UNK G 9 -44.57 22.78 -9.16
C UNK G 9 -43.84 22.37 -7.87
N UNK G 10 -42.65 22.90 -7.79
CA UNK G 10 -41.74 22.69 -6.66
C UNK G 10 -42.30 23.31 -5.39
N UNK G 11 -42.94 24.46 -5.50
CA UNK G 11 -43.58 25.15 -4.38
C UNK G 11 -44.86 24.46 -3.96
N UNK G 12 -45.51 23.85 -4.94
CA UNK G 12 -46.76 23.15 -4.62
C UNK G 12 -46.43 21.78 -4.06
N UNK G 13 -45.29 21.27 -4.51
CA UNK G 13 -44.86 19.97 -3.96
C UNK G 13 -44.54 20.24 -2.47
N UNK G 14 -43.81 21.30 -2.18
CA UNK G 14 -43.45 21.69 -0.81
C UNK G 14 -44.66 21.82 0.08
N UNK G 15 -45.73 22.32 -0.48
CA UNK G 15 -46.98 22.52 0.25
C UNK G 15 -47.74 21.26 0.44
N UNK G 16 -47.55 20.27 -0.41
CA UNK G 16 -48.29 19.01 -0.12
C UNK G 16 -47.56 18.31 1.02
N UNK G 17 -46.24 18.39 0.96
CA UNK G 17 -45.39 17.83 2.03
C UNK G 17 -45.79 18.52 3.34
N UNK G 18 -45.84 19.83 3.32
CA UNK G 18 -46.22 20.66 4.49
C UNK G 18 -47.60 20.32 4.99
N UNK G 19 -48.55 20.17 4.09
CA UNK G 19 -49.90 19.86 4.56
C UNK G 19 -49.92 18.50 5.23
N UNK G 20 -49.25 17.56 4.61
CA UNK G 20 -49.08 16.19 5.09
C UNK G 20 -48.34 16.26 6.47
N UNK G 21 -47.30 17.03 6.55
CA UNK G 21 -46.48 17.24 7.74
C UNK G 21 -47.37 17.68 8.90
N UNK G 22 -48.17 18.70 8.73
CA UNK G 22 -49.09 19.16 9.78
C UNK G 22 -50.02 18.04 10.22
N UNK G 23 -50.57 17.26 9.30
CA UNK G 23 -51.48 16.17 9.72
C UNK G 23 -50.71 15.15 10.54
N UNK G 24 -49.54 14.78 10.07
CA UNK G 24 -48.66 13.83 10.75
C UNK G 24 -48.39 14.36 12.18
N UNK G 25 -48.02 15.61 12.23
CA UNK G 25 -47.72 16.32 13.48
C UNK G 25 -48.94 16.44 14.37
N UNK G 26 -50.08 16.36 13.74
CA UNK G 26 -51.27 16.55 14.59
C UNK G 26 -51.54 15.27 15.36
N UNK G 27 -51.51 14.20 14.60
CA UNK G 27 -51.73 12.87 15.17
C UNK G 27 -50.62 12.54 16.17
N UNK G 28 -49.41 12.95 15.86
CA UNK G 28 -48.31 12.69 16.77
C UNK G 28 -48.47 13.48 18.07
N UNK G 29 -48.92 14.71 17.94
CA UNK G 29 -49.13 15.53 19.16
C UNK G 29 -50.25 14.91 20.00
N UNK G 30 -51.25 14.49 19.27
CA UNK G 30 -52.42 13.84 19.85
C UNK G 30 -52.02 12.58 20.60
N UNK H 1 -19.90 29.89 -5.72
CA UNK H 1 -21.16 29.80 -5.01
C UNK H 1 -21.94 28.56 -5.35
N UNK H 2 -21.64 27.91 -6.45
CA UNK H 2 -22.41 26.73 -6.83
C UNK H 2 -22.12 25.57 -5.90
N UNK H 3 -20.99 25.59 -5.25
CA UNK H 3 -20.66 24.54 -4.26
C UNK H 3 -20.81 25.15 -2.85
N UNK H 4 -20.35 26.37 -2.71
CA UNK H 4 -20.43 27.12 -1.45
C UNK H 4 -21.83 27.17 -0.91
N UNK H 5 -22.85 27.60 -1.61
CA UNK H 5 -24.18 27.68 -1.04
C UNK H 5 -24.69 26.35 -0.57
N UNK H 6 -24.69 25.29 -1.36
CA UNK H 6 -25.17 24.01 -0.82
C UNK H 6 -24.27 23.52 0.28
N UNK H 7 -22.97 23.62 0.21
CA UNK H 7 -22.08 23.18 1.28
C UNK H 7 -22.41 23.89 2.57
N UNK H 8 -22.67 25.18 2.55
CA UNK H 8 -23.04 25.95 3.74
C UNK H 8 -24.35 25.47 4.32
N UNK H 9 -25.36 25.36 3.48
CA UNK H 9 -26.68 24.95 3.91
C UNK H 9 -26.68 23.51 4.41
N UNK H 10 -25.96 22.62 3.78
CA UNK H 10 -25.91 21.21 4.18
C UNK H 10 -25.16 21.10 5.51
N UNK H 11 -24.12 21.87 5.64
CA UNK H 11 -23.29 21.91 6.83
C UNK H 11 -24.08 22.32 8.07
N UNK H 12 -24.85 23.36 7.89
CA UNK H 12 -25.68 23.85 8.98
C UNK H 12 -26.77 22.88 9.33
N UNK H 13 -27.32 22.08 8.42
CA UNK H 13 -28.34 21.09 8.80
C UNK H 13 -27.69 20.00 9.65
N UNK H 14 -26.54 19.55 9.20
CA UNK H 14 -25.75 18.54 9.90
C UNK H 14 -25.41 19.00 11.30
N UNK H 15 -25.02 20.26 11.50
CA UNK H 15 -24.75 20.69 12.89
C UNK H 15 -26.06 20.70 13.67
N UNK H 16 -27.14 21.14 13.08
CA UNK H 16 -28.42 21.16 13.78
C UNK H 16 -28.84 19.75 14.16
N UNK H 17 -28.57 18.76 13.35
CA UNK H 17 -28.94 17.37 13.71
C UNK H 17 -28.07 16.87 14.85
N UNK H 18 -26.77 17.05 14.89
CA UNK H 18 -25.86 16.68 15.97
C UNK H 18 -26.37 17.28 17.30
N UNK H 19 -26.55 18.59 17.35
CA UNK H 19 -27.04 19.27 18.55
C UNK H 19 -28.30 18.62 19.04
N UNK H 20 -29.20 18.15 18.21
CA UNK H 20 -30.40 17.47 18.69
C UNK H 20 -30.03 16.12 19.30
N UNK H 21 -29.30 15.35 18.54
CA UNK H 21 -28.86 14.04 18.99
C UNK H 21 -28.05 14.16 20.29
N UNK H 22 -27.17 15.11 20.48
CA UNK H 22 -26.41 15.19 21.73
C UNK H 22 -27.34 15.47 22.91
N UNK H 23 -28.20 16.45 22.81
CA UNK H 23 -29.14 16.78 23.87
C UNK H 23 -30.01 15.57 24.17
N UNK H 24 -30.51 14.92 23.15
CA UNK H 24 -31.37 13.74 23.25
C UNK H 24 -30.69 12.67 24.10
N UNK H 25 -29.41 12.56 23.98
CA UNK H 25 -28.55 11.61 24.65
C UNK H 25 -28.06 12.10 26.00
N UNK H 26 -28.00 13.38 26.31
CA UNK H 26 -27.45 13.77 27.61
C UNK H 26 -28.46 14.42 28.51
N UNK I 1 -19.62 47.62 -6.06
CA UNK I 1 -20.99 48.03 -6.34
C UNK I 1 -21.89 46.82 -6.38
N UNK I 2 -21.56 45.79 -7.15
CA UNK I 2 -22.44 44.63 -7.21
C UNK I 2 -22.25 43.72 -6.02
N UNK I 3 -21.09 43.66 -5.42
CA UNK I 3 -20.80 42.82 -4.24
C UNK I 3 -21.69 43.28 -3.08
N UNK I 4 -21.73 44.59 -2.95
CA UNK I 4 -22.49 45.24 -1.90
C UNK I 4 -23.97 45.11 -2.05
N UNK I 5 -24.55 45.04 -3.23
CA UNK I 5 -26.01 44.93 -3.40
C UNK I 5 -26.44 43.50 -3.04
N UNK I 6 -25.64 42.59 -3.56
CA UNK I 6 -25.82 41.13 -3.36
C UNK I 6 -25.71 40.86 -1.84
N UNK I 7 -24.70 41.45 -1.22
CA UNK I 7 -24.48 41.30 0.21
C UNK I 7 -25.65 41.75 1.04
N UNK I 8 -26.44 42.66 0.52
CA UNK I 8 -27.58 43.15 1.30
C UNK I 8 -28.65 42.09 1.41
N UNK I 9 -28.74 41.17 0.46
CA UNK I 9 -29.75 40.12 0.49
C UNK I 9 -29.36 39.01 1.47
N UNK I 10 -28.07 38.79 1.48
CA UNK I 10 -27.41 37.79 2.33
C UNK I 10 -27.56 38.14 3.78
N UNK I 11 -27.48 39.42 4.12
CA UNK I 11 -27.66 39.93 5.48
C UNK I 11 -29.11 39.89 5.92
N UNK I 12 -29.98 40.06 4.95
CA UNK I 12 -31.42 40.02 5.28
C UNK I 12 -31.87 38.58 5.37
N UNK I 13 -31.18 37.75 4.60
CA UNK I 13 -31.50 36.30 4.67
C UNK I 13 -31.09 35.87 6.08
N UNK I 14 -29.91 36.24 6.53
CA UNK I 14 -29.39 35.91 7.86
C UNK I 14 -30.34 36.34 8.95
N UNK I 15 -31.00 37.47 8.76
CA UNK I 15 -31.93 38.02 9.74
C UNK I 15 -33.26 37.34 9.70
N UNK I 16 -33.62 36.74 8.58
CA UNK I 16 -34.92 36.01 8.63
C UNK I 16 -34.67 34.69 9.38
N UNK I 17 -33.51 34.10 9.12
CA UNK I 17 -33.10 32.88 9.81
C UNK I 17 -33.07 33.19 11.32
N UNK I 18 -32.41 34.28 11.68
CA UNK I 18 -32.29 34.75 13.07
C UNK I 18 -33.63 35.01 13.70
N UNK I 19 -34.52 35.67 12.99
CA UNK I 19 -35.84 35.96 13.57
C UNK I 19 -36.58 34.66 13.84
N UNK I 20 -36.51 33.78 12.87
CA UNK I 20 -37.11 32.42 12.91
C UNK I 20 -36.44 31.65 14.09
N UNK I 21 -35.14 31.71 14.20
CA UNK I 21 -34.34 31.07 15.23
C UNK I 21 -34.84 31.49 16.60
N UNK I 22 -34.98 32.77 16.88
CA UNK I 22 -35.53 33.26 18.16
C UNK I 22 -36.92 32.69 18.43
N UNK I 23 -37.79 32.65 17.45
CA UNK I 23 -39.14 32.10 17.70
C UNK I 23 -39.03 30.62 18.04
N UNK I 24 -38.23 29.89 17.28
CA UNK I 24 -38.00 28.46 17.51
C UNK I 24 -37.49 28.27 18.95
N UNK I 25 -36.50 29.06 19.28
CA UNK I 25 -35.87 29.06 20.61
C UNK I 25 -36.85 29.48 21.69
N UNK I 26 -37.85 30.21 21.29
CA UNK I 26 -38.76 30.68 22.35
C UNK I 26 -39.67 29.54 22.77
N UNK I 27 -40.22 28.92 21.75
CA UNK I 27 -41.12 27.78 21.95
C UNK I 27 -40.35 26.63 22.61
N UNK I 28 -39.12 26.45 22.21
CA UNK I 28 -38.31 25.36 22.79
C UNK I 28 -38.04 25.66 24.26
N UNK I 29 -37.74 26.91 24.57
CA UNK I 29 -37.49 27.26 25.98
C UNK I 29 -38.77 27.07 26.80
N UNK I 30 -39.85 27.48 26.19
CA UNK I 30 -41.18 27.36 26.77
C UNK I 30 -41.52 25.90 27.04
N UNK J 1 -4.59 33.79 0.18
CA UNK J 1 -5.83 34.16 0.85
C UNK J 1 -7.01 33.33 0.34
N UNK J 2 -6.95 32.99 -0.96
CA UNK J 2 -8.02 32.20 -1.55
C UNK J 2 -8.16 30.84 -0.86
N UNK J 3 -7.09 30.36 -0.28
CA UNK J 3 -7.15 29.15 0.56
C UNK J 3 -7.06 29.60 2.03
N UNK J 4 -6.17 30.54 2.28
CA UNK J 4 -5.95 31.10 3.62
C UNK J 4 -7.23 31.60 4.25
N UNK J 5 -8.04 32.45 3.67
CA UNK J 5 -9.24 32.95 4.33
C UNK J 5 -10.19 31.84 4.68
N UNK J 6 -10.58 30.95 3.77
CA UNK J 6 -11.48 29.88 4.20
C UNK J 6 -10.81 28.96 5.19
N UNK J 7 -9.55 28.58 5.04
CA UNK J 7 -8.87 27.72 5.99
C UNK J 7 -8.90 28.34 7.39
N UNK J 8 -8.69 29.64 7.51
CA UNK J 8 -8.72 30.34 8.80
C UNK J 8 -10.11 30.30 9.40
N UNK J 9 -11.11 30.67 8.63
CA UNK J 9 -12.48 30.71 9.10
C UNK J 9 -12.99 29.31 9.44
N UNK J 10 -12.64 28.32 8.66
CA UNK J 10 -13.11 26.95 8.90
C UNK J 10 -12.43 26.40 10.15
N UNK J 11 -11.18 26.72 10.30
CA UNK J 11 -10.38 26.30 11.44
C UNK J 11 -10.95 26.82 12.76
N UNK J 12 -11.29 28.09 12.74
CA UNK J 12 -11.87 28.72 13.94
C UNK J 12 -13.21 28.15 14.24
N UNK J 13 -14.03 27.73 13.29
CA UNK J 13 -15.33 27.15 13.62
C UNK J 13 -15.11 25.79 14.30
N UNK J 14 -14.22 25.01 13.73
CA UNK J 14 -13.84 23.70 14.26
C UNK J 14 -13.33 23.84 15.69
N UNK J 15 -12.51 24.83 15.99
CA UNK J 15 -12.09 24.96 17.41
C UNK J 15 -13.28 25.35 18.26
N UNK J 16 -14.14 26.22 17.80
CA UNK J 16 -15.32 26.61 18.57
C UNK J 16 -16.20 25.42 18.83
N UNK J 17 -16.33 24.50 17.88
CA UNK J 17 -17.16 23.31 18.11
C UNK J 17 -16.53 22.39 19.14
N UNK J 18 -15.26 22.08 19.12
CA UNK J 18 -14.52 21.26 20.08
C UNK J 18 -14.75 21.84 21.51
N UNK J 19 -14.44 23.12 21.70
CA UNK J 19 -14.64 23.78 23.00
C UNK J 19 -16.04 23.58 23.51
N UNK J 20 -17.05 23.57 22.68
CA UNK J 20 -18.41 23.32 23.15
C UNK J 20 -18.55 21.86 23.58
N UNK J 21 -18.16 20.97 22.70
CA UNK J 21 -18.21 19.54 22.99
C UNK J 21 -17.40 19.19 24.22
N UNK J 22 -16.24 19.73 24.47
CA UNK J 22 -15.49 19.38 25.67
C UNK J 22 -16.23 19.83 26.93
N UNK J 23 -16.68 21.07 26.98
CA UNK J 23 -17.40 21.52 28.16
C UNK J 23 -18.65 20.68 28.41
N UNK J 24 -19.40 20.42 27.32
CA UNK J 24 -20.60 19.61 27.45
C UNK J 24 -20.28 18.23 28.03
N UNK J 25 -19.02 17.81 27.85
CA UNK J 25 -18.60 16.52 28.36
C UNK J 25 -18.43 16.55 29.89
N UNK J 26 -18.40 17.78 30.43
CA UNK J 26 -18.24 17.93 31.87
C UNK J 26 -19.32 18.84 32.47
N UNK K 1 -2.38 53.12 0.65
CA UNK K 1 -3.64 53.84 0.70
C UNK K 1 -4.79 52.87 0.72
N UNK K 2 -4.85 51.92 -0.21
CA UNK K 2 -5.95 50.98 -0.20
C UNK K 2 -5.78 49.89 0.83
N UNK K 3 -4.58 49.51 1.16
CA UNK K 3 -4.30 48.47 2.17
C UNK K 3 -4.84 48.93 3.53
N UNK K 4 -4.56 50.19 3.81
CA UNK K 4 -4.95 50.83 5.04
C UNK K 4 -6.42 51.04 5.20
N UNK K 5 -7.18 51.25 4.16
CA UNK K 5 -8.63 51.48 4.28
C UNK K 5 -9.31 50.13 4.56
N UNK K 6 -8.84 49.16 3.81
CA UNK K 6 -9.32 47.75 3.88
C UNK K 6 -9.01 47.26 5.31
N UNK K 7 -7.80 47.52 5.77
CA UNK K 7 -7.38 47.13 7.10
C UNK K 7 -8.25 47.69 8.19
N UNK K 8 -8.88 48.81 7.95
CA UNK K 8 -9.71 49.42 8.99
C UNK K 8 -10.96 48.60 9.21
N UNK K 9 -11.42 47.87 8.20
CA UNK K 9 -12.63 47.05 8.34
C UNK K 9 -12.34 45.76 9.09
N UNK K 10 -11.16 45.27 8.82
CA UNK K 10 -10.62 44.05 9.40
C UNK K 10 -10.41 44.21 10.90
N UNK K 11 -9.99 45.39 11.34
CA UNK K 11 -9.80 45.72 12.76
C UNK K 11 -11.12 45.92 13.47
N UNK K 12 -12.09 46.40 12.72
CA UNK K 12 -13.40 46.63 13.33
C UNK K 12 -14.15 45.31 13.35
N UNK K 13 -13.82 44.47 12.38
CA UNK K 13 -14.44 43.14 12.37
C UNK K 13 -13.91 42.42 13.62
N UNK K 14 -12.62 42.48 13.87
CA UNK K 14 -11.97 41.86 15.02
C UNK K 14 -12.59 42.32 16.32
N UNK K 15 -12.99 43.57 16.37
CA UNK K 15 -13.57 44.17 17.57
C UNK K 15 -15.01 43.79 17.75
N UNK K 16 -15.68 43.44 16.67
CA UNK K 16 -17.08 43.00 16.90
C UNK K 16 -17.01 41.58 17.45
N UNK K 17 -16.09 40.79 16.89
CA UNK K 17 -15.86 39.42 17.36
C UNK K 17 -15.49 39.51 18.85
N UNK K 18 -14.56 40.36 19.18
CA UNK K 18 -14.09 40.59 20.56
C UNK K 18 -15.21 41.05 21.49
N UNK K 19 -16.02 41.97 21.03
CA UNK K 19 -17.11 42.44 21.90
C UNK K 19 -18.07 41.29 22.18
N UNK K 20 -18.37 40.57 21.13
CA UNK K 20 -19.24 39.38 21.14
C UNK K 20 -18.58 38.32 22.09
N UNK K 21 -17.31 38.10 21.93
CA UNK K 21 -16.51 37.15 22.71
C UNK K 21 -16.67 37.47 24.19
N UNK K 22 -16.45 38.71 24.62
CA UNK K 22 -16.64 39.11 26.03
C UNK K 22 -18.04 38.81 26.52
N UNK K 23 -19.06 39.09 25.74
CA UNK K 23 -20.42 38.81 26.20
C UNK K 23 -20.59 37.31 26.37
N UNK K 24 -20.14 36.55 25.38
CA UNK K 24 -20.21 35.06 25.41
C UNK K 24 -19.52 34.58 26.69
N UNK K 25 -18.34 35.10 26.89
CA UNK K 25 -17.52 34.77 28.06
C UNK K 25 -18.14 35.22 29.36
N UNK K 26 -19.00 36.20 29.24
CA UNK K 26 -19.58 36.70 30.52
C UNK K 26 -20.64 35.72 30.99
N UNK K 27 -21.47 35.38 30.04
CA UNK K 27 -22.56 34.44 30.31
C UNK K 27 -21.98 33.07 30.68
N UNK K 28 -20.92 32.69 30.02
CA UNK K 28 -20.29 31.38 30.31
C UNK K 28 -19.71 31.41 31.72
N UNK K 29 -19.09 32.52 32.08
CA UNK K 29 -18.52 32.60 33.44
C UNK K 29 -19.64 32.56 34.48
N UNK K 30 -20.68 33.28 34.14
CA UNK K 30 -21.87 33.36 34.96
C UNK K 30 -22.48 31.98 35.15
N UNK L 1 9.90 34.90 4.56
CA UNK L 1 8.86 35.31 5.49
C UNK L 1 7.52 34.79 5.13
N UNK L 2 7.33 34.36 3.90
CA UNK L 2 6.01 33.88 3.49
C UNK L 2 5.70 32.54 4.13
N UNK L 3 6.71 31.81 4.53
CA UNK L 3 6.49 30.53 5.22
C UNK L 3 6.81 30.75 6.72
N UNK L 4 7.87 31.47 6.97
CA UNK L 4 8.31 31.82 8.32
C UNK L 4 7.22 32.45 9.16
N UNK L 5 6.55 33.51 8.76
CA UNK L 5 5.53 34.13 9.61
C UNK L 5 4.42 33.18 9.95
N UNK L 6 3.79 32.50 9.00
CA UNK L 6 2.74 31.56 9.40
C UNK L 6 3.32 30.42 10.20
N UNK L 7 4.45 29.84 9.87
CA UNK L 7 5.03 28.74 10.63
C UNK L 7 5.25 29.17 12.08
N UNK L 8 5.72 30.37 12.32
CA UNK L 8 5.94 30.91 13.67
C UNK L 8 4.63 31.04 14.43
N UNK L 9 3.66 31.68 13.83
CA UNK L 9 2.38 31.92 14.46
C UNK L 9 1.64 30.61 14.70
N UNK L 10 1.72 29.67 13.77
CA UNK L 10 1.01 28.39 13.91
C UNK L 10 1.68 27.56 15.01
N UNK L 11 2.98 27.64 15.05
CA UNK L 11 3.79 26.92 16.03
C UNK L 11 3.46 27.36 17.45
N UNK L 12 3.36 28.66 17.62
CA UNK L 12 3.03 29.23 18.94
C UNK L 12 1.63 28.90 19.33
N UNK L 13 0.66 28.76 18.44
CA UNK L 13 -0.68 28.38 18.85
C UNK L 13 -0.66 26.93 19.35
N UNK L 14 0.00 26.08 18.60
CA UNK L 14 0.16 24.66 18.93
C UNK L 14 0.82 24.51 20.29
N UNK L 15 1.83 25.29 20.61
CA UNK L 15 2.41 25.15 21.97
C UNK L 15 1.39 25.65 22.99
N UNK L 16 0.68 26.72 22.73
CA UNK L 16 -0.32 27.21 23.68
C UNK L 16 -1.40 26.18 23.90
N UNK L 17 -1.78 25.43 22.89
CA UNK L 17 -2.80 24.40 23.08
C UNK L 17 -2.27 23.23 23.91
N UNK L 18 -1.08 22.71 23.71
CA UNK L 18 -0.44 21.66 24.49
C UNK L 18 -0.43 22.08 25.98
N UNK L 19 0.15 23.24 26.28
CA UNK L 19 0.20 23.75 27.66
C UNK L 19 -1.15 23.74 28.30
N UNK L 20 -2.23 24.04 27.60
CA UNK L 20 -3.56 23.97 28.21
C UNK L 20 -3.94 22.52 28.48
N UNK L 21 -3.81 21.70 27.47
CA UNK L 21 -4.10 20.27 27.59
C UNK L 21 -3.27 19.62 28.68
N UNK L 22 -2.00 19.90 28.84
CA UNK L 22 -1.23 19.27 29.91
C UNK L 22 -1.75 19.68 31.28
N UNK L 23 -1.95 20.96 31.52
CA UNK L 23 -2.46 21.44 32.81
C UNK L 23 -3.81 20.83 33.07
N UNK L 24 -4.66 20.80 32.09
CA UNK L 24 -6.01 20.25 32.17
C UNK L 24 -5.96 18.80 32.67
N UNK L 25 -4.96 18.09 32.26
CA UNK L 25 -4.71 16.69 32.56
C UNK L 25 -3.92 16.50 33.84
N UNK L 26 -3.16 17.44 34.34
CA UNK L 26 -2.37 17.15 35.54
C UNK L 26 -2.80 17.99 36.74
N UNK M 1 15.65 49.74 1.43
CA UNK M 1 14.71 50.84 1.62
C UNK M 1 13.33 50.28 1.83
N UNK M 2 12.84 49.42 0.95
CA UNK M 2 11.51 48.88 1.12
C UNK M 2 11.47 47.77 2.15
N UNK M 3 12.51 47.02 2.34
CA UNK M 3 12.58 45.93 3.34
C UNK M 3 12.41 46.54 4.74
N UNK M 4 13.10 47.63 4.93
CA UNK M 4 13.10 48.35 6.19
C UNK M 4 11.80 49.01 6.53
N UNK M 5 11.02 49.48 5.60
CA UNK M 5 9.74 50.16 5.90
C UNK M 5 8.72 49.10 6.31
N UNK M 6 8.76 48.04 5.53
CA UNK M 6 7.87 46.86 5.72
C UNK M 6 8.19 46.27 7.11
N UNK M 7 9.46 46.13 7.39
CA UNK M 7 9.91 45.61 8.67
C UNK M 7 9.42 46.40 9.86
N UNK M 8 9.14 47.67 9.66
CA UNK M 8 8.69 48.50 10.78
C UNK M 8 7.28 48.13 11.19
N UNK M 9 6.50 47.59 10.28
CA UNK M 9 5.12 47.21 10.60
C UNK M 9 5.09 45.87 11.35
N UNK M 10 6.00 45.04 10.92
CA UNK M 10 6.20 43.70 11.47
C UNK M 10 6.64 43.77 12.92
N UNK M 11 7.46 44.74 13.27
CA UNK M 11 7.92 44.98 14.63
C UNK M 11 6.86 45.59 15.51
N UNK M 12 6.00 46.36 14.89
CA UNK M 12 4.92 47.00 15.66
C UNK M 12 3.81 45.99 15.83
N UNK M 13 3.72 45.10 14.83
CA UNK M 13 2.71 44.03 14.96
C UNK M 13 3.16 43.17 16.14
N UNK M 14 4.41 42.80 16.21
CA UNK M 14 4.97 42.00 17.28
C UNK M 14 4.71 42.61 18.63
N UNK M 15 4.74 43.93 18.71
CA UNK M 15 4.54 44.66 19.96
C UNK M 15 3.09 44.77 20.33
N UNK M 16 2.20 44.67 19.36
CA UNK M 16 0.78 44.70 19.79
C UNK M 16 0.46 43.32 20.37
N UNK M 17 1.01 42.30 19.72
CA UNK M 17 0.85 40.91 20.19
C UNK M 17 1.42 40.85 21.62
N UNK M 18 2.61 41.36 21.80
CA UNK M 18 3.31 41.41 23.10
C UNK M 18 2.53 42.18 24.14
N UNK M 19 1.99 43.33 23.77
CA UNK M 19 1.24 44.12 24.77
C UNK M 19 0.02 43.33 25.21
N UNK M 20 -0.64 42.76 24.22
CA UNK M 20 -1.83 41.92 24.39
C UNK M 20 -1.42 40.70 25.27
N UNK M 21 -0.33 40.06 24.95
CA UNK M 21 0.22 38.90 25.65
C UNK M 21 0.38 39.24 27.14
N UNK M 22 1.03 40.33 27.49
CA UNK M 22 1.17 40.75 28.90
C UNK M 22 -0.19 40.92 29.58
N UNK M 23 -1.15 41.53 28.93
CA UNK M 23 -2.46 41.69 29.58
C UNK M 23 -3.08 40.33 29.81
N UNK M 24 -3.02 39.47 28.81
CA UNK M 24 -3.54 38.09 28.88
C UNK M 24 -2.89 37.38 30.07
N UNK M 25 -1.59 37.50 30.10
CA UNK M 25 -0.76 36.89 31.16
C UNK M 25 -1.05 37.52 32.51
N UNK M 26 -1.56 38.73 32.48
CA UNK M 26 -1.77 39.36 33.81
C UNK M 26 -3.01 38.78 34.45
N UNK M 27 -4.03 38.74 33.63
CA UNK M 27 -5.30 38.19 34.08
C UNK M 27 -5.15 36.70 34.40
N UNK M 28 -4.36 36.02 33.61
CA UNK M 28 -4.15 34.58 33.85
C UNK M 28 -3.41 34.39 35.18
N UNK M 29 -2.44 35.23 35.42
CA UNK M 29 -1.69 35.11 36.69
C UNK M 29 -2.63 35.43 37.87
N UNK M 30 -3.42 36.44 37.66
CA UNK M 30 -4.40 36.89 38.62
C UNK M 30 -5.39 35.77 38.94
N UNK N 1 20.68 33.70 4.02
CA UNK N 1 20.15 34.27 5.25
C UNK N 1 18.67 34.20 5.33
N UNK N 2 18.01 33.99 4.22
CA UNK N 2 16.56 33.98 4.25
C UNK N 2 16.06 32.72 4.92
N UNK N 3 16.86 31.68 4.95
CA UNK N 3 16.48 30.44 5.64
C UNK N 3 17.28 30.38 6.96
N UNK N 4 18.52 30.73 6.87
CA UNK N 4 19.43 30.76 8.01
C UNK N 4 18.88 31.57 9.17
N UNK N 5 18.48 32.83 9.06
CA UNK N 5 18.00 33.60 10.20
C UNK N 5 16.82 32.98 10.86
N UNK N 6 15.76 32.63 10.15
CA UNK N 6 14.64 31.99 10.85
C UNK N 6 15.04 30.63 11.39
N UNK N 7 15.79 29.80 10.68
CA UNK N 7 16.20 28.50 11.19
C UNK N 7 16.97 28.67 12.50
N UNK N 8 17.82 29.65 12.60
CA UNK N 8 18.59 29.92 13.83
C UNK N 8 17.67 30.34 14.98
N UNK N 9 16.82 31.30 14.74
CA UNK N 9 15.91 31.81 15.75
C UNK N 9 14.91 30.75 16.19
N UNK N 10 14.43 29.96 15.27
CA UNK N 10 13.44 28.92 15.60
C UNK N 10 14.12 27.80 16.40
N UNK N 11 15.33 27.49 16.01
CA UNK N 11 16.12 26.47 16.66
C UNK N 11 16.37 26.81 18.12
N UNK N 12 16.74 28.05 18.35
CA UNK N 12 17.01 28.52 19.72
C UNK N 12 15.75 28.55 20.54
N UNK N 13 14.58 28.81 20.01
CA UNK N 13 13.36 28.79 20.83
C UNK N 13 13.09 27.35 21.25
N UNK N 14 13.21 26.43 20.30
CA UNK N 14 13.02 25.00 20.52
C UNK N 14 13.97 24.50 21.59
N UNK N 15 15.22 24.91 21.58
CA UNK N 15 16.09 24.45 22.67
C UNK N 15 15.62 25.08 23.99
N UNK N 16 15.24 26.34 24.01
CA UNK N 16 14.76 26.98 25.25
C UNK N 16 13.55 26.27 25.78
N UNK N 17 12.67 25.80 24.93
CA UNK N 17 11.49 25.09 25.42
C UNK N 17 11.86 23.73 25.99
N UNK N 18 12.71 22.91 25.40
CA UNK N 18 13.20 21.64 25.89
C UNK N 18 13.78 21.84 27.32
N UNK N 19 14.74 22.74 27.45
CA UNK N 19 15.34 23.05 28.75
C UNK N 19 14.31 23.36 29.80
N UNK N 20 13.23 24.03 29.49
CA UNK N 20 12.19 24.28 30.50
C UNK N 20 11.48 22.97 30.85
N UNK N 21 11.05 22.27 29.82
CA UNK N 21 10.38 20.99 30.00
C UNK N 21 11.26 19.99 30.74
N UNK N 22 12.53 19.88 30.49
CA UNK N 22 13.36 18.92 31.23
C UNK N 22 13.41 19.29 32.71
N UNK N 23 13.69 20.54 33.04
CA UNK N 23 13.76 20.98 34.44
C UNK N 23 12.44 20.76 35.11
N UNK N 24 11.37 21.10 34.45
CA UNK N 24 10.01 20.96 34.96
C UNK N 24 9.76 19.50 35.38
N UNK N 25 10.31 18.58 34.64
CA UNK N 25 10.15 17.14 34.73
C UNK N 25 11.10 16.51 35.74
N UNK N 26 12.24 17.20 35.95
CA UNK N 26 13.21 16.70 36.90
C UNK N 26 13.31 17.59 38.14
N UNK O 1 35.92 43.84 4.52
CA UNK O 1 35.46 45.16 4.98
C UNK O 1 34.02 45.08 5.40
N UNK O 2 33.13 44.57 4.55
CA UNK O 2 31.73 44.49 4.93
C UNK O 2 31.45 43.34 5.86
N UNK O 3 32.18 42.24 5.78
CA UNK O 3 31.99 41.07 6.66
C UNK O 3 32.24 41.48 8.11
N UNK O 4 33.31 42.24 8.26
CA UNK O 4 33.76 42.72 9.55
C UNK O 4 32.84 43.73 10.19
N UNK O 5 32.15 44.57 9.46
CA UNK O 5 31.26 45.60 10.06
C UNK O 5 29.99 44.90 10.57
N UNK O 6 29.53 44.02 9.71
CA UNK O 6 28.32 43.19 9.96
C UNK O 6 28.61 42.34 11.22
N UNK O 7 29.78 41.72 11.25
CA UNK O 7 30.19 40.90 12.36
C UNK O 7 30.19 41.64 13.67
N UNK O 8 30.37 42.94 13.64
CA UNK O 8 30.40 43.71 14.90
C UNK O 8 29.04 43.77 15.53
N UNK O 9 27.98 43.67 14.73
CA UNK O 9 26.62 43.75 15.29
C UNK O 9 26.22 42.42 15.92
N UNK O 10 26.71 41.38 15.26
CA UNK O 10 26.49 39.98 15.65
C UNK O 10 27.13 39.70 16.99
N UNK O 11 28.30 40.27 17.26
CA UNK O 11 29.01 40.13 18.52
C UNK O 11 28.37 40.93 19.63
N UNK O 12 27.77 42.04 19.25
CA UNK O 12 27.10 42.88 20.26
C UNK O 12 25.73 42.30 20.56
N UNK O 13 25.19 41.65 19.53
CA UNK O 13 23.88 40.98 19.75
C UNK O 13 24.16 39.86 20.75
N UNK O 14 25.21 39.07 20.54
CA UNK O 14 25.60 37.97 21.42
C UNK O 14 25.77 38.44 22.86
N UNK O 15 26.28 39.64 23.03
CA UNK O 15 26.53 40.22 24.35
C UNK O 15 25.30 40.75 25.00
N UNK O 16 24.30 41.10 24.21
CA UNK O 16 23.06 41.55 24.91
C UNK O 16 22.36 40.29 25.42
N UNK O 17 22.40 39.26 24.59
CA UNK O 17 21.82 37.95 24.97
C UNK O 17 22.55 37.48 26.25
N UNK O 18 23.85 37.53 26.24
CA UNK O 18 24.70 37.15 27.37
C UNK O 18 24.41 37.99 28.62
N UNK O 19 24.27 39.29 28.45
CA UNK O 19 24.00 40.14 29.63
C UNK O 19 22.65 39.76 30.23
N UNK O 20 21.71 39.59 29.35
CA UNK O 20 20.33 39.19 29.68
C UNK O 20 20.38 37.78 30.35
N UNK O 21 21.14 36.88 29.78
CA UNK O 21 21.33 35.51 30.26
C UNK O 21 21.81 35.54 31.71
N UNK O 22 22.85 36.29 32.02
CA UNK O 22 23.34 36.43 33.41
C UNK O 22 22.25 36.95 34.35
N UNK O 23 21.48 37.94 33.95
CA UNK O 23 20.41 38.44 34.84
C UNK O 23 19.40 37.35 35.07
N UNK O 24 18.99 36.67 34.01
CA UNK O 24 18.03 35.57 34.08
C UNK O 24 18.56 34.51 35.05
N UNK O 25 19.80 34.17 34.85
CA UNK O 25 20.51 33.18 35.67
C UNK O 25 20.67 33.65 37.10
N UNK O 26 20.61 34.96 37.27
CA UNK O 26 20.85 35.43 38.66
C UNK O 26 19.59 35.21 39.48
N UNK O 27 18.51 35.64 38.86
CA UNK O 27 17.19 35.51 39.50
C UNK O 27 16.85 34.02 39.67
N UNK O 28 17.23 33.22 38.68
CA UNK O 28 16.94 31.77 38.77
C UNK O 28 17.75 31.16 39.90
N UNK O 29 18.99 31.57 40.03
CA UNK O 29 19.82 31.02 41.12
C UNK O 29 19.25 31.46 42.47
N UNK O 30 18.93 32.76 42.44
CA UNK O 30 18.40 33.55 43.55
C UNK O 30 16.88 33.44 43.62
N UNK P 1 29.62 28.57 3.61
CA UNK P 1 29.52 29.23 4.91
C UNK P 1 28.05 29.45 5.32
N UNK P 2 27.18 29.44 4.30
CA UNK P 2 25.76 29.62 4.57
C UNK P 2 25.18 28.44 5.36
N UNK P 3 25.78 27.26 5.12
CA UNK P 3 25.31 26.06 5.81
C UNK P 3 26.30 25.60 6.87
N UNK P 4 27.55 25.62 6.50
CA UNK P 4 28.65 25.27 7.39
C UNK P 4 28.61 26.06 8.70
N UNK P 5 28.55 27.39 8.75
CA UNK P 5 28.56 28.11 10.02
C UNK P 5 27.41 27.75 10.90
N UNK P 6 26.18 27.78 10.46
CA UNK P 6 25.11 27.38 11.37
C UNK P 6 25.22 25.90 11.71
N UNK P 7 25.54 24.99 10.80
CA UNK P 7 25.67 23.57 11.12
C UNK P 7 26.70 23.38 12.21
N UNK P 8 27.81 24.08 12.16
CA UNK P 8 28.85 23.99 13.19
C UNK P 8 28.35 24.50 14.55
N UNK P 9 27.76 25.68 14.57
CA UNK P 9 27.27 26.29 15.80
C UNK P 9 26.13 25.47 16.42
N UNK P 10 25.26 24.95 15.59
CA UNK P 10 24.13 24.17 16.09
C UNK P 10 24.62 22.84 16.63
N UNK P 11 25.57 22.27 15.94
CA UNK P 11 26.18 20.99 16.33
C UNK P 11 26.81 21.07 17.70
N UNK P 12 27.54 22.15 17.91
CA UNK P 12 28.21 22.37 19.21
C UNK P 12 27.22 22.63 20.30
N UNK P 13 26.08 23.24 20.08
CA UNK P 13 25.11 23.44 21.17
C UNK P 13 24.54 22.08 21.57
N UNK P 14 24.20 21.29 20.56
CA UNK P 14 23.68 19.93 20.73
C UNK P 14 24.65 19.08 21.52
N UNK P 15 25.92 19.14 21.23
CA UNK P 15 26.85 18.36 22.05
C UNK P 15 26.85 18.92 23.48
N UNK P 16 26.84 20.23 23.67
CA UNK P 16 26.84 20.82 25.01
C UNK P 16 25.62 20.40 25.78
N UNK P 17 24.50 20.28 25.14
CA UNK P 17 23.29 19.83 25.85
C UNK P 17 23.39 18.38 26.25
N UNK P 18 23.83 17.44 25.42
CA UNK P 18 24.03 16.02 25.71
C UNK P 18 24.93 15.90 26.97
N UNK P 19 26.11 16.50 26.92
CA UNK P 19 27.03 16.48 28.05
C UNK P 19 26.37 16.91 29.33
N UNK P 20 25.47 17.87 29.33
CA UNK P 20 24.78 18.27 30.57
C UNK P 20 23.84 17.16 31.01
N UNK P 21 23.02 16.73 30.07
CA UNK P 21 22.08 15.66 30.33
C UNK P 21 22.78 14.39 30.78
N UNK P 22 23.88 13.96 30.21
CA UNK P 22 24.55 12.74 30.68
C UNK P 22 25.02 12.91 32.12
N UNK P 23 25.69 13.98 32.45
CA UNK P 23 26.17 14.23 33.81
C UNK P 23 25.01 14.29 34.78
N UNK P 24 23.97 14.96 34.41
CA UNK P 24 22.76 15.13 35.23
C UNK P 24 22.21 13.75 35.60
N UNK P 25 22.32 12.81 34.71
CA UNK P 25 21.86 11.44 34.81
C UNK P 25 22.86 10.52 35.44
N UNK P 26 24.13 10.77 35.46
CA UNK P 26 25.06 9.80 36.03
C UNK P 26 25.75 10.32 37.27
N UNK Q 1 47.25 31.52 5.03
CA UNK Q 1 47.34 32.86 5.63
C UNK Q 1 46.04 33.18 6.34
N UNK Q 2 44.91 33.05 5.67
CA UNK Q 2 43.64 33.37 6.33
C UNK Q 2 43.18 32.27 7.25
N UNK Q 3 43.49 31.02 6.97
CA UNK Q 3 43.10 29.87 7.80
C UNK Q 3 43.73 30.03 9.19
N UNK Q 4 44.98 30.40 9.15
CA UNK Q 4 45.78 30.58 10.34
C UNK Q 4 45.37 31.76 11.20
N UNK Q 5 44.86 32.84 10.67
CA UNK Q 5 44.46 34.02 11.48
C UNK Q 5 43.15 33.70 12.21
N UNK Q 6 42.29 33.09 11.43
CA UNK Q 6 40.95 32.65 11.88
C UNK Q 6 41.16 31.61 13.00
N UNK Q 7 42.05 30.67 12.77
CA UNK Q 7 42.38 29.65 13.74
C UNK Q 7 42.85 30.21 15.06
N UNK Q 8 43.42 31.39 15.05
CA UNK Q 8 43.92 31.97 16.30
C UNK Q 8 42.78 32.39 17.21
N UNK Q 9 41.63 32.71 16.65
CA UNK Q 9 40.48 33.13 17.46
C UNK Q 9 39.80 31.92 18.10
N UNK Q 10 39.81 30.86 17.31
CA UNK Q 10 39.22 29.57 17.67
C UNK Q 10 39.97 28.96 18.83
N UNK Q 11 41.27 29.11 18.88
CA UNK Q 11 42.11 28.63 19.97
C UNK Q 11 41.97 29.47 21.23
N UNK Q 12 41.71 30.74 21.02
CA UNK Q 12 41.52 31.63 22.19
C UNK Q 12 40.12 31.48 22.72
N UNK Q 13 39.23 31.13 21.81
CA UNK Q 13 37.85 30.87 22.26
C UNK Q 13 37.92 29.61 23.14
N UNK Q 14 38.61 28.57 22.67
CA UNK Q 14 38.77 27.32 23.40
C UNK Q 14 39.34 27.57 24.79
N UNK Q 15 40.23 28.52 24.91
CA UNK Q 15 40.88 28.85 26.18
C UNK Q 15 40.02 29.67 27.09
N UNK Q 16 39.05 30.39 26.54
CA UNK Q 16 38.17 31.12 27.50
C UNK Q 16 37.20 30.09 28.08
N UNK Q 17 36.76 29.18 27.22
CA UNK Q 17 35.89 28.08 27.65
C UNK Q 17 36.63 27.28 28.73
N UNK Q 18 37.86 26.94 28.45
CA UNK Q 18 38.73 26.19 29.37
C UNK Q 18 38.95 26.93 30.69
N UNK Q 19 39.19 28.22 30.62
CA UNK Q 19 39.43 28.99 31.87
C UNK Q 19 38.16 28.98 32.70
N UNK Q 20 37.06 29.21 32.03
CA UNK Q 20 35.71 29.21 32.61
C UNK Q 20 35.45 27.79 33.19
N UNK Q 21 35.75 26.76 32.44
CA UNK Q 21 35.57 25.35 32.81
C UNK Q 21 36.30 25.09 34.13
N UNK Q 22 37.56 25.45 34.26
CA UNK Q 22 38.29 25.27 35.52
C UNK Q 22 37.61 26.00 36.69
N UNK Q 23 37.14 27.21 36.50
CA UNK Q 23 36.48 27.92 37.62
C UNK Q 23 35.21 27.17 38.00
N UNK Q 24 34.44 26.77 37.01
CA UNK Q 24 33.20 26.01 37.22
C UNK Q 24 33.54 24.75 38.01
N UNK Q 25 34.53 24.06 37.55
CA UNK Q 25 35.02 22.82 38.16
C UNK Q 25 35.58 23.07 39.56
N UNK Q 26 35.98 24.30 39.79
CA UNK Q 26 36.59 24.53 41.12
C UNK Q 26 35.50 24.62 42.17
N UNK Q 27 34.52 25.43 41.81
CA UNK Q 27 33.36 25.63 42.69
C UNK Q 27 32.60 24.31 42.86
N UNK Q 28 32.52 23.54 41.78
CA UNK Q 28 31.80 22.26 41.85
C UNK Q 28 32.56 21.30 42.77
N UNK Q 29 33.87 21.30 42.66
CA UNK Q 29 34.65 20.41 43.53
C UNK Q 29 34.50 20.85 44.99
N UNK Q 30 34.53 22.16 45.16
CA UNK Q 30 34.36 22.81 46.46
C UNK Q 30 33.02 22.44 47.07
N UNK R 1 39.00 16.75 0.37
CA UNK R 1 39.21 17.20 1.74
C UNK R 1 38.03 17.91 2.33
N UNK R 2 37.12 18.34 1.51
CA UNK R 2 35.98 19.08 2.05
C UNK R 2 35.06 18.14 2.79
N UNK R 3 35.11 16.86 2.48
CA UNK R 3 34.30 15.88 3.20
C UNK R 3 35.22 15.10 4.16
N UNK R 4 36.38 14.76 3.65
CA UNK R 4 37.39 14.05 4.41
C UNK R 4 37.71 14.74 5.73
N UNK R 5 38.07 16.01 5.83
CA UNK R 5 38.41 16.63 7.11
C UNK R 5 37.29 16.58 8.10
N UNK R 6 36.10 17.01 7.79
CA UNK R 6 35.04 16.91 8.81
C UNK R 6 34.74 15.45 9.10
N UNK R 7 34.68 14.54 8.14
CA UNK R 7 34.41 13.14 8.41
C UNK R 7 35.43 12.57 9.37
N UNK R 8 36.68 12.91 9.22
CA UNK R 8 37.73 12.45 10.12
C UNK R 8 37.54 13.01 11.54
N UNK R 9 37.35 14.30 11.66
CA UNK R 9 37.19 14.97 12.96
C UNK R 9 35.92 14.50 13.66
N UNK R 10 34.86 14.31 12.93
CA UNK R 10 33.60 13.89 13.53
C UNK R 10 33.71 12.44 13.97
N UNK R 11 34.38 11.64 13.18
CA UNK R 11 34.59 10.23 13.45
C UNK R 11 35.35 10.04 14.76
N UNK R 12 36.39 10.82 14.91
CA UNK R 12 37.20 10.76 16.12
C UNK R 12 36.46 11.25 17.33
N UNK R 13 35.54 12.20 17.25
CA UNK R 13 34.79 12.62 18.45
C UNK R 13 33.87 11.47 18.87
N UNK R 14 33.22 10.87 17.89
CA UNK R 14 32.32 9.74 18.09
C UNK R 14 33.07 8.59 18.75
N UNK R 15 34.26 8.28 18.31
CA UNK R 15 34.97 7.19 19.01
C UNK R 15 35.29 7.64 20.44
N UNK R 16 35.69 8.88 20.66
CA UNK R 16 36.00 9.38 22.01
C UNK R 16 34.78 9.30 22.89
N UNK R 17 33.62 9.56 22.38
CA UNK R 17 32.42 9.47 23.22
C UNK R 17 32.10 8.03 23.56
N UNK R 18 32.16 7.05 22.67
CA UNK R 18 31.95 5.62 22.90
C UNK R 18 32.89 5.16 24.04
N UNK R 19 34.17 5.38 23.88
CA UNK R 19 35.15 5.01 24.90
C UNK R 19 34.78 5.56 26.25
N UNK R 20 34.22 6.74 26.38
CA UNK R 20 33.80 7.26 27.70
C UNK R 20 32.61 6.48 28.20
N UNK R 21 31.62 6.36 27.36
CA UNK R 21 30.43 5.61 27.70
C UNK R 21 30.75 4.15 28.04
N UNK R 22 31.62 3.45 27.35
CA UNK R 22 31.91 2.07 27.70
C UNK R 22 32.54 2.00 29.08
N UNK R 23 33.54 2.81 29.36
CA UNK R 23 34.19 2.81 30.66
C UNK R 23 33.20 3.17 31.76
N UNK R 24 32.39 4.15 31.53
CA UNK R 24 31.38 4.62 32.48
C UNK R 24 30.47 3.46 32.88
N UNK R 25 30.21 2.58 31.94
CA UNK R 25 29.36 1.42 32.07
C UNK R 25 30.10 0.20 32.57
N UNK R 26 31.39 0.05 32.45
CA UNK R 26 32.01 -1.19 32.89
C UNK R 26 32.94 -0.98 34.05
N UNK S 1 57.39 15.78 1.91
CA UNK S 1 57.97 16.90 2.65
C UNK S 1 56.93 17.55 3.53
N UNK S 2 55.78 17.92 2.97
CA UNK S 2 54.76 18.56 3.79
C UNK S 2 53.98 17.55 4.60
N UNK S 3 53.82 16.33 4.14
CA UNK S 3 53.08 15.28 4.87
C UNK S 3 53.81 14.99 6.19
N UNK S 4 55.10 14.92 6.07
CA UNK S 4 55.97 14.63 7.19
C UNK S 4 56.05 15.72 8.22
N UNK S 5 55.94 16.98 7.88
CA UNK S 5 56.03 18.09 8.86
C UNK S 5 54.74 18.14 9.68
N UNK S 6 53.67 18.00 8.93
CA UNK S 6 52.28 17.99 9.46
C UNK S 6 52.18 16.78 10.42
N UNK S 7 52.66 15.64 9.98
CA UNK S 7 52.66 14.43 10.78
C UNK S 7 53.36 14.59 12.10
N UNK S 8 54.31 15.49 12.18
CA UNK S 8 55.05 15.66 13.43
C UNK S 8 54.18 16.31 14.50
N UNK S 9 53.20 17.09 14.10
CA UNK S 9 52.33 17.75 15.08
C UNK S 9 51.28 16.78 15.63
N UNK S 10 50.88 15.92 14.73
CA UNK S 10 49.90 14.87 14.98
C UNK S 10 50.42 13.86 15.98
N UNK S 11 51.71 13.54 15.90
CA UNK S 11 52.37 12.64 16.83
C UNK S 11 52.61 13.28 18.19
N UNK S 12 52.79 14.58 18.18
CA UNK S 12 53.02 15.29 19.45
C UNK S 12 51.68 15.56 20.11
N UNK S 13 50.68 15.68 19.25
CA UNK S 13 49.32 15.85 19.81
C UNK S 13 49.00 14.53 20.52
N UNK S 14 49.23 13.40 19.86
CA UNK S 14 48.98 12.08 20.42
C UNK S 14 49.67 11.89 21.76
N UNK S 15 50.84 12.46 21.89
CA UNK S 15 51.63 12.34 23.12
C UNK S 15 51.16 13.27 24.21
N UNK S 16 50.50 14.35 23.85
CA UNK S 16 49.99 15.19 24.98
C UNK S 16 48.76 14.48 25.53
N UNK S 17 47.98 13.92 24.62
CA UNK S 17 46.79 13.15 24.99
C UNK S 17 47.26 11.98 25.89
N UNK S 18 48.27 11.26 25.44
CA UNK S 18 48.86 10.14 26.17
C UNK S 18 49.39 10.57 27.53
N UNK S 19 50.08 11.69 27.60
CA UNK S 19 50.64 12.12 28.89
C UNK S 19 49.51 12.43 29.86
N UNK S 20 48.52 13.11 29.33
CA UNK S 20 47.29 13.51 30.05
C UNK S 20 46.57 12.19 30.48
N UNK S 21 46.45 11.25 29.58
CA UNK S 21 45.81 9.95 29.78
C UNK S 21 46.45 9.26 30.98
N UNK S 22 47.76 9.13 31.02
CA UNK S 22 48.46 8.53 32.17
C UNK S 22 48.14 9.26 33.47
N UNK S 23 48.13 10.58 33.49
CA UNK S 23 47.82 11.29 34.75
C UNK S 23 46.40 10.99 35.17
N UNK S 24 45.48 11.03 34.23
CA UNK S 24 44.06 10.72 34.46
C UNK S 24 43.97 9.32 35.07
N UNK S 25 44.63 8.40 34.41
CA UNK S 25 44.68 7.00 34.81
C UNK S 25 45.37 6.82 36.16
N UNK S 26 46.18 7.79 36.50
CA UNK S 26 46.89 7.58 37.78
C UNK S 26 45.98 7.90 38.94
N UNK S 27 45.33 9.04 38.78
CA UNK S 27 44.37 9.49 39.80
C UNK S 27 43.20 8.52 39.88
N UNK S 28 42.80 7.99 38.74
CA UNK S 28 41.68 7.03 38.72
C UNK S 28 42.09 5.75 39.44
N UNK S 29 43.30 5.31 39.19
CA UNK S 29 43.77 4.08 39.86
C UNK S 29 43.86 4.33 41.37
N UNK S 30 44.35 5.49 41.69
CA UNK S 30 44.51 5.95 43.07
C UNK S 30 43.16 6.00 43.77
N UNK T 1 44.23 0.86 -8.14
CA UNK T 1 44.84 1.11 -6.83
C UNK T 1 44.21 2.25 -6.09
N UNK T 2 43.49 3.10 -6.78
CA UNK T 2 42.91 4.26 -6.09
C UNK T 2 41.79 3.82 -5.18
N UNK T 3 41.21 2.68 -5.46
CA UNK T 3 40.16 2.14 -4.58
C UNK T 3 40.75 0.99 -3.75
N UNK T 4 41.53 0.17 -4.44
CA UNK T 4 42.20 -0.96 -3.82
C UNK T 4 43.00 -0.55 -2.59
N UNK T 5 43.90 0.40 -2.59
CA UNK T 5 44.68 0.73 -1.39
C UNK T 5 43.83 1.16 -0.24
N UNK T 6 42.93 2.12 -0.36
CA UNK T 6 42.11 2.46 0.81
C UNK T 6 41.22 1.30 1.19
N UNK T 7 40.62 0.56 0.27
CA UNK T 7 39.78 -0.57 0.62
C UNK T 7 40.55 -1.59 1.44
N UNK T 8 41.77 -1.86 1.07
CA UNK T 8 42.63 -2.80 1.81
C UNK T 8 42.92 -2.27 3.22
N UNK T 9 43.37 -1.04 3.33
CA UNK T 9 43.72 -0.44 4.62
C UNK T 9 42.51 -0.30 5.52
N UNK T 10 41.38 0.07 4.98
CA UNK T 10 40.17 0.25 5.78
C UNK T 10 39.68 -1.11 6.25
N UNK T 11 39.78 -2.10 5.39
CA UNK T 11 39.36 -3.46 5.67
C UNK T 11 40.14 -4.03 6.83
N UNK T 12 41.42 -3.83 6.80
CA UNK T 12 42.29 -4.32 7.88
C UNK T 12 42.04 -3.60 9.18
N UNK T 13 41.66 -2.33 9.21
CA UNK T 13 41.37 -1.66 10.50
C UNK T 13 40.12 -2.27 11.09
N UNK T 14 39.12 -2.45 10.25
CA UNK T 14 37.86 -3.06 10.61
C UNK T 14 38.07 -4.44 11.18
N UNK T 15 38.91 -5.26 10.58
CA UNK T 15 39.14 -6.58 11.18
C UNK T 15 39.85 -6.39 12.53
N UNK T 16 40.79 -5.49 12.64
CA UNK T 16 41.49 -5.25 13.92
C UNK T 16 40.52 -4.79 15.00
N UNK T 17 39.55 -4.00 14.66
CA UNK T 17 38.57 -3.56 15.68
C UNK T 17 37.69 -4.71 16.11
N UNK T 18 37.16 -5.56 15.25
CA UNK T 18 36.36 -6.74 15.54
C UNK T 18 37.15 -7.64 16.54
N UNK T 19 38.34 -8.03 16.17
CA UNK T 19 39.18 -8.86 17.04
C UNK T 19 39.32 -8.26 18.42
N UNK T 20 39.39 -6.95 18.60
CA UNK T 20 39.45 -6.35 19.95
C UNK T 20 38.12 -6.54 20.66
N UNK T 21 37.08 -6.14 19.99
CA UNK T 21 35.75 -6.26 20.53
C UNK T 21 35.41 -7.71 20.86
N UNK T 22 35.75 -8.71 20.06
CA UNK T 22 35.43 -10.10 20.41
C UNK T 22 36.16 -10.51 21.68
N UNK T 23 37.44 -10.28 21.77
CA UNK T 23 38.21 -10.63 22.96
C UNK T 23 37.66 -9.90 24.18
N UNK T 24 37.37 -8.64 24.05
CA UNK T 24 36.89 -7.86 25.18
C UNK T 24 35.58 -8.41 25.73
N UNK T 25 34.87 -9.16 24.87
CA UNK T 25 33.61 -9.75 25.30
C UNK T 25 33.80 -11.14 25.90
N UNK T 26 34.92 -11.78 25.51
CA UNK T 26 35.21 -13.11 26.03
C UNK T 26 36.10 -13.05 27.27
N UNK U 1 60.54 -4.86 -9.19
CA UNK U 1 61.61 -4.14 -8.51
C UNK U 1 61.03 -3.25 -7.43
N UNK U 2 60.05 -2.42 -7.74
CA UNK U 2 59.49 -1.56 -6.70
C UNK U 2 58.53 -2.30 -5.80
N UNK U 3 57.85 -3.32 -6.27
CA UNK U 3 56.90 -4.11 -5.47
C UNK U 3 57.65 -4.78 -4.32
N UNK U 4 58.79 -5.32 -4.71
CA UNK U 4 59.65 -6.03 -3.79
C UNK U 4 60.29 -5.16 -2.74
N UNK U 5 60.62 -3.91 -2.99
CA UNK U 5 61.27 -3.04 -1.98
C UNK U 5 60.24 -2.61 -0.94
N UNK U 6 59.09 -2.27 -1.47
CA UNK U 6 57.91 -1.83 -0.69
C UNK U 6 57.53 -3.02 0.22
N UNK U 7 57.47 -4.21 -0.37
CA UNK U 7 57.13 -5.41 0.36
C UNK U 7 58.04 -5.67 1.53
N UNK U 8 59.25 -5.19 1.47
CA UNK U 8 60.19 -5.44 2.56
C UNK U 8 59.81 -4.66 3.80
N UNK U 9 59.15 -3.54 3.65
CA UNK U 9 58.75 -2.70 4.80
C UNK U 9 57.53 -3.29 5.49
N UNK U 10 56.69 -3.85 4.65
CA UNK U 10 55.44 -4.49 5.03
C UNK U 10 55.71 -5.73 5.86
N UNK U 11 56.75 -6.48 5.53
CA UNK U 11 57.16 -7.67 6.27
C UNK U 11 57.84 -7.31 7.57
N UNK U 12 58.49 -6.18 7.59
CA UNK U 12 59.17 -5.74 8.83
C UNK U 12 58.14 -5.09 9.76
N UNK U 13 57.14 -4.51 9.10
CA UNK U 13 56.06 -3.92 9.93
C UNK U 13 55.37 -5.10 10.62
N UNK U 14 55.07 -6.16 9.88
CA UNK U 14 54.43 -7.36 10.41
C UNK U 14 55.20 -7.93 11.58
N UNK U 15 56.50 -7.86 11.52
CA UNK U 15 57.38 -8.39 12.55
C UNK U 15 57.47 -7.50 13.76
N UNK U 16 57.21 -6.20 13.59
CA UNK U 16 57.24 -5.37 14.84
C UNK U 16 55.94 -5.65 15.58
N UNK U 17 54.87 -5.77 14.80
CA UNK U 17 53.56 -6.11 15.37
C UNK U 17 53.70 -7.45 16.10
N UNK U 18 54.28 -8.43 15.43
CA UNK U 18 54.51 -9.77 15.98
C UNK U 18 55.37 -9.73 17.23
N UNK U 19 56.44 -8.96 17.22
CA UNK U 19 57.30 -8.90 18.41
C UNK U 19 56.54 -8.30 19.58
N UNK U 20 55.82 -7.25 19.28
CA UNK U 20 54.97 -6.54 20.24
C UNK U 20 53.88 -7.53 20.75
N UNK U 21 53.27 -8.26 19.84
CA UNK U 21 52.23 -9.25 20.10
C UNK U 21 52.75 -10.27 21.13
N UNK U 22 53.90 -10.87 20.90
CA UNK U 22 54.49 -11.82 21.87
C UNK U 22 54.68 -11.17 23.24
N UNK U 23 55.17 -9.95 23.31
CA UNK U 23 55.36 -9.31 24.65
C UNK U 23 54.01 -9.13 25.32
N UNK U 24 53.04 -8.64 24.57
CA UNK U 24 51.68 -8.44 25.07
C UNK U 24 51.16 -9.78 25.60
N UNK U 25 51.32 -10.80 24.80
CA UNK U 25 50.90 -12.15 25.11
C UNK U 25 51.67 -12.72 26.29
N UNK U 26 52.83 -12.16 26.51
CA UNK U 26 53.61 -12.77 27.62
C UNK U 26 53.07 -12.26 28.95
N UNK U 27 52.89 -10.97 28.99
CA UNK U 27 52.35 -10.30 30.19
C UNK U 27 50.92 -10.80 30.45
N UNK U 28 50.17 -11.00 29.37
CA UNK U 28 48.80 -11.48 29.53
C UNK U 28 48.81 -12.90 30.09
N UNK U 29 49.71 -13.72 29.59
CA UNK U 29 49.78 -15.10 30.09
C UNK U 29 50.20 -15.09 31.57
N UNK U 30 51.14 -14.22 31.85
CA UNK U 30 51.66 -14.00 33.19
C UNK U 30 50.56 -13.56 34.14
N UNK V 1 37.39 -7.38 -11.45
CA UNK V 1 38.23 -7.59 -10.27
C UNK V 1 38.10 -6.51 -9.25
N UNK V 2 37.58 -5.37 -9.61
CA UNK V 2 37.48 -4.27 -8.64
C UNK V 2 36.43 -4.58 -7.59
N UNK V 3 35.49 -5.43 -7.93
CA UNK V 3 34.48 -5.84 -6.95
C UNK V 3 34.81 -7.25 -6.46
N UNK V 4 35.20 -8.09 -7.41
CA UNK V 4 35.58 -9.47 -7.14
C UNK V 4 36.63 -9.57 -6.06
N UNK V 5 37.77 -8.92 -6.10
CA UNK V 5 38.78 -9.06 -5.07
C UNK V 5 38.29 -8.67 -3.69
N UNK V 6 37.71 -7.51 -3.47
CA UNK V 6 37.23 -7.21 -2.11
C UNK V 6 36.10 -8.14 -1.75
N UNK V 7 35.17 -8.48 -2.61
CA UNK V 7 34.08 -9.39 -2.29
C UNK V 7 34.64 -10.73 -1.83
N UNK V 8 35.65 -11.24 -2.48
CA UNK V 8 36.28 -12.52 -2.11
C UNK V 8 36.92 -12.41 -0.72
N UNK V 9 37.73 -11.39 -0.50
CA UNK V 9 38.44 -11.20 0.75
C UNK V 9 37.48 -10.92 1.91
N UNK V 10 36.44 -10.17 1.68
CA UNK V 10 35.49 -9.83 2.74
C UNK V 10 34.68 -11.07 3.08
N UNK V 11 34.35 -11.84 2.06
CA UNK V 11 33.60 -13.08 2.20
C UNK V 11 34.32 -14.08 3.07
N UNK V 12 35.58 -14.23 2.79
CA UNK V 12 36.41 -15.15 3.57
C UNK V 12 36.59 -14.67 4.99
N UNK V 13 36.62 -13.39 5.31
CA UNK V 13 36.75 -12.95 6.73
C UNK V 13 35.48 -13.32 7.46
N UNK V 14 34.36 -13.03 6.83
CA UNK V 14 33.04 -13.34 7.36
C UNK V 14 32.91 -14.83 7.63
N UNK V 15 33.37 -15.68 6.74
CA UNK V 15 33.28 -17.13 7.06
C UNK V 15 34.20 -17.42 8.24
N UNK V 16 35.37 -16.86 8.30
CA UNK V 16 36.29 -17.10 9.42
C UNK V 16 35.68 -16.63 10.73
N UNK V 17 34.95 -15.55 10.75
CA UNK V 17 34.33 -15.09 12.01
C UNK V 17 33.21 -16.02 12.42
N UNK V 18 32.33 -16.50 11.57
CA UNK V 18 31.27 -17.45 11.84
C UNK V 18 31.89 -18.72 12.49
N UNK V 19 32.84 -19.34 11.81
CA UNK V 19 33.51 -20.53 12.33
C UNK V 19 34.02 -20.29 13.73
N UNK V 20 34.51 -19.12 14.10
CA UNK V 20 34.95 -18.88 15.49
C UNK V 20 33.76 -18.82 16.43
N UNK V 21 32.80 -18.03 16.07
CA UNK V 21 31.59 -17.89 16.85
C UNK V 21 30.89 -19.24 17.00
N UNK V 22 30.78 -20.10 16.00
CA UNK V 22 30.12 -21.39 16.18
C UNK V 22 30.87 -22.24 17.18
N UNK V 23 32.16 -22.39 17.04
CA UNK V 23 32.99 -23.11 18.00
C UNK V 23 32.82 -22.55 19.41
N UNK V 24 33.03 -21.22 19.51
CA UNK V 24 32.89 -20.57 20.81
C UNK V 24 31.63 -21.03 21.53
N UNK V 25 30.60 -21.35 20.73
CA UNK V 25 29.35 -21.81 21.31
C UNK V 25 29.37 -23.31 21.58
N UNK V 26 29.51 -24.08 20.48
CA UNK V 26 29.52 -25.53 20.61
C UNK V 26 30.85 -26.13 20.11
N UNK W 1 47.99 -16.77 -18.54
CA UNK W 1 49.36 -16.45 -18.11
C UNK W 1 49.33 -15.73 -16.79
N UNK W 2 48.57 -14.65 -16.66
CA UNK W 2 48.55 -13.92 -15.39
C UNK W 2 47.68 -14.61 -14.36
N UNK W 3 46.65 -15.32 -14.75
CA UNK W 3 45.76 -16.03 -13.82
C UNK W 3 46.56 -17.09 -13.08
N UNK W 4 47.38 -17.77 -13.85
CA UNK W 4 48.21 -18.84 -13.34
C UNK W 4 49.30 -18.39 -12.43
N UNK W 5 49.88 -17.21 -12.58
CA UNK W 5 50.97 -16.74 -11.70
C UNK W 5 50.39 -16.34 -10.34
N UNK W 6 49.29 -15.64 -10.45
CA UNK W 6 48.52 -15.14 -9.29
C UNK W 6 48.06 -16.37 -8.49
N UNK W 7 47.53 -17.36 -9.20
CA UNK W 7 47.07 -18.59 -8.59
C UNK W 7 48.13 -19.30 -7.80
N UNK W 8 49.38 -19.10 -8.15
CA UNK W 8 50.45 -19.79 -7.44
C UNK W 8 50.62 -19.22 -6.04
N UNK W 9 50.27 -17.97 -5.82
CA UNK W 9 50.42 -17.35 -4.49
C UNK W 9 49.31 -17.78 -3.56
N UNK W 10 48.16 -17.93 -4.18
CA UNK W 10 46.93 -18.35 -3.54
C UNK W 10 47.05 -19.77 -3.03
N UNK W 11 47.72 -20.63 -3.75
CA UNK W 11 47.97 -22.02 -3.36
C UNK W 11 49.02 -22.12 -2.27
N UNK W 12 49.93 -21.18 -2.29
CA UNK W 12 50.98 -21.20 -1.25
C UNK W 12 50.44 -20.55 0.01
N UNK W 13 49.51 -19.64 -0.21
CA UNK W 13 48.89 -19.01 0.98
C UNK W 13 48.10 -20.12 1.66
N UNK W 14 47.35 -20.91 0.90
CA UNK W 14 46.55 -22.02 1.41
C UNK W 14 47.40 -22.98 2.20
N UNK W 15 48.62 -23.20 1.76
CA UNK W 15 49.54 -24.13 2.40
C UNK W 15 50.17 -23.55 3.65
N UNK W 16 50.24 -22.24 3.75
CA UNK W 16 50.81 -21.72 5.04
C UNK W 16 49.72 -21.84 6.10
N UNK W 17 48.49 -21.56 5.66
CA UNK W 17 47.32 -21.70 6.54
C UNK W 17 47.28 -23.17 7.00
N UNK W 18 47.37 -24.08 6.04
CA UNK W 18 47.36 -25.53 6.30
C UNK W 18 48.48 -25.96 7.23
N UNK W 19 49.68 -25.46 7.00
CA UNK W 19 50.79 -25.86 7.87
C UNK W 19 50.54 -25.38 9.29
N UNK W 20 50.09 -24.15 9.39
CA UNK W 20 49.73 -23.48 10.66
C UNK W 20 48.58 -24.30 11.31
N UNK W 21 47.59 -24.66 10.53
CA UNK W 21 46.43 -25.43 10.95
C UNK W 21 46.89 -26.74 11.61
N UNK W 22 47.73 -27.51 10.96
CA UNK W 22 48.25 -28.75 11.55
C UNK W 22 48.96 -28.47 12.88
N UNK W 23 49.76 -27.44 12.99
CA UNK W 23 50.43 -27.17 14.29
C UNK W 23 49.41 -26.84 15.35
N UNK W 24 48.45 -26.00 15.00
CA UNK W 24 47.37 -25.60 15.91
C UNK W 24 46.66 -26.88 16.39
N UNK W 25 46.32 -27.70 15.42
CA UNK W 25 45.64 -28.98 15.65
C UNK W 25 46.50 -29.94 16.44
N UNK W 26 47.79 -29.71 16.39
CA UNK W 26 48.63 -30.70 17.10
C UNK W 26 48.59 -30.39 18.60
N UNK W 27 48.78 -29.12 18.87
CA UNK W 27 48.76 -28.64 20.26
C UNK W 27 47.37 -28.84 20.86
N UNK W 28 46.36 -28.64 20.04
CA UNK W 28 45.00 -28.82 20.54
C UNK W 28 44.75 -30.29 20.85
N UNK W 29 45.24 -31.16 19.99
CA UNK W 29 45.05 -32.60 20.25
C UNK W 29 45.81 -33.00 21.52
N UNK W 30 46.99 -32.44 21.61
CA UNK W 30 47.87 -32.66 22.77
C UNK W 30 47.22 -32.19 24.06
N UNK X 1 25.25 -18.76 -18.03
CA UNK X 1 26.25 -19.33 -17.14
C UNK X 1 26.80 -18.33 -16.16
N UNK X 2 26.61 -17.06 -16.40
CA UNK X 2 27.18 -16.05 -15.48
C UNK X 2 26.43 -16.04 -14.17
N UNK X 3 25.20 -16.50 -14.18
CA UNK X 3 24.43 -16.59 -12.93
C UNK X 3 24.39 -18.06 -12.51
N UNK X 4 24.18 -18.92 -13.50
CA UNK X 4 24.12 -20.37 -13.31
C UNK X 4 25.33 -20.89 -12.57
N UNK X 5 26.56 -20.67 -12.97
CA UNK X 5 27.71 -21.23 -12.25
C UNK X 5 27.78 -20.79 -10.81
N UNK X 6 27.72 -19.50 -10.48
CA UNK X 6 27.77 -19.14 -9.06
C UNK X 6 26.55 -19.65 -8.33
N UNK X 7 25.36 -19.58 -8.89
CA UNK X 7 24.17 -20.09 -8.22
C UNK X 7 24.33 -21.56 -7.89
N UNK X 8 24.87 -22.36 -8.78
CA UNK X 8 25.11 -23.79 -8.56
C UNK X 8 26.11 -24.00 -7.43
N UNK X 9 27.24 -23.34 -7.49
CA UNK X 9 28.29 -23.47 -6.50
C UNK X 9 27.85 -22.97 -5.13
N UNK X 10 27.13 -21.88 -5.08
CA UNK X 10 26.68 -21.31 -3.80
C UNK X 10 25.64 -22.22 -3.19
N UNK X 11 24.79 -22.75 -4.04
CA UNK X 11 23.72 -23.66 -3.64
C UNK X 11 24.28 -24.91 -2.97
N UNK X 12 25.27 -25.47 -3.60
CA UNK X 12 25.92 -26.66 -3.07
C UNK X 12 26.65 -26.38 -1.77
N UNK X 13 27.20 -25.20 -1.52
CA UNK X 13 27.86 -24.93 -0.23
C UNK X 13 26.80 -24.87 0.87
N UNK X 14 25.72 -24.18 0.57
CA UNK X 14 24.59 -24.05 1.48
C UNK X 14 24.03 -25.41 1.82
N UNK X 15 23.90 -26.33 0.87
CA UNK X 15 23.42 -27.65 1.27
C UNK X 15 24.48 -28.33 2.14
N UNK X 16 25.73 -28.21 1.83
CA UNK X 16 26.78 -28.82 2.64
C UNK X 16 26.77 -28.26 4.06
N UNK X 17 26.49 -27.00 4.24
CA UNK X 17 26.45 -26.43 5.61
C UNK X 17 25.24 -26.95 6.37
N UNK X 18 24.06 -27.03 5.83
CA UNK X 18 22.85 -27.58 6.43
C UNK X 18 23.15 -29.02 6.92
N UNK X 19 23.59 -29.89 6.02
CA UNK X 19 23.94 -31.27 6.38
C UNK X 19 24.86 -31.32 7.56
N UNK X 20 25.80 -30.42 7.72
CA UNK X 20 26.68 -30.42 8.91
C UNK X 20 25.89 -30.02 10.16
N UNK X 21 25.21 -28.92 10.06
CA UNK X 21 24.39 -28.43 11.16
C UNK X 21 23.35 -29.46 11.56
N UNK X 22 22.68 -30.16 10.66
CA UNK X 22 21.69 -31.15 11.08
C UNK X 22 22.35 -32.27 11.86
N UNK X 23 23.41 -32.84 11.34
CA UNK X 23 24.11 -33.94 12.02
C UNK X 23 24.60 -33.46 13.39
N UNK X 24 25.16 -32.28 13.45
CA UNK X 24 25.69 -31.66 14.68
C UNK X 24 24.61 -31.62 15.76
N UNK X 25 23.41 -31.38 15.34
CA UNK X 25 22.24 -31.26 16.17
C UNK X 25 21.56 -32.60 16.42
N UNK X 26 21.71 -33.63 15.62
CA UNK X 26 20.96 -34.86 15.90
C UNK X 26 21.86 -36.02 16.27
N UNK Y 1 31.77 -23.73 -27.15
CA UNK Y 1 33.20 -23.98 -27.08
C UNK Y 1 33.73 -23.61 -25.71
N UNK Y 2 33.46 -22.40 -25.22
CA UNK Y 2 33.96 -22.03 -23.89
C UNK Y 2 33.14 -22.61 -22.77
N UNK Y 3 31.87 -22.85 -22.96
CA UNK Y 3 31.00 -23.44 -21.93
C UNK Y 3 31.49 -24.83 -21.60
N UNK Y 4 31.81 -25.54 -22.66
CA UNK Y 4 32.28 -26.90 -22.58
C UNK Y 4 33.63 -27.06 -21.94
N UNK Y 5 34.55 -26.13 -22.08
CA UNK Y 5 35.89 -26.26 -21.49
C UNK Y 5 35.80 -26.02 -19.97
N UNK Y 6 35.03 -24.99 -19.67
CA UNK Y 6 34.76 -24.55 -18.27
C UNK Y 6 34.06 -25.73 -17.56
N UNK Y 7 33.07 -26.29 -18.23
CA UNK Y 7 32.34 -27.42 -17.70
C UNK Y 7 33.21 -28.60 -17.35
N UNK Y 8 34.32 -28.74 -18.01
CA UNK Y 8 35.19 -29.87 -17.74
C UNK Y 8 35.84 -29.74 -16.38
N UNK Y 9 36.03 -28.53 -15.89
CA UNK Y 9 36.67 -28.31 -14.58
C UNK Y 9 35.70 -28.57 -13.44
N UNK Y 10 34.48 -28.20 -13.74
CA UNK Y 10 33.34 -28.33 -12.84
C UNK Y 10 33.04 -29.80 -12.59
N UNK Y 11 33.17 -30.64 -13.60
CA UNK Y 11 32.97 -32.08 -13.49
C UNK Y 11 34.10 -32.76 -12.77
N UNK Y 12 35.28 -32.20 -12.91
CA UNK Y 12 36.44 -32.79 -12.21
C UNK Y 12 36.45 -32.31 -10.77
N UNK Y 13 35.90 -31.12 -10.59
CA UNK Y 13 35.81 -30.61 -9.19
C UNK Y 13 34.83 -31.55 -8.48
N UNK Y 14 33.70 -31.85 -9.11
CA UNK Y 14 32.68 -32.74 -8.56
C UNK Y 14 33.26 -34.08 -8.18
N UNK Y 15 34.19 -34.57 -8.99
CA UNK Y 15 34.82 -35.86 -8.76
C UNK Y 15 35.86 -35.82 -7.68
N UNK Y 16 36.43 -34.67 -7.41
CA UNK Y 16 37.40 -34.67 -6.27
C UNK Y 16 36.57 -34.69 -4.98
N UNK Y 17 35.50 -33.93 -5.01
CA UNK Y 17 34.56 -33.89 -3.87
C UNK Y 17 34.07 -35.33 -3.64
N UNK Y 18 33.63 -35.97 -4.69
CA UNK Y 18 33.14 -37.37 -4.66
C UNK Y 18 34.20 -38.34 -4.16
N UNK Y 19 35.41 -38.20 -4.63
CA UNK Y 19 36.45 -39.13 -4.18
C UNK Y 19 36.70 -38.94 -2.69
N UNK Y 20 36.76 -37.69 -2.29
CA UNK Y 20 36.94 -37.26 -0.89
C UNK Y 20 35.74 -37.79 -0.07
N UNK Y 21 34.54 -37.63 -0.57
CA UNK Y 21 33.30 -38.04 0.04
C UNK Y 21 33.37 -39.55 0.34
N UNK Y 22 33.72 -40.38 -0.62
CA UNK Y 22 33.86 -41.82 -0.39
C UNK Y 22 34.88 -42.11 0.72
N UNK Y 23 36.00 -41.45 0.74
CA UNK Y 23 36.99 -41.71 1.82
C UNK Y 23 36.39 -41.33 3.16
N UNK Y 24 35.77 -40.17 3.23
CA UNK Y 24 35.12 -39.67 4.46
C UNK Y 24 34.11 -40.72 4.91
N UNK Y 25 33.31 -41.15 3.97
CA UNK Y 25 32.27 -42.15 4.20
C UNK Y 25 32.85 -43.50 4.57
N UNK Y 26 34.09 -43.70 4.19
CA UNK Y 26 34.63 -45.03 4.49
C UNK Y 26 35.02 -45.09 5.96
N UNK Y 27 35.72 -44.04 6.35
CA UNK Y 27 36.17 -43.92 7.75
C UNK Y 27 34.97 -43.80 8.68
N UNK Y 28 33.95 -43.09 8.23
CA UNK Y 28 32.75 -42.94 9.05
C UNK Y 28 32.06 -44.28 9.20
N UNK Y 29 32.01 -45.04 8.13
CA UNK Y 29 31.36 -46.37 8.21
C UNK Y 29 32.17 -47.27 9.15
N UNK Y 30 33.46 -47.16 8.98
CA UNK Y 30 34.42 -47.91 9.79
C UNK Y 30 34.26 -47.56 11.27
N UNK Z 1 11.35 -24.77 -24.35
CA UNK Z 1 12.16 -25.42 -23.34
C UNK Z 1 13.00 -24.47 -22.55
N UNK Z 2 13.21 -23.28 -23.05
CA UNK Z 2 14.08 -22.33 -22.33
C UNK Z 2 13.40 -21.82 -21.07
N UNK Z 3 12.10 -21.88 -21.04
CA UNK Z 3 11.36 -21.46 -19.83
C UNK Z 3 10.87 -22.75 -19.12
N UNK Z 4 10.39 -23.67 -19.92
CA UNK Z 4 9.90 -24.96 -19.45
C UNK Z 4 10.91 -25.68 -18.57
N UNK Z 5 12.13 -25.93 -18.96
CA UNK Z 5 13.06 -26.66 -18.11
C UNK Z 5 13.30 -25.97 -16.78
N UNK Z 6 13.65 -24.70 -16.72
CA UNK Z 6 13.84 -24.08 -15.39
C UNK Z 6 12.52 -24.03 -14.63
N UNK Z 7 11.40 -23.72 -15.23
CA UNK Z 7 10.13 -23.69 -14.52
C UNK Z 7 9.85 -25.05 -13.90
N UNK Z 8 10.10 -26.13 -14.59
CA UNK Z 8 9.89 -27.49 -14.07
C UNK Z 8 10.80 -27.76 -12.89
N UNK Z 9 12.07 -27.51 -13.05
CA UNK Z 9 13.05 -27.77 -12.01
C UNK Z 9 12.83 -26.88 -10.78
N UNK Z 10 12.46 -25.63 -10.97
CA UNK Z 10 12.25 -24.70 -9.85
C UNK Z 10 10.98 -25.10 -9.12
N UNK Z 11 10.00 -25.52 -9.87
CA UNK Z 11 8.72 -25.94 -9.34
C UNK Z 11 8.86 -27.14 -8.42
N UNK Z 12 9.64 -28.09 -8.87
CA UNK Z 12 9.89 -29.31 -8.10
C UNK Z 12 10.69 -28.99 -6.86
N UNK Z 13 11.59 -28.02 -6.83
CA UNK Z 13 12.32 -27.71 -5.59
C UNK Z 13 11.35 -27.11 -4.58
N UNK Z 14 10.54 -26.19 -5.03
CA UNK Z 14 9.52 -25.54 -4.23
C UNK Z 14 8.59 -26.56 -3.62
N UNK Z 15 8.16 -27.56 -4.38
CA UNK Z 15 7.30 -28.58 -3.74
C UNK Z 15 8.11 -29.36 -2.71
N UNK Z 16 9.34 -29.69 -3.00
CA UNK Z 16 10.17 -30.42 -2.04
C UNK Z 16 10.35 -29.61 -0.76
N UNK Z 17 10.49 -28.31 -0.85
CA UNK Z 17 10.65 -27.48 0.38
C UNK Z 17 9.36 -27.45 1.18
N UNK Z 18 8.19 -27.27 0.62
CA UNK Z 18 6.89 -27.28 1.27
C UNK Z 18 6.74 -28.62 2.06
N UNK Z 19 6.88 -29.74 1.36
CA UNK Z 19 6.80 -31.06 2.00
C UNK Z 19 7.69 -31.15 3.21
N UNK Z 20 8.87 -30.57 3.22
CA UNK Z 20 9.71 -30.60 4.41
C UNK Z 20 9.11 -29.73 5.53
N UNK Z 21 8.79 -28.51 5.17
CA UNK Z 21 8.19 -27.59 6.12
C UNK Z 21 6.89 -28.14 6.68
N UNK Z 22 6.02 -28.77 5.92
CA UNK Z 22 4.80 -29.31 6.50
C UNK Z 22 5.09 -30.40 7.50
N UNK Z 23 5.91 -31.36 7.16
CA UNK Z 23 6.19 -32.42 8.11
C UNK Z 23 6.83 -31.89 9.40
N UNK Z 24 7.75 -30.93 9.21
CA UNK Z 24 8.48 -30.29 10.30
C UNK Z 24 7.53 -29.66 11.31
N UNK Z 25 6.44 -29.08 10.77
CA UNK Z 25 5.45 -28.47 11.64
C UNK Z 25 4.55 -29.53 12.28
N UNK Z 26 3.83 -30.32 11.48
CA UNK Z 26 2.93 -31.30 12.07
C UNK Z 26 3.45 -32.72 11.87
N UNK AA 1 -2.79 -27.27 -28.48
CA UNK AA 1 -1.88 -28.09 -27.69
C UNK AA 1 -0.84 -27.28 -26.99
N UNK AA 2 -0.63 -26.06 -27.41
CA UNK AA 2 0.42 -25.25 -26.77
C UNK AA 2 0.02 -24.84 -25.37
N UNK AA 3 -1.26 -24.81 -25.09
CA UNK AA 3 -1.74 -24.48 -23.74
C UNK AA 3 -2.19 -25.79 -23.07
N UNK AA 4 -2.88 -26.60 -23.86
CA UNK AA 4 -3.38 -27.89 -23.43
C UNK AA 4 -2.30 -28.77 -22.83
N UNK AA 5 -1.18 -29.06 -23.46
CA UNK AA 5 -0.18 -29.93 -22.87
C UNK AA 5 0.34 -29.42 -21.55
N UNK AA 6 0.79 -28.17 -21.43
CA UNK AA 6 1.25 -27.73 -20.10
C UNK AA 6 0.11 -27.68 -19.12
N UNK AA 7 -1.07 -27.22 -19.46
CA UNK AA 7 -2.19 -27.18 -18.53
C UNK AA 7 -2.47 -28.58 -18.00
N UNK AA 8 -2.43 -29.60 -18.84
CA UNK AA 8 -2.65 -30.99 -18.42
C UNK AA 8 -1.57 -31.45 -17.45
N UNK AA 9 -0.33 -31.27 -17.82
CA UNK AA 9 0.79 -31.69 -17.00
C UNK AA 9 0.85 -30.93 -15.67
N UNK AA 10 0.56 -29.65 -15.68
CA UNK AA 10 0.61 -28.83 -14.45
C UNK AA 10 -0.53 -29.22 -13.54
N UNK AA 11 -1.66 -29.48 -14.13
CA UNK AA 11 -2.86 -29.89 -13.41
C UNK AA 11 -2.63 -31.18 -12.65
N UNK AA 12 -2.03 -32.13 -13.34
CA UNK AA 12 -1.75 -33.43 -12.73
C UNK AA 12 -0.71 -33.31 -11.65
N UNK AA 13 0.24 -32.42 -11.69
CA UNK AA 13 1.21 -32.29 -10.58
C UNK AA 13 0.48 -31.73 -9.34
N UNK AA 14 -0.33 -30.72 -9.57
CA UNK AA 14 -1.13 -30.10 -8.52
C UNK AA 14 -2.02 -31.12 -7.85
N UNK AA 15 -2.66 -31.99 -8.61
CA UNK AA 15 -3.47 -33.01 -7.93
C UNK AA 15 -2.56 -33.95 -7.14
N UNK AA 16 -1.42 -34.33 -7.68
CA UNK AA 16 -0.50 -35.21 -6.96
C UNK AA 16 -0.03 -34.56 -5.67
N UNK AA 17 0.18 -33.27 -5.65
CA UNK AA 17 0.62 -32.60 -4.41
C UNK AA 17 -0.50 -32.56 -3.39
N UNK AA 18 -1.73 -32.24 -3.70
CA UNK AA 18 -2.89 -32.25 -2.82
C UNK AA 18 -3.00 -33.64 -2.15
N UNK AA 19 -3.08 -34.69 -2.97
CA UNK AA 19 -3.16 -36.06 -2.45
C UNK AA 19 -2.08 -36.34 -1.44
N UNK AA 20 -0.87 -35.85 -1.59
CA UNK AA 20 0.16 -36.07 -0.59
C UNK AA 20 -0.16 -35.29 0.70
N UNK AA 21 -0.44 -34.02 0.53
CA UNK AA 21 -0.80 -33.16 1.67
C UNK AA 21 -2.01 -33.68 2.40
N UNK AA 22 -3.05 -34.17 1.76
CA UNK AA 22 -4.20 -34.68 2.49
C UNK AA 22 -3.81 -35.88 3.32
N UNK AA 23 -3.14 -36.86 2.74
CA UNK AA 23 -2.73 -38.06 3.46
C UNK AA 23 -1.83 -37.67 4.63
N UNK AA 24 -0.91 -36.80 4.39
CA UNK AA 24 0.04 -36.31 5.40
C UNK AA 24 -0.71 -35.75 6.63
N UNK AA 25 -1.82 -35.14 6.39
CA UNK AA 25 -2.69 -34.52 7.37
C UNK AA 25 -3.70 -35.46 7.94
N UNK AA 26 -4.07 -36.55 7.32
CA UNK AA 26 -5.12 -37.39 7.90
C UNK AA 26 -4.61 -38.75 8.30
N UNK BA 1 -1.11 -38.74 -40.39
CA UNK BA 1 0.07 -39.61 -40.41
C UNK BA 1 1.01 -39.22 -39.29
N UNK BA 2 1.38 -37.95 -39.18
CA UNK BA 2 2.30 -37.55 -38.11
C UNK BA 2 1.60 -37.41 -36.78
N UNK BA 3 0.35 -37.06 -36.74
CA UNK BA 3 -0.42 -36.92 -35.48
C UNK BA 3 -0.47 -38.27 -34.78
N UNK BA 4 -0.73 -39.28 -35.59
CA UNK BA 4 -0.85 -40.64 -35.13
C UNK BA 4 0.42 -41.25 -34.64
N UNK BA 5 1.58 -40.92 -35.17
CA UNK BA 5 2.85 -41.51 -34.72
C UNK BA 5 3.24 -40.91 -33.35
N UNK BA 6 3.05 -39.60 -33.31
CA UNK BA 6 3.32 -38.77 -32.10
C UNK BA 6 2.39 -39.28 -30.98
N UNK BA 7 1.13 -39.47 -31.32
CA UNK BA 7 0.16 -39.97 -30.38
C UNK BA 7 0.53 -41.30 -29.78
N UNK BA 8 1.30 -42.09 -30.48
CA UNK BA 8 1.67 -43.41 -29.96
C UNK BA 8 2.62 -43.27 -28.79
N UNK BA 9 3.39 -42.20 -28.74
CA UNK BA 9 4.36 -42.03 -27.65
C UNK BA 9 3.68 -41.52 -26.37
N UNK BA 10 2.68 -40.70 -26.64
CA UNK BA 10 1.83 -40.08 -25.61
C UNK BA 10 1.04 -41.13 -24.88
N UNK BA 11 0.57 -42.16 -25.58
CA UNK BA 11 -0.16 -43.27 -25.01
C UNK BA 11 0.74 -44.22 -24.23
N UNK BA 12 1.96 -44.31 -24.68
CA UNK BA 12 2.91 -45.19 -23.97
C UNK BA 12 3.46 -44.45 -22.76
N UNK BA 13 3.51 -43.13 -22.90
CA UNK BA 13 3.96 -42.33 -21.73
C UNK BA 13 2.88 -42.51 -20.66
N UNK BA 14 1.62 -42.39 -21.02
CA UNK BA 14 0.49 -42.55 -20.11
C UNK BA 14 0.55 -43.88 -19.40
N UNK BA 15 0.97 -44.91 -20.10
CA UNK BA 15 1.06 -46.26 -19.56
C UNK BA 15 2.25 -46.47 -18.67
N UNK BA 16 3.29 -45.67 -18.84
CA UNK BA 16 4.41 -45.86 -17.88
C UNK BA 16 3.99 -45.19 -16.56
N UNK BA 17 3.34 -44.04 -16.71
CA UNK BA 17 2.81 -43.31 -15.54
C UNK BA 17 1.85 -44.26 -14.80
N UNK BA 18 0.94 -44.86 -15.55
CA UNK BA 18 -0.05 -45.81 -15.02
C UNK BA 18 0.61 -47.01 -14.35
N UNK BA 19 1.62 -47.57 -14.99
CA UNK BA 19 2.27 -48.75 -14.38
C UNK BA 19 2.92 -48.35 -13.06
N UNK BA 20 3.57 -47.22 -13.10
CA UNK BA 20 4.25 -46.61 -11.93
C UNK BA 20 3.17 -46.31 -10.85
N UNK BA 21 2.07 -45.74 -11.25
CA UNK BA 21 0.94 -45.37 -10.39
C UNK BA 21 0.47 -46.62 -9.64
N UNK BA 22 0.21 -47.71 -10.31
CA UNK BA 22 -0.20 -48.97 -9.66
C UNK BA 22 0.84 -49.43 -8.64
N UNK BA 23 2.12 -49.37 -8.95
CA UNK BA 23 3.14 -49.81 -7.96
C UNK BA 23 3.09 -48.89 -6.75
N UNK BA 24 3.02 -47.59 -6.98
CA UNK BA 24 2.95 -46.58 -5.92
C UNK BA 24 1.74 -46.90 -5.03
N UNK BA 25 0.63 -47.11 -5.69
CA UNK BA 25 -0.63 -47.43 -5.05
C UNK BA 25 -0.58 -48.77 -4.33
N UNK BA 26 0.34 -49.60 -4.78
CA UNK BA 26 0.35 -50.93 -4.13
C UNK BA 26 1.02 -50.82 -2.76
N UNK BA 27 2.16 -50.16 -2.80
CA UNK BA 27 2.94 -49.94 -1.59
C UNK BA 27 2.15 -49.05 -0.60
N UNK BA 28 1.43 -48.09 -1.14
CA UNK BA 28 0.63 -47.20 -0.28
C UNK BA 28 -0.48 -48.00 0.38
N UNK BA 29 -1.10 -48.87 -0.40
CA UNK BA 29 -2.19 -49.68 0.18
C UNK BA 29 -1.61 -50.61 1.26
N UNK BA 30 -0.48 -51.15 0.92
CA UNK BA 30 0.26 -52.05 1.81
C UNK BA 30 0.61 -51.34 3.12
N UNK CA 1 -15.77 -24.54 -31.36
CA UNK CA 1 -15.05 -25.59 -30.67
C UNK CA 1 -13.88 -25.08 -29.88
N UNK CA 2 -13.43 -23.89 -30.18
CA UNK CA 2 -12.26 -23.38 -29.47
C UNK CA 2 -12.61 -23.02 -28.02
N UNK CA 3 -13.86 -22.77 -27.75
CA UNK CA 3 -14.29 -22.50 -26.37
C UNK CA 3 -15.00 -23.75 -25.84
N UNK CA 4 -15.81 -24.32 -26.70
CA UNK CA 4 -16.55 -25.54 -26.40
C UNK CA 4 -15.67 -26.65 -25.89
N UNK CA 5 -14.61 -27.09 -26.55
CA UNK CA 5 -13.81 -28.20 -26.05
C UNK CA 5 -13.21 -27.92 -24.70
N UNK CA 6 -12.54 -26.82 -24.45
CA UNK CA 6 -12.02 -26.60 -23.08
C UNK CA 6 -13.15 -26.43 -22.09
N UNK CA 7 -14.23 -25.71 -22.39
CA UNK CA 7 -15.32 -25.55 -21.46
C UNK CA 7 -15.89 -26.90 -21.07
N UNK CA 8 -16.02 -27.82 -22.00
CA UNK CA 8 -16.50 -29.18 -21.72
C UNK CA 8 -15.54 -29.94 -20.81
N UNK CA 9 -14.28 -29.96 -21.16
CA UNK CA 9 -13.28 -30.68 -20.40
C UNK CA 9 -13.10 -30.07 -18.99
N UNK CA 10 -13.14 -28.77 -18.88
CA UNK CA 10 -12.95 -28.11 -17.58
C UNK CA 10 -14.16 -28.35 -16.70
N UNK CA 11 -15.32 -28.34 -17.31
CA UNK CA 11 -16.57 -28.56 -16.63
C UNK CA 11 -16.62 -29.94 -16.02
N UNK CA 12 -16.20 -30.91 -16.79
CA UNK CA 12 -16.17 -32.30 -16.32
C UNK CA 12 -15.15 -32.49 -15.22
N UNK CA 13 -14.04 -31.79 -15.19
CA UNK CA 13 -13.09 -31.97 -14.07
C UNK CA 13 -13.71 -31.41 -12.78
N UNK CA 14 -14.32 -30.24 -12.90
CA UNK CA 14 -15.00 -29.57 -11.80
C UNK CA 14 -16.09 -30.45 -11.22
N UNK CA 15 -16.86 -31.12 -12.06
CA UNK CA 15 -17.86 -32.02 -11.48
C UNK CA 15 -17.16 -33.18 -10.80
N UNK CA 16 -16.10 -33.74 -11.38
CA UNK CA 16 -15.38 -34.85 -10.76
C UNK CA 16 -14.82 -34.42 -9.42
N UNK CA 17 -14.37 -33.21 -9.27
CA UNK CA 17 -13.82 -32.76 -7.96
C UNK CA 17 -14.93 -32.60 -6.94
N UNK CA 18 -16.08 -32.02 -7.21
CA UNK CA 18 -17.23 -31.88 -6.33
C UNK CA 18 -17.62 -33.29 -5.81
N UNK CA 19 -17.88 -34.22 -6.73
CA UNK CA 19 -18.22 -35.59 -6.35
C UNK CA 19 -17.23 -36.18 -5.38
N UNK CA 20 -15.96 -35.91 -5.48
CA UNK CA 20 -14.99 -36.42 -4.50
C UNK CA 20 -15.19 -35.73 -3.15
N UNK CA 21 -15.21 -34.42 -3.19
CA UNK CA 21 -15.42 -33.63 -1.97
C UNK CA 21 -16.73 -33.97 -1.29
N UNK CA 22 -17.82 -34.18 -1.98
CA UNK CA 22 -19.07 -34.52 -1.30
C UNK CA 22 -18.93 -35.86 -0.60
N UNK CA 23 -18.45 -36.88 -1.27
CA UNK CA 23 -18.28 -38.20 -0.67
C UNK CA 23 -17.34 -38.12 0.52
N UNK CA 24 -16.27 -37.42 0.38
CA UNK CA 24 -15.26 -37.23 1.43
C UNK CA 24 -15.91 -36.67 2.71
N UNK CA 25 -16.88 -35.82 2.53
CA UNK CA 25 -17.62 -35.12 3.57
C UNK CA 25 -18.81 -35.92 4.04
N UNK CA 26 -19.38 -36.85 3.32
CA UNK CA 26 -20.57 -37.51 3.82
C UNK CA 26 -20.34 -38.98 4.09
N UNK DA 1 -19.79 -32.11 -43.31
CA UNK DA 1 -19.35 -33.46 -43.70
C UNK DA 1 -18.25 -33.91 -42.77
N UNK DA 2 -17.20 -33.12 -42.59
CA UNK DA 2 -16.13 -33.55 -41.70
C UNK DA 2 -16.46 -33.36 -40.23
N UNK DA 3 -17.27 -32.40 -39.88
CA UNK DA 3 -17.67 -32.14 -38.48
C UNK DA 3 -18.42 -33.35 -37.96
N UNK DA 4 -19.30 -33.83 -38.82
CA UNK DA 4 -20.15 -34.96 -38.52
C UNK DA 4 -19.42 -36.27 -38.40
N UNK DA 5 -18.35 -36.52 -39.11
CA UNK DA 5 -17.62 -37.81 -39.03
C UNK DA 5 -16.84 -37.85 -37.72
N UNK DA 6 -16.22 -36.71 -37.47
CA UNK DA 6 -15.39 -36.47 -36.26
C UNK DA 6 -16.31 -36.61 -35.04
N UNK DA 7 -17.48 -35.99 -35.11
CA UNK DA 7 -18.45 -36.06 -34.05
C UNK DA 7 -18.87 -37.47 -33.71
N UNK DA 8 -18.77 -38.37 -34.66
CA UNK DA 8 -19.19 -39.75 -34.40
C UNK DA 8 -18.23 -40.44 -33.46
N UNK DA 9 -16.98 -40.02 -33.45
CA UNK DA 9 -15.99 -40.65 -32.58
C UNK DA 9 -16.11 -40.15 -31.14
N UNK DA 10 -16.47 -38.89 -31.06
CA UNK DA 10 -16.67 -38.15 -29.82
C UNK DA 10 -17.84 -38.72 -29.06
N UNK DA 11 -18.90 -39.12 -29.76
CA UNK DA 11 -20.08 -39.74 -29.18
C UNK DA 11 -19.82 -41.17 -28.76
N UNK DA 12 -18.94 -41.82 -29.46
CA UNK DA 12 -18.61 -43.21 -29.10
C UNK DA 12 -17.62 -43.21 -27.95
N UNK DA 13 -16.83 -42.14 -27.93
CA UNK DA 13 -15.88 -42.01 -26.81
C UNK DA 13 -16.74 -41.80 -25.55
N UNK DA 14 -17.72 -40.92 -25.61
CA UNK DA 14 -18.62 -40.63 -24.50
C UNK DA 14 -19.28 -41.89 -23.99
N UNK DA 15 -19.60 -42.79 -24.89
CA UNK DA 15 -20.26 -44.04 -24.56
C UNK DA 15 -19.34 -45.07 -23.98
N UNK DA 16 -18.06 -44.97 -24.27
CA UNK DA 16 -17.17 -45.96 -23.61
C UNK DA 16 -16.98 -45.49 -22.16
N UNK DA 17 -16.86 -44.18 -22.02
CA UNK DA 17 -16.73 -43.56 -20.68
C UNK DA 17 -17.98 -43.95 -19.87
N UNK DA 18 -19.13 -43.76 -20.47
CA UNK DA 18 -20.43 -44.10 -19.87
C UNK DA 18 -20.53 -45.57 -19.51
N UNK DA 19 -20.11 -46.44 -20.42
CA UNK DA 19 -20.21 -47.88 -20.12
C UNK DA 19 -19.32 -48.22 -18.94
N UNK DA 20 -18.14 -47.67 -18.97
CA UNK DA 20 -17.12 -47.82 -17.91
C UNK DA 20 -17.71 -47.22 -16.59
N UNK DA 21 -18.30 -46.05 -16.67
CA UNK DA 21 -18.90 -45.34 -15.55
C UNK DA 21 -19.92 -46.24 -14.87
N UNK DA 22 -20.85 -46.82 -15.61
CA UNK DA 22 -21.83 -47.76 -15.04
C UNK DA 22 -21.15 -48.93 -14.33
N UNK DA 23 -20.14 -49.52 -14.91
CA UNK DA 23 -19.47 -50.67 -14.22
C UNK DA 23 -18.85 -50.17 -12.92
N UNK DA 24 -18.17 -49.05 -12.98
CA UNK DA 24 -17.53 -48.43 -11.80
C UNK DA 24 -18.59 -48.22 -10.72
N UNK DA 25 -19.68 -47.62 -11.15
CA UNK DA 25 -20.82 -47.32 -10.29
C UNK DA 25 -21.47 -48.59 -9.77
N UNK DA 26 -21.26 -49.67 -10.50
CA UNK DA 26 -21.96 -50.88 -10.04
C UNK DA 26 -21.21 -51.47 -8.86
N UNK DA 27 -19.92 -51.57 -9.06
CA UNK DA 27 -19.04 -52.09 -8.02
C UNK DA 27 -19.06 -51.17 -6.79
N UNK DA 28 -19.13 -49.88 -7.04
CA UNK DA 28 -19.17 -48.92 -5.92
C UNK DA 28 -20.46 -49.08 -5.14
N UNK DA 29 -21.54 -49.26 -5.86
CA UNK DA 29 -22.83 -49.43 -5.17
C UNK DA 29 -22.80 -50.75 -4.37
N UNK DA 30 -22.24 -51.75 -5.00
CA UNK DA 30 -22.07 -53.07 -4.42
C UNK DA 30 -21.24 -52.99 -3.14
N UNK EA 1 -27.51 -18.78 -32.81
CA UNK EA 1 -27.35 -20.06 -32.14
C UNK EA 1 -26.00 -20.26 -31.55
N UNK EA 2 -25.04 -19.49 -31.97
CA UNK EA 2 -23.70 -19.68 -31.44
C UNK EA 2 -23.60 -19.22 -29.99
N UNK EA 3 -24.50 -18.35 -29.58
CA UNK EA 3 -24.53 -17.92 -28.17
C UNK EA 3 -25.71 -18.60 -27.49
N UNK EA 4 -26.81 -18.63 -28.20
CA UNK EA 4 -28.02 -19.27 -27.73
C UNK EA 4 -27.79 -20.70 -27.27
N UNK EA 5 -27.21 -21.63 -28.03
CA UNK EA 5 -27.05 -23.00 -27.58
C UNK EA 5 -26.22 -23.10 -26.33
N UNK EA 6 -25.06 -22.53 -26.23
CA UNK EA 6 -24.32 -22.64 -24.96
C UNK EA 6 -25.05 -21.90 -23.85
N UNK EA 7 -25.61 -20.72 -24.04
CA UNK EA 7 -26.35 -20.02 -22.99
C UNK EA 7 -27.46 -20.87 -22.45
N UNK EA 8 -28.17 -21.56 -23.30
CA UNK EA 8 -29.26 -22.46 -22.89
C UNK EA 8 -28.72 -23.62 -22.06
N UNK EA 9 -27.72 -24.30 -22.56
CA UNK EA 9 -27.14 -25.46 -21.89
C UNK EA 9 -26.49 -25.07 -20.56
N UNK EA 10 -25.83 -23.95 -20.52
CA UNK EA 10 -25.15 -23.50 -19.29
C UNK EA 10 -26.18 -23.08 -18.25
N UNK EA 11 -27.22 -22.44 -18.72
CA UNK EA 11 -28.32 -21.97 -17.88
C UNK EA 11 -28.99 -23.12 -17.17
N UNK EA 12 -29.24 -24.16 -17.94
CA UNK EA 12 -29.88 -25.36 -17.39
C UNK EA 12 -28.98 -26.07 -16.42
N UNK EA 13 -27.68 -26.08 -16.56
CA UNK EA 13 -26.81 -26.75 -15.56
C UNK EA 13 -26.88 -25.96 -14.25
N UNK EA 14 -26.79 -24.65 -14.36
CA UNK EA 14 -26.87 -23.73 -13.21
C UNK EA 14 -28.17 -23.92 -12.47
N UNK EA 15 -29.28 -24.04 -13.17
CA UNK EA 15 -30.51 -24.29 -12.41
C UNK EA 15 -30.44 -25.67 -11.75
N UNK EA 16 -29.92 -26.68 -12.43
CA UNK EA 16 -29.80 -28.02 -11.83
C UNK EA 16 -28.92 -27.98 -10.60
N UNK EA 17 -27.89 -27.20 -10.58
CA UNK EA 17 -27.03 -27.12 -9.38
C UNK EA 17 -27.74 -26.42 -8.23
N UNK EA 18 -28.45 -25.31 -8.40
CA UNK EA 18 -29.23 -24.60 -7.39
C UNK EA 18 -30.22 -25.58 -6.74
N UNK EA 19 -31.04 -26.22 -7.55
CA UNK EA 19 -32.00 -27.20 -7.06
C UNK EA 19 -31.33 -28.24 -6.19
N UNK EA 20 -30.13 -28.69 -6.47
CA UNK EA 20 -29.46 -29.65 -5.59
C UNK EA 20 -29.08 -28.98 -4.26
N UNK EA 21 -28.43 -27.86 -4.37
CA UNK EA 21 -28.02 -27.10 -3.20
C UNK EA 21 -29.21 -26.70 -2.34
N UNK EA 22 -30.34 -26.28 -2.86
CA UNK EA 22 -31.46 -25.92 -2.01
C UNK EA 22 -31.97 -27.13 -1.25
N UNK EA 23 -32.18 -28.25 -1.92
CA UNK EA 23 -32.65 -29.47 -1.28
C UNK EA 23 -31.65 -29.91 -0.22
N UNK EA 24 -30.40 -29.88 -0.54
CA UNK EA 24 -29.31 -30.27 0.37
C UNK EA 24 -29.39 -29.47 1.68
N UNK EA 25 -29.78 -28.24 1.58
CA UNK EA 25 -29.92 -27.27 2.66
C UNK EA 25 -31.27 -27.31 3.33
N UNK EA 26 -32.33 -28.00 2.68
CA UNK EA 26 -33.61 -27.94 3.36
C UNK EA 26 -34.14 -29.31 3.68
N UNK FA 1 -37.43 -19.09 -42.23
CA UNK FA 1 -37.23 -20.45 -42.77
C UNK FA 1 -36.19 -21.17 -41.96
N UNK FA 2 -35.02 -20.59 -41.76
CA UNK FA 2 -33.98 -21.27 -41.00
C UNK FA 2 -34.22 -21.18 -39.50
N UNK FA 3 -34.84 -20.13 -39.00
CA UNK FA 3 -35.14 -19.97 -37.57
C UNK FA 3 -36.06 -21.09 -37.12
N UNK FA 4 -37.04 -21.33 -37.96
CA UNK FA 4 -38.04 -22.33 -37.72
C UNK FA 4 -37.54 -23.75 -37.77
N UNK FA 5 -36.56 -24.10 -38.58
CA UNK FA 5 -36.05 -25.49 -38.66
C UNK FA 5 -35.22 -25.79 -37.41
N UNK FA 6 -34.41 -24.79 -37.09
CA UNK FA 6 -33.51 -24.82 -35.91
C UNK FA 6 -34.39 -24.94 -34.66
N UNK FA 7 -35.43 -24.13 -34.60
CA UNK FA 7 -36.36 -24.15 -33.49
C UNK FA 7 -37.00 -25.49 -33.26
N UNK FA 8 -37.09 -26.31 -34.29
CA UNK FA 8 -37.71 -27.62 -34.14
C UNK FA 8 -36.84 -28.55 -33.34
N UNK FA 9 -35.54 -28.35 -33.36
CA UNK FA 9 -34.62 -29.22 -32.62
C UNK FA 9 -34.61 -28.86 -31.13
N UNK FA 10 -34.74 -27.56 -30.91
CA UNK FA 10 -34.77 -26.94 -29.60
C UNK FA 10 -35.99 -27.37 -28.83
N UNK FA 11 -37.12 -27.53 -29.50
CA UNK FA 11 -38.35 -28.00 -28.91
C UNK FA 11 -38.32 -29.50 -28.63
N UNK FA 12 -37.59 -30.21 -29.46
CA UNK FA 12 -37.48 -31.67 -29.25
C UNK FA 12 -36.45 -31.94 -28.17
N UNK FA 13 -35.50 -31.02 -28.10
CA UNK FA 13 -34.49 -31.17 -27.03
C UNK FA 13 -35.25 -30.96 -25.71
N UNK FA 14 -36.07 -29.92 -25.63
CA UNK FA 14 -36.86 -29.60 -24.43
C UNK FA 14 -37.69 -30.79 -24.01
N UNK FA 15 -38.20 -31.53 -24.97
CA UNK FA 15 -39.06 -32.68 -24.72
C UNK FA 15 -38.28 -33.91 -24.30
N UNK FA 16 -37.02 -33.99 -24.66
CA UNK FA 16 -36.28 -35.18 -24.15
C UNK FA 16 -35.94 -34.89 -22.68
N UNK FA 17 -35.60 -33.64 -22.41
CA UNK FA 17 -35.32 -33.19 -21.04
C UNK FA 17 -36.58 -33.46 -20.19
N UNK FA 18 -37.71 -33.02 -20.69
CA UNK FA 18 -39.01 -33.20 -20.05
C UNK FA 18 -39.35 -34.67 -19.84
N UNK FA 19 -39.11 -35.50 -20.84
CA UNK FA 19 -39.44 -36.93 -20.68
C UNK FA 19 -38.56 -37.53 -19.58
N UNK FA 20 -37.31 -37.17 -19.64
CA UNK FA 20 -36.29 -37.60 -18.67
C UNK FA 20 -36.71 -37.05 -17.26
N UNK FA 21 -37.09 -35.81 -17.19
CA UNK FA 21 -37.53 -35.12 -15.97
C UNK FA 21 -38.66 -35.91 -15.33
N UNK FA 22 -39.69 -36.26 -16.06
CA UNK FA 22 -40.79 -37.06 -15.52
C UNK FA 22 -40.28 -38.40 -14.98
N UNK FA 23 -39.41 -39.09 -15.66
CA UNK FA 23 -38.91 -40.39 -15.13
C UNK FA 23 -38.16 -40.14 -13.84
N UNK FA 24 -37.31 -39.14 -13.82
CA UNK FA 24 -36.52 -38.77 -12.63
C UNK FA 24 -37.49 -38.50 -11.48
N UNK FA 25 -38.48 -37.69 -11.77
CA UNK FA 25 -39.51 -37.31 -10.82
C UNK FA 25 -40.35 -38.49 -10.39
N UNK FA 26 -40.35 -39.51 -11.22
CA UNK FA 26 -41.22 -40.64 -10.85
C UNK FA 26 -40.52 -41.46 -9.77
N UNK FA 27 -39.28 -41.74 -10.07
CA UNK FA 27 -38.45 -42.51 -9.13
C UNK FA 27 -38.27 -41.73 -7.83
N UNK FA 28 -38.13 -40.42 -7.94
CA UNK FA 28 -37.96 -39.59 -6.73
C UNK FA 28 -39.22 -39.61 -5.89
N UNK FA 29 -40.36 -39.55 -6.56
CA UNK FA 29 -41.62 -39.58 -5.82
C UNK FA 29 -41.77 -40.96 -5.14
N UNK FA 30 -41.41 -41.96 -5.91
CA UNK FA 30 -41.43 -43.35 -5.47
C UNK FA 30 -40.56 -43.54 -4.23
N UNK GA 1 -34.68 -3.61 -25.73
CA UNK GA 1 -35.22 -4.89 -25.30
C UNK GA 1 -34.21 -5.98 -25.19
N UNK GA 2 -33.07 -5.80 -25.81
CA UNK GA 2 -32.07 -6.88 -25.75
C UNK GA 2 -31.46 -6.97 -24.37
N UNK GA 3 -31.52 -5.90 -23.60
CA UNK GA 3 -31.03 -5.94 -22.21
C UNK GA 3 -32.23 -5.99 -21.27
N UNK GA 4 -33.23 -5.20 -21.60
CA UNK GA 4 -34.46 -5.12 -20.83
C UNK GA 4 -35.09 -6.50 -20.64
N UNK GA 5 -35.35 -7.32 -21.64
CA UNK GA 5 -35.98 -8.61 -21.42
C UNK GA 5 -35.20 -9.51 -20.50
N UNK GA 6 -33.93 -9.76 -20.73
CA UNK GA 6 -33.22 -10.61 -19.77
C UNK GA 6 -33.12 -9.95 -18.41
N UNK GA 7 -32.87 -8.65 -18.29
CA UNK GA 7 -32.80 -7.97 -16.99
C UNK GA 7 -34.08 -8.15 -16.22
N UNK GA 8 -35.21 -8.05 -16.88
CA UNK GA 8 -36.51 -8.23 -16.23
C UNK GA 8 -36.66 -9.67 -15.75
N UNK GA 9 -36.42 -10.64 -16.62
CA UNK GA 9 -36.57 -12.05 -16.30
C UNK GA 9 -35.59 -12.49 -15.21
N UNK GA 10 -34.38 -12.00 -15.25
CA UNK GA 10 -33.37 -12.38 -14.26
C UNK GA 10 -33.72 -11.76 -12.91
N UNK GA 11 -34.20 -10.54 -12.95
CA UNK GA 11 -34.59 -9.79 -11.76
C UNK GA 11 -35.70 -10.50 -11.01
N UNK GA 12 -36.66 -10.94 -11.76
CA UNK GA 12 -37.79 -11.66 -11.17
C UNK GA 12 -37.37 -13.00 -10.63
N UNK GA 13 -36.41 -13.71 -11.17
CA UNK GA 13 -35.98 -15.00 -10.58
C UNK GA 13 -35.31 -14.72 -9.24
N UNK GA 14 -34.46 -13.71 -9.22
CA UNK GA 14 -33.75 -13.27 -8.02
C UNK GA 14 -34.73 -12.89 -6.92
N UNK GA 15 -35.77 -12.17 -7.24
CA UNK GA 15 -36.73 -11.87 -6.15
C UNK GA 15 -37.41 -13.15 -5.72
N UNK GA 16 -37.75 -14.05 -6.63
CA UNK GA 16 -38.37 -15.31 -6.25
C UNK GA 16 -37.46 -16.13 -5.36
N UNK GA 17 -36.19 -16.11 -5.59
CA UNK GA 17 -35.28 -16.88 -4.72
C UNK GA 17 -35.18 -16.25 -3.33
N UNK GA 18 -35.06 -14.95 -3.15
CA UNK GA 18 -35.04 -14.23 -1.87
C UNK GA 18 -36.29 -14.61 -1.05
N UNK GA 19 -37.46 -14.40 -1.64
CA UNK GA 19 -38.71 -14.76 -0.97
C UNK GA 19 -38.69 -16.19 -0.47
N UNK GA 20 -38.10 -17.14 -1.16
CA UNK GA 20 -38.01 -18.53 -0.65
C UNK GA 20 -37.07 -18.59 0.55
N UNK GA 21 -35.90 -18.06 0.35
CA UNK GA 21 -34.91 -18.01 1.42
C UNK GA 21 -35.42 -17.27 2.66
N UNK GA 22 -36.12 -16.16 2.57
CA UNK GA 22 -36.61 -15.48 3.77
C UNK GA 22 -37.61 -16.35 4.50
N UNK GA 23 -38.58 -16.89 3.81
CA UNK GA 23 -39.57 -17.76 4.44
C UNK GA 23 -38.89 -18.96 5.08
N UNK GA 24 -37.98 -19.57 4.38
CA UNK GA 24 -37.22 -20.75 4.85
C UNK GA 24 -36.57 -20.44 6.20
N UNK GA 25 -36.13 -19.23 6.36
CA UNK GA 25 -35.43 -18.71 7.53
C UNK GA 25 -36.37 -18.15 8.59
N UNK GA 26 -37.58 -17.75 8.31
CA UNK GA 26 -38.40 -17.17 9.38
C UNK GA 26 -39.60 -18.02 9.69
N UNK HA 1 -47.49 1.85 -32.45
CA UNK HA 1 -47.97 0.66 -33.15
C UNK HA 1 -47.19 -0.55 -32.73
N UNK HA 2 -45.87 -0.51 -32.80
CA UNK HA 2 -45.08 -1.66 -32.40
C UNK HA 2 -44.95 -1.78 -30.90
N UNK HA 3 -44.97 -0.70 -30.15
CA UNK HA 3 -44.86 -0.71 -28.67
C UNK HA 3 -46.05 -1.47 -28.10
N UNK HA 4 -47.19 -1.15 -28.69
CA UNK HA 4 -48.44 -1.74 -28.27
C UNK HA 4 -48.58 -3.20 -28.60
N UNK HA 5 -48.02 -3.73 -29.66
CA UNK HA 5 -48.16 -5.16 -30.02
C UNK HA 5 -47.29 -5.99 -29.07
N UNK HA 6 -46.11 -5.46 -28.88
CA UNK HA 6 -45.08 -6.05 -28.00
C UNK HA 6 -45.65 -6.07 -26.57
N UNK HA 7 -46.24 -4.95 -26.16
CA UNK HA 7 -46.84 -4.84 -24.85
C UNK HA 7 -47.90 -5.86 -24.60
N UNK HA 8 -48.53 -6.35 -25.65
CA UNK HA 8 -49.59 -7.34 -25.46
C UNK HA 8 -49.03 -8.68 -25.02
N UNK HA 9 -47.80 -8.98 -25.36
CA UNK HA 9 -47.20 -10.25 -24.98
C UNK HA 9 -46.74 -10.22 -23.52
N UNK HA 10 -46.28 -9.05 -23.15
CA UNK HA 10 -45.79 -8.73 -21.82
C UNK HA 10 -46.89 -8.82 -20.80
N UNK HA 11 -48.08 -8.40 -21.16
CA UNK HA 11 -49.25 -8.47 -20.31
C UNK HA 11 -49.78 -9.89 -20.19
N UNK HA 12 -49.59 -10.65 -21.25
CA UNK HA 12 -50.06 -12.05 -21.23
C UNK HA 12 -49.04 -12.90 -20.50
N UNK HA 13 -47.81 -12.44 -20.59
CA UNK HA 13 -46.76 -13.16 -19.84
C UNK HA 13 -47.07 -12.94 -18.35
N UNK HA 14 -47.35 -11.71 -17.95
CA UNK HA 14 -47.69 -11.36 -16.57
C UNK HA 14 -48.82 -12.20 -16.05
N UNK HA 15 -49.77 -12.49 -16.91
CA UNK HA 15 -50.94 -13.28 -16.56
C UNK HA 15 -50.67 -14.75 -16.48
N UNK HA 16 -49.67 -15.23 -17.17
CA UNK HA 16 -49.39 -16.69 -17.00
C UNK HA 16 -48.69 -16.84 -15.64
N UNK HA 17 -47.81 -15.89 -15.36
CA UNK HA 17 -47.10 -15.84 -14.06
C UNK HA 17 -48.16 -15.78 -12.95
N UNK HA 18 -49.08 -14.86 -13.09
CA UNK HA 18 -50.18 -14.66 -12.14
C UNK HA 18 -51.03 -15.90 -11.99
N UNK HA 19 -51.37 -16.55 -13.10
CA UNK HA 19 -52.20 -17.76 -13.00
C UNK HA 19 -51.46 -18.85 -12.24
N UNK HA 20 -50.21 -18.98 -12.60
CA UNK HA 20 -49.28 -19.94 -11.98
C UNK HA 20 -49.15 -19.57 -10.46
N UNK HA 21 -48.97 -18.31 -10.16
CA UNK HA 21 -48.82 -17.74 -8.81
C UNK HA 21 -50.01 -18.17 -7.97
N UNK HA 22 -51.22 -17.95 -8.43
CA UNK HA 22 -52.41 -18.38 -7.70
C UNK HA 22 -52.41 -19.89 -7.45
N UNK HA 23 -52.04 -20.71 -8.41
CA UNK HA 23 -52.04 -22.17 -8.16
C UNK HA 23 -51.01 -22.49 -7.10
N UNK HA 24 -49.84 -21.90 -7.21
CA UNK HA 24 -48.75 -22.09 -6.24
C UNK HA 24 -49.26 -21.70 -4.85
N UNK HA 25 -49.87 -20.55 -4.78
CA UNK HA 25 -50.43 -19.99 -3.56
C UNK HA 25 -51.57 -20.84 -3.04
N UNK HA 26 -52.16 -21.59 -3.95
CA UNK HA 26 -53.31 -22.36 -3.46
C UNK HA 26 -52.82 -23.58 -2.69
N UNK HA 27 -51.89 -24.25 -3.33
CA UNK HA 27 -51.28 -25.44 -2.74
C UNK HA 27 -50.53 -25.06 -1.45
N UNK HA 28 -49.90 -23.90 -1.47
CA UNK HA 28 -49.16 -23.44 -0.27
C UNK HA 28 -50.13 -23.15 0.86
N UNK HA 29 -51.24 -22.54 0.53
CA UNK HA 29 -52.22 -22.24 1.58
C UNK HA 29 -52.78 -23.55 2.12
N UNK HA 30 -53.02 -24.46 1.20
CA UNK HA 30 -53.53 -25.79 1.50
C UNK HA 30 -52.58 -26.53 2.42
#